data_2KOP
#
_entry.id   2KOP
#
loop_
_entity.id
_entity.type
_entity.pdbx_description
1 polymer 'Acyl carrier protein'
2 non-polymer '[(3S)-3-hydroxy-2,2-dimethyl-4-oxo-4-[[3-oxo-3-[2-(3-oxooctylsulfanyl)ethylamino]propyl]amino]butyl] dihydrogen phosphate'
#
_entity_poly.entity_id   1
_entity_poly.type   'polypeptide(L)'
_entity_poly.pdbx_seq_one_letter_code
;AATQEEIVAGLAEIVNEIAGIPVEDVKLDKSFTDDLDVDSLSMVEVVVAAEERFDVKIPDDDVKNLKTVGDATKYILDHQ
A
;
_entity_poly.pdbx_strand_id   A
#
loop_
_chem_comp.id
_chem_comp.type
_chem_comp.name
_chem_comp.formula
SYO non-polymer '[(3S)-3-hydroxy-2,2-dimethyl-4-oxo-4-[[3-oxo-3-[2-(3-oxooctylsulfanyl)ethylamino]propyl]amino]butyl] dihydrogen phosphate' 'C19 H37 N2 O8 P S'
#
# COMPACT_ATOMS: atom_id res chain seq x y z
N ALA A 1 -2.57 -13.39 1.41
CA ALA A 1 -1.19 -13.71 1.74
C ALA A 1 -0.57 -14.47 0.61
N ALA A 2 -0.11 -13.76 -0.37
CA ALA A 2 0.52 -14.38 -1.50
C ALA A 2 1.90 -13.81 -1.71
N THR A 3 1.94 -12.61 -2.24
CA THR A 3 3.16 -11.97 -2.60
C THR A 3 2.83 -10.61 -3.17
N GLN A 4 3.82 -9.98 -3.76
CA GLN A 4 3.68 -8.68 -4.39
C GLN A 4 2.51 -8.59 -5.38
N GLU A 5 2.31 -9.63 -6.20
CA GLU A 5 1.21 -9.67 -7.18
C GLU A 5 -0.17 -9.52 -6.52
N GLU A 6 -0.24 -9.88 -5.27
CA GLU A 6 -1.43 -9.72 -4.48
C GLU A 6 -1.48 -8.31 -3.94
N ILE A 7 -0.35 -7.86 -3.42
CA ILE A 7 -0.26 -6.64 -2.69
C ILE A 7 -0.41 -5.46 -3.59
N VAL A 8 0.52 -5.29 -4.46
CA VAL A 8 0.54 -4.19 -5.42
C VAL A 8 -0.76 -4.06 -6.20
N ALA A 9 -1.25 -5.16 -6.73
CA ALA A 9 -2.51 -5.15 -7.45
C ALA A 9 -3.65 -4.64 -6.55
N GLY A 10 -3.64 -5.03 -5.29
CA GLY A 10 -4.67 -4.67 -4.42
C GLY A 10 -4.53 -3.30 -3.86
N LEU A 11 -3.30 -2.96 -3.52
CA LEU A 11 -2.95 -1.72 -2.91
C LEU A 11 -3.22 -0.60 -3.88
N ALA A 12 -2.95 -0.87 -5.15
CA ALA A 12 -3.22 0.08 -6.21
C ALA A 12 -4.71 0.33 -6.28
N GLU A 13 -5.49 -0.74 -6.17
CA GLU A 13 -6.95 -0.63 -6.23
C GLU A 13 -7.50 0.16 -5.08
N ILE A 14 -6.90 0.02 -3.94
CA ILE A 14 -7.27 0.82 -2.78
C ILE A 14 -7.01 2.30 -3.11
N VAL A 15 -5.85 2.57 -3.68
CA VAL A 15 -5.42 3.92 -4.02
C VAL A 15 -6.29 4.51 -5.15
N ASN A 16 -6.87 3.61 -5.92
CA ASN A 16 -7.77 3.98 -7.01
C ASN A 16 -9.02 4.60 -6.42
N GLU A 17 -9.55 3.95 -5.40
CA GLU A 17 -10.79 4.35 -4.79
C GLU A 17 -10.58 5.47 -3.76
N ILE A 18 -9.56 5.33 -2.93
CA ILE A 18 -9.22 6.32 -1.91
C ILE A 18 -8.92 7.69 -2.55
N ALA A 19 -8.04 7.70 -3.52
CA ALA A 19 -7.67 8.94 -4.18
C ALA A 19 -8.25 8.99 -5.58
N GLY A 20 -7.57 8.34 -6.47
CA GLY A 20 -7.96 8.32 -7.86
C GLY A 20 -6.78 8.11 -8.73
N ILE A 21 -6.11 7.06 -8.46
CA ILE A 21 -4.96 6.64 -9.19
C ILE A 21 -5.40 5.59 -10.19
N PRO A 22 -4.63 5.31 -11.23
CA PRO A 22 -4.90 4.22 -12.12
C PRO A 22 -4.11 2.99 -11.65
N VAL A 23 -4.67 1.81 -11.79
CA VAL A 23 -4.04 0.58 -11.29
C VAL A 23 -2.84 0.12 -12.18
N GLU A 24 -1.91 1.02 -12.33
CA GLU A 24 -0.67 0.77 -13.05
C GLU A 24 0.44 1.65 -12.49
N ASP A 25 0.07 2.64 -11.71
CA ASP A 25 1.05 3.61 -11.25
C ASP A 25 1.67 3.10 -9.97
N VAL A 26 0.84 2.48 -9.18
CA VAL A 26 1.26 1.93 -7.91
C VAL A 26 2.00 0.63 -8.18
N LYS A 27 3.28 0.75 -8.35
CA LYS A 27 4.12 -0.37 -8.60
C LYS A 27 4.85 -0.74 -7.33
N LEU A 28 6.01 -0.26 -7.23
CA LEU A 28 6.88 -0.37 -6.10
C LEU A 28 7.74 0.82 -6.17
N ASP A 29 8.30 1.21 -5.05
CA ASP A 29 9.23 2.34 -4.93
C ASP A 29 8.49 3.67 -5.17
N LYS A 30 7.17 3.59 -5.24
CA LYS A 30 6.33 4.74 -5.47
C LYS A 30 5.89 5.30 -4.18
N SER A 31 6.14 6.51 -4.02
CA SER A 31 5.97 7.28 -2.80
C SER A 31 4.49 7.63 -2.43
N PHE A 32 3.55 6.80 -2.90
CA PHE A 32 2.11 6.96 -2.70
C PHE A 32 1.62 8.40 -2.85
N THR A 33 1.47 9.08 -1.75
CA THR A 33 1.03 10.46 -1.71
C THR A 33 1.97 11.36 -2.54
N ASP A 34 3.26 11.05 -2.52
CA ASP A 34 4.24 11.90 -3.14
C ASP A 34 4.34 11.63 -4.63
N ASP A 35 4.30 10.36 -5.02
CA ASP A 35 4.46 10.06 -6.44
C ASP A 35 3.12 10.04 -7.13
N LEU A 36 2.24 9.22 -6.59
CA LEU A 36 0.96 8.91 -7.20
C LEU A 36 0.00 10.07 -7.08
N ASP A 37 0.05 10.74 -5.92
CA ASP A 37 -0.81 11.85 -5.53
C ASP A 37 -2.03 11.33 -4.86
N VAL A 38 -1.78 10.83 -3.70
CA VAL A 38 -2.82 10.34 -2.83
C VAL A 38 -2.87 11.28 -1.64
N ASP A 39 -3.99 11.37 -0.98
CA ASP A 39 -4.05 12.22 0.22
C ASP A 39 -3.38 11.51 1.37
N SER A 40 -2.35 12.12 1.92
CA SER A 40 -1.66 11.65 3.11
C SER A 40 -2.59 11.16 4.21
N LEU A 41 -3.58 11.95 4.57
CA LEU A 41 -4.50 11.57 5.62
C LEU A 41 -5.32 10.32 5.24
N SER A 42 -5.56 10.15 3.95
CA SER A 42 -6.30 9.03 3.44
C SER A 42 -5.38 7.80 3.25
N MET A 43 -4.08 8.05 3.28
CA MET A 43 -3.07 7.01 3.11
C MET A 43 -3.16 6.02 4.22
N VAL A 44 -3.49 6.51 5.41
CA VAL A 44 -3.63 5.65 6.58
C VAL A 44 -4.72 4.59 6.30
N GLU A 45 -5.82 5.02 5.67
CA GLU A 45 -6.93 4.14 5.30
C GLU A 45 -6.41 3.07 4.36
N VAL A 46 -5.61 3.52 3.39
CA VAL A 46 -5.02 2.67 2.36
C VAL A 46 -4.15 1.56 3.00
N VAL A 47 -3.58 1.87 4.13
CA VAL A 47 -2.67 0.94 4.81
C VAL A 47 -3.46 -0.14 5.48
N VAL A 48 -4.43 0.29 6.27
CA VAL A 48 -5.29 -0.62 6.97
C VAL A 48 -6.15 -1.41 5.96
N ALA A 49 -6.29 -0.85 4.77
CA ALA A 49 -7.00 -1.51 3.74
C ALA A 49 -6.09 -2.54 3.10
N ALA A 50 -4.82 -2.17 2.96
CA ALA A 50 -3.82 -3.03 2.40
C ALA A 50 -3.62 -4.26 3.28
N GLU A 51 -3.31 -4.06 4.54
CA GLU A 51 -3.02 -5.18 5.41
C GLU A 51 -4.20 -6.13 5.63
N GLU A 52 -5.39 -5.57 5.71
CA GLU A 52 -6.61 -6.36 5.84
C GLU A 52 -6.90 -7.14 4.58
N ARG A 53 -6.40 -6.68 3.46
CA ARG A 53 -6.61 -7.35 2.21
C ARG A 53 -5.52 -8.40 1.97
N PHE A 54 -4.28 -8.08 2.31
CA PHE A 54 -3.14 -8.96 1.96
C PHE A 54 -2.77 -9.90 3.08
N ASP A 55 -3.47 -9.78 4.19
CA ASP A 55 -3.32 -10.68 5.38
C ASP A 55 -2.16 -10.33 6.28
N VAL A 56 -1.52 -9.23 6.02
CA VAL A 56 -0.45 -8.78 6.88
C VAL A 56 -1.07 -7.89 7.99
N LYS A 57 -0.27 -7.40 8.91
CA LYS A 57 -0.72 -6.43 9.85
C LYS A 57 0.32 -5.34 9.90
N ILE A 58 -0.11 -4.11 9.78
CA ILE A 58 0.79 -3.01 9.78
C ILE A 58 0.39 -2.03 10.87
N PRO A 59 1.24 -1.86 11.89
CA PRO A 59 1.01 -0.91 12.98
C PRO A 59 1.22 0.51 12.50
N ASP A 60 0.75 1.51 13.27
CA ASP A 60 0.87 2.91 12.84
C ASP A 60 2.32 3.33 12.70
N ASP A 61 3.22 2.74 13.49
CA ASP A 61 4.65 3.03 13.37
C ASP A 61 5.20 2.53 12.05
N ASP A 62 4.63 1.45 11.54
CA ASP A 62 5.04 0.93 10.24
C ASP A 62 4.29 1.58 9.11
N VAL A 63 3.08 2.04 9.39
CA VAL A 63 2.30 2.82 8.42
C VAL A 63 3.13 4.03 7.98
N LYS A 64 3.70 4.72 8.95
CA LYS A 64 4.54 5.90 8.72
C LYS A 64 5.96 5.51 8.32
N ASN A 65 6.22 4.23 8.30
CA ASN A 65 7.52 3.66 7.94
C ASN A 65 7.53 3.38 6.46
N LEU A 66 6.37 3.10 5.94
CA LEU A 66 6.24 2.81 4.54
C LEU A 66 6.08 4.12 3.82
N LYS A 67 7.05 4.51 3.03
CA LYS A 67 6.90 5.76 2.31
C LYS A 67 6.58 5.51 0.86
N THR A 68 6.92 4.33 0.38
CA THR A 68 6.60 3.95 -0.93
C THR A 68 5.90 2.61 -0.88
N VAL A 69 5.36 2.23 -2.00
CA VAL A 69 4.76 0.93 -2.14
C VAL A 69 5.82 -0.14 -2.22
N GLY A 70 7.04 0.31 -2.43
CA GLY A 70 8.15 -0.59 -2.38
C GLY A 70 8.34 -1.04 -0.96
N ASP A 71 8.32 -0.07 -0.05
CA ASP A 71 8.39 -0.33 1.39
C ASP A 71 7.24 -1.21 1.78
N ALA A 72 6.04 -0.73 1.46
CA ALA A 72 4.79 -1.36 1.84
C ALA A 72 4.77 -2.80 1.49
N THR A 73 4.87 -3.06 0.24
CA THR A 73 4.80 -4.39 -0.27
C THR A 73 5.84 -5.35 0.32
N LYS A 74 7.07 -4.88 0.43
CA LYS A 74 8.16 -5.65 0.96
C LYS A 74 7.91 -5.95 2.40
N TYR A 75 7.28 -5.03 3.06
CA TYR A 75 6.92 -5.18 4.43
C TYR A 75 5.79 -6.18 4.57
N ILE A 76 4.74 -5.92 3.81
CA ILE A 76 3.51 -6.70 3.81
C ILE A 76 3.80 -8.18 3.59
N LEU A 77 4.29 -8.52 2.41
CA LEU A 77 4.55 -9.88 1.96
C LEU A 77 5.35 -10.62 3.01
N ASP A 78 6.40 -9.95 3.41
CA ASP A 78 7.40 -10.48 4.33
C ASP A 78 6.83 -10.70 5.72
N HIS A 79 5.78 -10.00 6.03
CA HIS A 79 5.11 -10.14 7.28
C HIS A 79 3.83 -10.96 7.17
N GLN A 80 3.33 -11.22 5.94
CA GLN A 80 2.14 -12.04 5.76
C GLN A 80 2.51 -13.41 6.08
N ALA A 81 3.39 -13.86 5.28
CA ALA A 81 3.94 -15.16 5.34
C ALA A 81 5.44 -15.08 5.45
C1 SYO B . 0.52 6.36 5.20
S1 SYO B . 0.20 7.76 6.35
C2 SYO B . 1.92 6.31 4.57
C3 SYO B . 1.92 5.53 3.27
O3 SYO B . 1.64 6.10 2.20
C4 SYO B . 2.23 4.06 3.30
C5 SYO B . 1.17 3.23 2.62
C6 SYO B . 1.30 1.78 3.00
C7 SYO B . 0.25 0.93 2.36
C8 SYO B . 0.41 -0.49 2.83
O23 SYO B . -1.54 14.60 5.54
P24 SYO B . -0.54 13.61 6.03
O26 SYO B . -0.71 13.02 7.40
O27 SYO B . 0.85 14.24 5.95
C28 SYO B . 1.95 13.35 6.31
C29 SYO B . 3.27 13.89 5.80
C30 SYO B . 3.40 15.32 6.29
C31 SYO B . 4.43 13.06 6.37
C32 SYO B . 3.32 13.87 4.20
O33 SYO B . 4.39 14.65 3.70
C34 SYO B . 3.50 12.47 3.65
O35 SYO B . 4.42 12.25 2.84
N36 SYO B . 2.67 11.56 4.05
C37 SYO B . 2.68 10.16 3.64
C38 SYO B . 3.91 9.41 4.18
C39 SYO B . 3.93 9.22 5.68
O40 SYO B . 4.96 9.37 6.34
N41 SYO B . 2.79 8.88 6.18
C42 SYO B . 2.51 8.63 7.55
C43 SYO B . 1.45 7.57 7.65
H1 SYO B . -0.17 6.44 4.38
H1A SYO B . 0.34 5.44 5.75
H2 SYO B . 2.52 5.77 5.28
H2A SYO B . 2.32 7.29 4.38
H4 SYO B . 2.32 3.74 4.33
H4A SYO B . 3.17 3.90 2.79
H5 SYO B . 1.26 3.33 1.55
H5A SYO B . 0.19 3.58 2.93
H6 SYO B . 1.23 1.69 4.07
H6A SYO B . 2.28 1.42 2.68
H7 SYO B . 0.38 0.95 1.28
H7A SYO B . -0.74 1.30 2.62
H8 SYO B . 0.30 -0.53 3.90
H8A SYO B . 1.38 -0.85 2.55
H8B SYO B . -0.35 -1.10 2.36
H28 SYO B . 1.91 13.19 7.37
H28A SYO B . 1.76 12.41 5.82
H30 SYO B . 2.55 15.85 5.88
H30A SYO B . 4.33 15.75 5.93
H30B SYO B . 3.35 15.33 7.37
H31 SYO B . 4.41 13.09 7.45
H31A SYO B . 5.37 13.43 6.00
H31B SYO B . 4.29 12.03 6.04
H32 SYO B . 2.35 14.17 3.84
HO33 SYO B . 4.78 14.01 3.07
HN36 SYO B . 1.99 11.90 4.68
H37 SYO B . 1.78 9.69 3.98
H37A SYO B . 2.71 10.12 2.57
H38 SYO B . 3.84 8.41 3.78
H38A SYO B . 4.82 9.89 3.86
HN41 SYO B . 2.02 8.79 5.59
H42 SYO B . 3.39 8.36 8.11
H42A SYO B . 2.09 9.53 7.99
H43 SYO B . 1.00 7.55 8.63
H43A SYO B . 1.97 6.64 7.49
N ALA A 1 -3.15 -12.77 0.86
CA ALA A 1 -1.95 -13.52 1.16
C ALA A 1 -1.44 -14.24 -0.09
N ALA A 2 -0.18 -13.99 -0.45
CA ALA A 2 0.50 -14.63 -1.58
C ALA A 2 1.89 -14.04 -1.76
N THR A 3 1.96 -12.91 -2.41
CA THR A 3 3.22 -12.29 -2.73
C THR A 3 2.97 -10.84 -3.17
N GLN A 4 4.01 -10.19 -3.61
CA GLN A 4 4.02 -8.80 -4.08
C GLN A 4 2.93 -8.52 -5.10
N GLU A 5 2.79 -9.38 -6.10
CA GLU A 5 1.77 -9.20 -7.14
C GLU A 5 0.35 -9.16 -6.58
N GLU A 6 0.18 -9.74 -5.42
CA GLU A 6 -1.11 -9.80 -4.75
C GLU A 6 -1.28 -8.51 -3.97
N ILE A 7 -0.17 -7.98 -3.50
CA ILE A 7 -0.17 -6.82 -2.68
C ILE A 7 -0.33 -5.60 -3.55
N VAL A 8 0.64 -5.35 -4.37
CA VAL A 8 0.66 -4.14 -5.21
C VAL A 8 -0.58 -4.01 -6.07
N ALA A 9 -1.03 -5.11 -6.65
CA ALA A 9 -2.22 -5.07 -7.47
C ALA A 9 -3.42 -4.61 -6.66
N GLY A 10 -3.49 -5.11 -5.42
CA GLY A 10 -4.61 -4.84 -4.61
C GLY A 10 -4.54 -3.52 -3.94
N LEU A 11 -3.34 -3.16 -3.59
CA LEU A 11 -3.04 -1.93 -2.91
C LEU A 11 -3.35 -0.80 -3.87
N ALA A 12 -2.99 -1.02 -5.15
CA ALA A 12 -3.29 -0.10 -6.21
C ALA A 12 -4.75 0.22 -6.23
N GLU A 13 -5.56 -0.84 -6.20
CA GLU A 13 -7.02 -0.72 -6.23
C GLU A 13 -7.53 0.09 -5.07
N ILE A 14 -6.97 -0.15 -3.91
CA ILE A 14 -7.31 0.60 -2.71
C ILE A 14 -7.03 2.10 -2.89
N VAL A 15 -5.94 2.40 -3.58
CA VAL A 15 -5.52 3.76 -3.82
C VAL A 15 -6.45 4.42 -4.84
N ASN A 16 -7.00 3.62 -5.73
CA ASN A 16 -7.93 4.12 -6.75
C ASN A 16 -9.21 4.58 -6.08
N GLU A 17 -9.65 3.77 -5.12
CA GLU A 17 -10.89 4.00 -4.40
C GLU A 17 -10.77 5.19 -3.46
N ILE A 18 -9.83 5.13 -2.53
CA ILE A 18 -9.69 6.14 -1.51
C ILE A 18 -9.12 7.45 -2.05
N ALA A 19 -8.17 7.36 -2.95
CA ALA A 19 -7.55 8.56 -3.48
C ALA A 19 -8.00 8.84 -4.91
N GLY A 20 -7.40 8.15 -5.85
CA GLY A 20 -7.76 8.34 -7.25
C GLY A 20 -6.62 8.07 -8.19
N ILE A 21 -6.02 6.92 -8.05
CA ILE A 21 -4.95 6.49 -8.94
C ILE A 21 -5.51 5.58 -10.02
N PRO A 22 -4.85 5.49 -11.17
CA PRO A 22 -5.31 4.65 -12.27
C PRO A 22 -4.81 3.20 -12.23
N VAL A 23 -4.77 2.61 -11.04
CA VAL A 23 -4.35 1.18 -10.73
C VAL A 23 -2.96 0.71 -11.27
N GLU A 24 -2.41 1.39 -12.23
CA GLU A 24 -1.15 0.99 -12.82
C GLU A 24 -0.01 1.85 -12.32
N ASP A 25 -0.35 2.96 -11.66
CA ASP A 25 0.68 3.91 -11.24
C ASP A 25 1.35 3.39 -9.99
N VAL A 26 0.57 2.64 -9.23
CA VAL A 26 1.04 2.04 -8.01
C VAL A 26 1.96 0.89 -8.37
N LYS A 27 3.21 1.18 -8.39
CA LYS A 27 4.22 0.24 -8.69
C LYS A 27 5.21 0.42 -7.59
N LEU A 28 5.90 -0.61 -7.23
CA LEU A 28 6.93 -0.59 -6.18
C LEU A 28 7.87 0.57 -6.42
N ASP A 29 8.36 1.14 -5.32
CA ASP A 29 9.27 2.30 -5.33
C ASP A 29 8.50 3.62 -5.55
N LYS A 30 7.17 3.54 -5.49
CA LYS A 30 6.34 4.73 -5.60
C LYS A 30 5.94 5.14 -4.23
N SER A 31 6.24 6.32 -3.94
CA SER A 31 6.07 6.95 -2.63
C SER A 31 4.63 7.45 -2.39
N PHE A 32 3.66 6.68 -2.85
CA PHE A 32 2.22 6.93 -2.71
C PHE A 32 1.82 8.41 -2.79
N THR A 33 1.77 9.06 -1.65
CA THR A 33 1.41 10.45 -1.52
C THR A 33 2.28 11.36 -2.43
N ASP A 34 3.53 10.97 -2.62
CA ASP A 34 4.47 11.80 -3.37
C ASP A 34 4.51 11.41 -4.82
N ASP A 35 4.55 10.13 -5.07
CA ASP A 35 4.71 9.63 -6.44
C ASP A 35 3.41 9.43 -7.17
N LEU A 36 2.38 9.05 -6.45
CA LEU A 36 1.10 8.73 -7.08
C LEU A 36 0.17 9.91 -6.97
N ASP A 37 0.34 10.65 -5.86
CA ASP A 37 -0.48 11.79 -5.50
C ASP A 37 -1.70 11.31 -4.77
N VAL A 38 -1.42 10.71 -3.66
CA VAL A 38 -2.42 10.20 -2.76
C VAL A 38 -2.42 11.07 -1.52
N ASP A 39 -3.54 11.61 -1.17
CA ASP A 39 -3.63 12.45 0.04
C ASP A 39 -3.25 11.66 1.28
N SER A 40 -2.24 12.15 2.01
CA SER A 40 -1.81 11.64 3.33
C SER A 40 -2.96 11.16 4.24
N LEU A 41 -4.03 11.92 4.31
CA LEU A 41 -5.17 11.56 5.16
C LEU A 41 -5.75 10.22 4.72
N SER A 42 -5.91 10.10 3.43
CA SER A 42 -6.46 8.95 2.81
C SER A 42 -5.46 7.78 2.87
N MET A 43 -4.18 8.12 2.88
CA MET A 43 -3.06 7.19 2.90
C MET A 43 -3.15 6.21 4.02
N VAL A 44 -3.44 6.70 5.21
CA VAL A 44 -3.55 5.86 6.39
C VAL A 44 -4.60 4.75 6.14
N GLU A 45 -5.74 5.14 5.58
CA GLU A 45 -6.82 4.20 5.27
C GLU A 45 -6.31 3.16 4.29
N VAL A 46 -5.58 3.63 3.28
CA VAL A 46 -5.00 2.80 2.23
C VAL A 46 -4.05 1.73 2.81
N VAL A 47 -3.46 2.04 3.92
CA VAL A 47 -2.47 1.14 4.55
C VAL A 47 -3.22 0.07 5.27
N VAL A 48 -4.14 0.50 6.08
CA VAL A 48 -4.99 -0.38 6.84
C VAL A 48 -5.76 -1.28 5.87
N ALA A 49 -6.19 -0.70 4.76
CA ALA A 49 -6.95 -1.42 3.80
C ALA A 49 -6.09 -2.43 3.08
N ALA A 50 -4.82 -2.04 2.88
CA ALA A 50 -3.84 -2.91 2.27
C ALA A 50 -3.68 -4.14 3.13
N GLU A 51 -3.33 -3.96 4.39
CA GLU A 51 -3.08 -5.09 5.24
C GLU A 51 -4.31 -5.95 5.49
N GLU A 52 -5.47 -5.32 5.55
CA GLU A 52 -6.71 -6.07 5.68
C GLU A 52 -7.01 -6.93 4.45
N ARG A 53 -6.50 -6.55 3.30
CA ARG A 53 -6.68 -7.35 2.10
C ARG A 53 -5.58 -8.42 1.95
N PHE A 54 -4.33 -8.03 2.24
CA PHE A 54 -3.17 -8.91 1.95
C PHE A 54 -2.84 -9.85 3.06
N ASP A 55 -3.60 -9.74 4.13
CA ASP A 55 -3.50 -10.63 5.33
C ASP A 55 -2.37 -10.23 6.25
N VAL A 56 -1.63 -9.18 5.92
CA VAL A 56 -0.58 -8.74 6.79
C VAL A 56 -1.20 -7.80 7.85
N LYS A 57 -0.41 -7.32 8.77
CA LYS A 57 -0.88 -6.33 9.69
C LYS A 57 0.18 -5.29 9.86
N ILE A 58 -0.22 -4.06 9.76
CA ILE A 58 0.70 -2.97 9.79
C ILE A 58 0.31 -2.00 10.90
N PRO A 59 1.13 -1.87 11.94
CA PRO A 59 0.90 -0.91 13.01
C PRO A 59 1.04 0.49 12.48
N ASP A 60 0.44 1.46 13.17
CA ASP A 60 0.51 2.88 12.79
C ASP A 60 1.97 3.31 12.73
N ASP A 61 2.78 2.66 13.55
CA ASP A 61 4.19 2.87 13.62
C ASP A 61 4.87 2.56 12.30
N ASP A 62 4.53 1.43 11.71
CA ASP A 62 5.15 1.02 10.45
C ASP A 62 4.45 1.66 9.28
N VAL A 63 3.18 2.02 9.46
CA VAL A 63 2.43 2.78 8.46
C VAL A 63 3.24 4.01 8.08
N LYS A 64 3.72 4.72 9.09
CA LYS A 64 4.48 5.93 8.87
C LYS A 64 5.92 5.66 8.38
N ASN A 65 6.31 4.40 8.27
CA ASN A 65 7.64 4.02 7.81
C ASN A 65 7.61 3.65 6.36
N LEU A 66 6.47 3.22 5.91
CA LEU A 66 6.30 2.86 4.56
C LEU A 66 6.09 4.14 3.82
N LYS A 67 6.95 4.42 2.91
CA LYS A 67 6.77 5.60 2.11
C LYS A 67 6.42 5.23 0.71
N THR A 68 6.98 4.14 0.23
CA THR A 68 6.65 3.70 -1.05
C THR A 68 5.89 2.42 -0.96
N VAL A 69 5.48 1.92 -2.08
CA VAL A 69 4.84 0.67 -2.15
C VAL A 69 5.89 -0.40 -2.28
N GLY A 70 7.13 0.06 -2.56
CA GLY A 70 8.25 -0.86 -2.58
C GLY A 70 8.57 -1.24 -1.16
N ASP A 71 8.40 -0.27 -0.30
CA ASP A 71 8.50 -0.43 1.14
C ASP A 71 7.38 -1.30 1.63
N ALA A 72 6.18 -0.82 1.38
CA ALA A 72 4.92 -1.38 1.84
C ALA A 72 4.82 -2.82 1.56
N THR A 73 4.85 -3.12 0.31
CA THR A 73 4.68 -4.44 -0.19
C THR A 73 5.71 -5.42 0.35
N LYS A 74 6.90 -4.95 0.55
CA LYS A 74 7.96 -5.72 1.02
C LYS A 74 7.68 -6.06 2.46
N TYR A 75 7.24 -5.07 3.19
CA TYR A 75 6.85 -5.20 4.57
C TYR A 75 5.70 -6.18 4.68
N ILE A 76 4.70 -5.94 3.87
CA ILE A 76 3.51 -6.71 3.79
C ILE A 76 3.84 -8.16 3.53
N LEU A 77 4.42 -8.46 2.37
CA LEU A 77 4.78 -9.82 1.97
C LEU A 77 5.60 -10.48 3.05
N ASP A 78 6.52 -9.71 3.61
CA ASP A 78 7.47 -10.19 4.58
C ASP A 78 6.78 -10.69 5.82
N HIS A 79 5.72 -10.06 6.17
CA HIS A 79 4.99 -10.41 7.35
C HIS A 79 3.81 -11.36 7.10
N GLN A 80 3.49 -11.64 5.83
CA GLN A 80 2.38 -12.58 5.55
C GLN A 80 2.85 -13.93 5.07
N ALA A 81 3.34 -13.95 3.93
CA ALA A 81 3.75 -15.16 3.30
C ALA A 81 5.26 -15.19 3.15
C1 SYO B . 0.73 6.39 4.77
S1 SYO B . 0.31 7.67 6.02
C2 SYO B . 2.13 6.47 4.21
C3 SYO B . 2.28 5.65 2.94
O3 SYO B . 2.18 6.18 1.83
C4 SYO B . 2.49 4.17 3.07
C5 SYO B . 1.39 3.36 2.43
C6 SYO B . 1.50 1.89 2.79
C7 SYO B . 0.38 1.09 2.16
C8 SYO B . 0.48 -0.34 2.64
O23 SYO B . -1.87 14.43 5.96
P24 SYO B . -1.16 13.25 6.53
O26 SYO B . -1.78 12.48 7.67
O27 SYO B . 0.24 13.69 6.93
C28 SYO B . 1.20 12.65 7.27
C29 SYO B . 2.58 13.26 7.41
C30 SYO B . 2.46 14.31 8.46
C31 SYO B . 3.57 12.19 7.86
C32 SYO B . 3.08 13.93 6.05
O33 SYO B . 4.23 14.78 6.27
C34 SYO B . 3.45 12.92 4.99
O35 SYO B . 4.54 12.99 4.42
N36 SYO B . 2.57 11.99 4.75
C37 SYO B . 2.70 10.87 3.80
C38 SYO B . 3.90 9.95 4.12
C39 SYO B . 3.95 9.45 5.54
O40 SYO B . 5.00 9.43 6.20
N41 SYO B . 2.80 9.06 6.00
C42 SYO B . 2.55 8.56 7.32
C43 SYO B . 1.57 7.42 7.27
H1 SYO B . 0.07 6.48 3.93
H1A SYO B . 0.60 5.42 5.26
H2 SYO B . 2.74 6.01 4.97
H2A SYO B . 2.42 7.49 4.04
H4 SYO B . 2.54 3.91 4.12
H4A SYO B . 3.43 3.91 2.60
H5 SYO B . 1.46 3.47 1.35
H5A SYO B . 0.44 3.74 2.76
H6 SYO B . 1.45 1.80 3.86
H6A SYO B . 2.44 1.52 2.43
H7 SYO B . 0.46 1.10 1.09
H7A SYO B . -0.57 1.49 2.48
H8 SYO B . -0.32 -0.92 2.19
H8A SYO B . 0.41 -0.38 3.71
H8B SYO B . 1.43 -0.75 2.32
H28 SYO B . 0.86 12.15 8.16
H28A SYO B . 1.21 11.94 6.45
H30 SYO B . 3.40 14.82 8.61
H30A SYO B . 2.09 13.84 9.36
H30B SYO B . 1.70 15.00 8.07
H31 SYO B . 3.59 11.42 7.10
H31A SYO B . 3.27 11.76 8.79
H31B SYO B . 4.56 12.62 7.95
H32 SYO B . 2.24 14.46 5.61
HO33 SYO B . 4.94 14.30 5.83
HN36 SYO B . 1.76 12.08 5.30
H37 SYO B . 1.81 10.27 3.89
H37A SYO B . 2.79 11.27 2.80
H38 SYO B . 3.81 9.09 3.48
H38A SYO B . 4.82 10.47 3.89
HN41 SYO B . 2.03 9.13 5.39
H42 SYO B . 3.46 8.33 7.84
H42A SYO B . 2.05 9.34 7.87
H43 SYO B . 1.13 7.24 8.25
H43A SYO B . 2.15 6.55 7.00
N ALA A 1 -1.57 -15.53 4.21
CA ALA A 1 -0.31 -15.05 3.67
C ALA A 1 -0.36 -15.06 2.17
N ALA A 2 -0.35 -13.87 1.63
CA ALA A 2 -0.34 -13.65 0.22
C ALA A 2 1.01 -13.09 -0.17
N THR A 3 1.20 -12.87 -1.42
CA THR A 3 2.46 -12.39 -1.92
C THR A 3 2.31 -11.03 -2.62
N GLN A 4 3.41 -10.49 -3.12
CA GLN A 4 3.48 -9.18 -3.78
C GLN A 4 2.45 -9.02 -4.88
N GLU A 5 2.20 -10.09 -5.60
CA GLU A 5 1.21 -10.13 -6.66
C GLU A 5 -0.15 -9.64 -6.14
N GLU A 6 -0.57 -10.17 -5.01
CA GLU A 6 -1.80 -9.75 -4.33
C GLU A 6 -1.65 -8.30 -3.83
N ILE A 7 -0.46 -7.98 -3.36
CA ILE A 7 -0.22 -6.75 -2.67
C ILE A 7 -0.24 -5.56 -3.60
N VAL A 8 0.70 -5.46 -4.47
CA VAL A 8 0.79 -4.32 -5.38
C VAL A 8 -0.45 -4.17 -6.25
N ALA A 9 -0.96 -5.27 -6.75
CA ALA A 9 -2.15 -5.24 -7.56
C ALA A 9 -3.34 -4.72 -6.76
N GLY A 10 -3.39 -5.09 -5.49
CA GLY A 10 -4.47 -4.75 -4.65
C GLY A 10 -4.35 -3.39 -4.07
N LEU A 11 -3.14 -3.06 -3.69
CA LEU A 11 -2.84 -1.81 -3.06
C LEU A 11 -3.10 -0.69 -4.05
N ALA A 12 -2.80 -0.95 -5.32
CA ALA A 12 -3.09 -0.02 -6.39
C ALA A 12 -4.57 0.26 -6.41
N GLU A 13 -5.37 -0.80 -6.39
CA GLU A 13 -6.83 -0.71 -6.43
C GLU A 13 -7.39 0.06 -5.27
N ILE A 14 -6.84 -0.17 -4.12
CA ILE A 14 -7.20 0.57 -2.92
C ILE A 14 -7.00 2.08 -3.14
N VAL A 15 -5.91 2.43 -3.78
CA VAL A 15 -5.55 3.81 -4.03
C VAL A 15 -6.50 4.42 -5.09
N ASN A 16 -7.10 3.57 -5.89
CA ASN A 16 -8.00 4.02 -6.94
C ASN A 16 -9.31 4.38 -6.28
N GLU A 17 -9.71 3.55 -5.34
CA GLU A 17 -10.95 3.70 -4.61
C GLU A 17 -10.87 4.79 -3.53
N ILE A 18 -9.74 4.86 -2.84
CA ILE A 18 -9.52 5.88 -1.81
C ILE A 18 -9.33 7.26 -2.44
N ALA A 19 -8.41 7.38 -3.37
CA ALA A 19 -8.09 8.66 -3.93
C ALA A 19 -8.58 8.77 -5.36
N GLY A 20 -7.90 8.10 -6.26
CA GLY A 20 -8.29 8.16 -7.64
C GLY A 20 -7.13 7.91 -8.56
N ILE A 21 -6.34 6.92 -8.24
CA ILE A 21 -5.24 6.53 -9.09
C ILE A 21 -5.77 5.58 -10.18
N PRO A 22 -5.15 5.56 -11.35
CA PRO A 22 -5.56 4.69 -12.50
C PRO A 22 -5.02 3.24 -12.45
N VAL A 23 -4.80 2.71 -11.25
CA VAL A 23 -4.24 1.34 -10.96
C VAL A 23 -2.88 1.04 -11.67
N GLU A 24 -2.31 2.04 -12.29
CA GLU A 24 -1.08 1.89 -13.02
C GLU A 24 0.08 2.55 -12.31
N ASP A 25 -0.22 3.55 -11.52
CA ASP A 25 0.82 4.36 -10.90
C ASP A 25 1.34 3.72 -9.64
N VAL A 26 0.50 2.97 -8.99
CA VAL A 26 0.91 2.36 -7.71
C VAL A 26 1.78 1.15 -7.96
N LYS A 27 3.06 1.40 -8.08
CA LYS A 27 4.02 0.36 -8.25
C LYS A 27 5.08 0.46 -7.20
N LEU A 28 5.89 -0.53 -7.10
CA LEU A 28 6.92 -0.58 -6.11
C LEU A 28 7.87 0.57 -6.29
N ASP A 29 8.26 1.14 -5.18
CA ASP A 29 9.19 2.27 -5.07
C ASP A 29 8.49 3.59 -5.38
N LYS A 30 7.16 3.55 -5.42
CA LYS A 30 6.41 4.78 -5.59
C LYS A 30 5.92 5.24 -4.26
N SER A 31 6.25 6.41 -3.98
CA SER A 31 6.07 7.07 -2.68
C SER A 31 4.63 7.58 -2.43
N PHE A 32 3.64 6.85 -2.92
CA PHE A 32 2.20 7.12 -2.73
C PHE A 32 1.79 8.60 -2.86
N THR A 33 1.75 9.29 -1.77
CA THR A 33 1.35 10.69 -1.75
C THR A 33 2.38 11.59 -2.48
N ASP A 34 3.61 11.13 -2.54
CA ASP A 34 4.69 11.93 -3.12
C ASP A 34 4.81 11.67 -4.62
N ASP A 35 4.92 10.40 -4.97
CA ASP A 35 5.12 10.03 -6.39
C ASP A 35 3.83 10.00 -7.14
N LEU A 36 2.80 9.46 -6.52
CA LEU A 36 1.54 9.27 -7.18
C LEU A 36 0.71 10.56 -7.16
N ASP A 37 0.11 10.86 -5.98
CA ASP A 37 -0.81 12.03 -5.79
C ASP A 37 -1.70 11.83 -4.56
N VAL A 38 -1.77 10.59 -4.12
CA VAL A 38 -2.69 10.11 -3.08
C VAL A 38 -2.71 11.01 -1.83
N ASP A 39 -3.89 11.28 -1.34
CA ASP A 39 -4.12 12.08 -0.15
C ASP A 39 -3.44 11.45 1.08
N SER A 40 -2.42 12.15 1.58
CA SER A 40 -1.66 11.82 2.78
C SER A 40 -2.47 11.28 3.98
N LEU A 41 -3.61 11.86 4.30
CA LEU A 41 -4.32 11.37 5.48
C LEU A 41 -5.10 10.12 5.15
N SER A 42 -5.54 10.03 3.92
CA SER A 42 -6.26 8.88 3.43
C SER A 42 -5.29 7.71 3.17
N MET A 43 -4.00 8.04 3.15
CA MET A 43 -2.94 7.06 2.98
C MET A 43 -2.97 6.06 4.09
N VAL A 44 -3.32 6.52 5.27
CA VAL A 44 -3.46 5.66 6.44
C VAL A 44 -4.53 4.58 6.16
N GLU A 45 -5.66 5.01 5.57
CA GLU A 45 -6.76 4.09 5.21
C GLU A 45 -6.24 3.06 4.23
N VAL A 46 -5.45 3.53 3.27
CA VAL A 46 -4.84 2.71 2.22
C VAL A 46 -3.94 1.60 2.83
N VAL A 47 -3.44 1.85 4.02
CA VAL A 47 -2.53 0.91 4.69
C VAL A 47 -3.38 -0.16 5.29
N VAL A 48 -4.31 0.29 6.06
CA VAL A 48 -5.30 -0.52 6.73
C VAL A 48 -6.03 -1.41 5.70
N ALA A 49 -6.33 -0.84 4.55
CA ALA A 49 -7.03 -1.54 3.53
C ALA A 49 -6.11 -2.53 2.87
N ALA A 50 -4.86 -2.13 2.71
CA ALA A 50 -3.85 -2.96 2.13
C ALA A 50 -3.66 -4.20 2.97
N GLU A 51 -3.27 -4.03 4.21
CA GLU A 51 -2.99 -5.15 5.06
C GLU A 51 -4.18 -6.08 5.32
N GLU A 52 -5.36 -5.51 5.41
CA GLU A 52 -6.57 -6.31 5.59
C GLU A 52 -6.86 -7.17 4.38
N ARG A 53 -6.49 -6.71 3.20
CA ARG A 53 -6.68 -7.50 2.00
C ARG A 53 -5.53 -8.51 1.83
N PHE A 54 -4.33 -8.12 2.19
CA PHE A 54 -3.17 -8.94 1.87
C PHE A 54 -2.85 -9.99 2.89
N ASP A 55 -3.39 -9.80 4.12
CA ASP A 55 -3.28 -10.76 5.30
C ASP A 55 -2.26 -10.33 6.38
N VAL A 56 -1.52 -9.27 6.14
CA VAL A 56 -0.55 -8.81 7.14
C VAL A 56 -1.24 -7.85 8.14
N LYS A 57 -0.56 -7.45 9.18
CA LYS A 57 -1.07 -6.47 10.12
C LYS A 57 -0.03 -5.38 10.24
N ILE A 58 -0.39 -4.16 9.88
CA ILE A 58 0.58 -3.08 9.87
C ILE A 58 0.24 -2.05 10.96
N PRO A 59 1.11 -1.92 11.98
CA PRO A 59 0.95 -0.95 13.07
C PRO A 59 1.22 0.46 12.58
N ASP A 60 0.81 1.46 13.37
CA ASP A 60 0.97 2.88 13.00
C ASP A 60 2.43 3.23 12.74
N ASP A 61 3.30 2.65 13.55
CA ASP A 61 4.75 2.86 13.39
C ASP A 61 5.24 2.36 12.07
N ASP A 62 4.66 1.30 11.58
CA ASP A 62 5.07 0.80 10.29
C ASP A 62 4.32 1.44 9.15
N VAL A 63 3.13 1.96 9.43
CA VAL A 63 2.36 2.74 8.45
C VAL A 63 3.23 3.91 7.99
N LYS A 64 3.87 4.56 8.95
CA LYS A 64 4.73 5.71 8.68
C LYS A 64 6.08 5.28 8.06
N ASN A 65 6.37 3.98 8.06
CA ASN A 65 7.60 3.47 7.51
C ASN A 65 7.43 3.12 6.08
N LEU A 66 6.20 3.07 5.65
CA LEU A 66 5.92 2.76 4.32
C LEU A 66 5.73 4.05 3.59
N LYS A 67 6.67 4.37 2.75
CA LYS A 67 6.59 5.60 1.99
C LYS A 67 6.23 5.25 0.61
N THR A 68 6.90 4.25 0.11
CA THR A 68 6.63 3.78 -1.17
C THR A 68 5.82 2.53 -1.07
N VAL A 69 5.31 2.06 -2.18
CA VAL A 69 4.65 0.79 -2.18
C VAL A 69 5.69 -0.29 -2.19
N GLY A 70 6.92 0.15 -2.48
CA GLY A 70 8.03 -0.76 -2.41
C GLY A 70 8.25 -1.13 -0.97
N ASP A 71 8.25 -0.09 -0.11
CA ASP A 71 8.33 -0.28 1.35
C ASP A 71 7.16 -1.09 1.80
N ALA A 72 5.96 -0.64 1.40
CA ALA A 72 4.71 -1.27 1.81
C ALA A 72 4.72 -2.72 1.53
N THR A 73 4.86 -3.05 0.29
CA THR A 73 4.79 -4.39 -0.16
C THR A 73 5.79 -5.32 0.54
N LYS A 74 7.04 -4.91 0.57
CA LYS A 74 8.10 -5.65 1.19
C LYS A 74 7.80 -5.85 2.64
N TYR A 75 7.18 -4.87 3.24
CA TYR A 75 6.80 -4.97 4.60
C TYR A 75 5.69 -5.97 4.76
N ILE A 76 4.62 -5.72 4.01
CA ILE A 76 3.42 -6.52 4.02
C ILE A 76 3.73 -7.98 3.85
N LEU A 77 4.23 -8.34 2.68
CA LEU A 77 4.53 -9.71 2.28
C LEU A 77 5.39 -10.39 3.32
N ASP A 78 6.49 -9.75 3.61
CA ASP A 78 7.54 -10.33 4.42
C ASP A 78 7.14 -10.47 5.88
N HIS A 79 6.20 -9.65 6.30
CA HIS A 79 5.70 -9.71 7.66
C HIS A 79 4.45 -10.56 7.82
N GLN A 80 3.91 -11.07 6.72
CA GLN A 80 2.79 -12.00 6.84
C GLN A 80 3.24 -13.38 6.61
N ALA A 81 3.82 -13.54 5.52
CA ALA A 81 4.31 -14.77 5.05
C ALA A 81 5.61 -15.15 5.74
C1 SYO B . 0.53 6.34 5.25
S1 SYO B . 0.45 7.80 6.36
C2 SYO B . 1.81 6.19 4.45
C3 SYO B . 1.62 5.37 3.19
O3 SYO B . 1.17 5.89 2.17
C4 SYO B . 1.98 3.92 3.21
C5 SYO B . 0.95 3.05 2.55
C6 SYO B . 1.14 1.62 2.94
C7 SYO B . 0.14 0.71 2.31
C8 SYO B . 0.37 -0.68 2.83
O23 SYO B . -0.65 15.28 4.67
P24 SYO B . 0.00 14.12 5.32
O26 SYO B . -0.34 13.85 6.75
O27 SYO B . 1.55 14.27 5.18
C28 SYO B . 2.39 13.16 5.67
C29 SYO B . 3.89 13.46 5.44
C30 SYO B . 4.12 14.86 5.89
C31 SYO B . 4.77 12.51 6.27
C32 SYO B . 4.27 13.33 3.88
O33 SYO B . 5.47 14.04 3.57
C34 SYO B . 4.42 11.88 3.42
O35 SYO B . 5.40 11.57 2.75
N36 SYO B . 3.50 11.05 3.78
C37 SYO B . 3.45 9.61 3.44
C38 SYO B . 4.56 8.81 4.15
C39 SYO B . 4.46 8.75 5.66
O40 SYO B . 5.45 8.82 6.39
N41 SYO B . 3.24 8.60 6.10
C42 SYO B . 2.85 8.50 7.47
C43 SYO B . 1.74 7.49 7.58
H1 SYO B . -0.27 6.41 4.51
H1A SYO B . 0.40 5.46 5.87
H2 SYO B . 2.49 5.65 5.09
H2A SYO B . 2.21 7.15 4.15
H4 SYO B . 2.14 3.59 4.22
H4A SYO B . 2.91 3.82 2.66
H5 SYO B . 1.03 3.14 1.48
H5A SYO B . -0.03 3.37 2.87
H6 SYO B . 1.08 1.54 4.01
H6A SYO B . 2.14 1.31 2.63
H7 SYO B . 0.29 0.70 1.24
H7A SYO B . -0.86 1.04 2.56
H8 SYO B . 1.37 -1.00 2.58
H8A SYO B . -0.36 -1.35 2.38
H8B SYO B . 0.24 -0.68 3.91
H28 SYO B . 2.15 13.00 6.71
H28A SYO B . 2.12 12.27 5.11
H30 SYO B . 5.16 15.13 5.74
H30A SYO B . 3.86 14.94 6.94
H30B SYO B . 3.49 15.49 5.30
H31 SYO B . 4.54 12.64 7.33
H31A SYO B . 5.80 12.71 6.09
H31B SYO B . 4.55 11.48 5.99
H32 SYO B . 3.41 13.66 3.32
HO33 SYO B . 6.04 13.35 3.21
HN36 SYO B . 2.79 11.48 4.30
H37 SYO B . 2.49 9.22 3.72
H37A SYO B . 3.58 9.51 2.37
H38 SYO B . 4.40 7.79 3.83
H38A SYO B . 5.54 9.16 3.86
HN41 SYO B . 2.50 8.54 5.46
H42 SYO B . 3.69 8.24 8.08
H42A SYO B . 2.46 9.45 7.79
H43 SYO B . 1.33 7.51 8.58
H43A SYO B . 2.17 6.53 7.38
N ALA A 1 -2.22 -15.08 3.27
CA ALA A 1 -0.88 -14.70 2.86
C ALA A 1 -0.86 -14.38 1.38
N ALA A 2 -1.02 -13.12 1.07
CA ALA A 2 -1.02 -12.67 -0.27
C ALA A 2 0.36 -12.20 -0.64
N THR A 3 0.88 -12.67 -1.73
CA THR A 3 2.22 -12.33 -2.12
C THR A 3 2.21 -11.02 -2.91
N GLN A 4 3.38 -10.50 -3.29
CA GLN A 4 3.51 -9.21 -3.99
C GLN A 4 2.56 -9.06 -5.15
N GLU A 5 2.39 -10.13 -5.92
CA GLU A 5 1.51 -10.15 -7.08
C GLU A 5 0.09 -9.74 -6.69
N GLU A 6 -0.29 -10.10 -5.49
CA GLU A 6 -1.58 -9.79 -4.95
C GLU A 6 -1.55 -8.41 -4.28
N ILE A 7 -0.43 -8.10 -3.61
CA ILE A 7 -0.31 -6.90 -2.80
C ILE A 7 -0.38 -5.64 -3.64
N VAL A 8 0.59 -5.43 -4.48
CA VAL A 8 0.65 -4.24 -5.33
C VAL A 8 -0.60 -4.12 -6.18
N ALA A 9 -1.03 -5.23 -6.72
CA ALA A 9 -2.23 -5.26 -7.52
C ALA A 9 -3.45 -4.77 -6.73
N GLY A 10 -3.50 -5.13 -5.45
CA GLY A 10 -4.60 -4.80 -4.62
C GLY A 10 -4.47 -3.43 -4.03
N LEU A 11 -3.27 -3.09 -3.66
CA LEU A 11 -2.97 -1.85 -3.05
C LEU A 11 -3.27 -0.74 -4.00
N ALA A 12 -2.92 -0.97 -5.27
CA ALA A 12 -3.21 -0.04 -6.34
C ALA A 12 -4.69 0.29 -6.34
N GLU A 13 -5.50 -0.75 -6.32
CA GLU A 13 -6.95 -0.64 -6.37
C GLU A 13 -7.49 0.13 -5.18
N ILE A 14 -6.90 -0.13 -4.04
CA ILE A 14 -7.25 0.61 -2.83
C ILE A 14 -6.98 2.11 -3.03
N VAL A 15 -5.84 2.41 -3.62
CA VAL A 15 -5.40 3.79 -3.81
C VAL A 15 -6.31 4.49 -4.84
N ASN A 16 -6.92 3.69 -5.68
CA ASN A 16 -7.84 4.20 -6.70
C ASN A 16 -9.12 4.67 -6.04
N GLU A 17 -9.53 3.93 -5.04
CA GLU A 17 -10.78 4.21 -4.35
C GLU A 17 -10.61 5.29 -3.31
N ILE A 18 -9.59 5.14 -2.49
CA ILE A 18 -9.33 6.07 -1.40
C ILE A 18 -9.02 7.46 -1.94
N ALA A 19 -8.07 7.54 -2.85
CA ALA A 19 -7.71 8.80 -3.41
C ALA A 19 -8.28 8.92 -4.81
N GLY A 20 -7.62 8.27 -5.74
CA GLY A 20 -8.08 8.29 -7.10
C GLY A 20 -6.96 8.08 -8.07
N ILE A 21 -6.14 7.12 -7.78
CA ILE A 21 -5.03 6.76 -8.65
C ILE A 21 -5.56 5.89 -9.79
N PRO A 22 -4.91 5.90 -10.96
CA PRO A 22 -5.36 5.13 -12.14
C PRO A 22 -4.90 3.66 -12.16
N VAL A 23 -4.58 3.08 -11.01
CA VAL A 23 -4.13 1.65 -10.81
C VAL A 23 -2.85 1.21 -11.58
N GLU A 24 -2.40 2.05 -12.47
CA GLU A 24 -1.28 1.70 -13.34
C GLU A 24 -0.01 2.39 -12.90
N ASP A 25 -0.15 3.25 -11.93
CA ASP A 25 0.97 4.09 -11.54
C ASP A 25 1.65 3.54 -10.31
N VAL A 26 0.95 2.66 -9.66
CA VAL A 26 1.38 2.10 -8.39
C VAL A 26 2.45 1.03 -8.61
N LYS A 27 3.68 1.47 -8.69
CA LYS A 27 4.81 0.60 -8.88
C LYS A 27 5.67 0.66 -7.68
N LEU A 28 6.32 -0.40 -7.36
CA LEU A 28 7.17 -0.45 -6.22
C LEU A 28 8.26 0.59 -6.34
N ASP A 29 8.56 1.23 -5.21
CA ASP A 29 9.54 2.35 -5.08
C ASP A 29 8.85 3.68 -5.35
N LYS A 30 7.54 3.61 -5.51
CA LYS A 30 6.75 4.79 -5.73
C LYS A 30 6.04 5.15 -4.50
N SER A 31 6.19 6.33 -4.16
CA SER A 31 5.64 6.90 -2.98
C SER A 31 4.19 7.24 -3.25
N PHE A 32 3.28 6.46 -2.70
CA PHE A 32 1.85 6.68 -2.85
C PHE A 32 1.46 8.15 -2.67
N THR A 33 1.84 8.72 -1.57
CA THR A 33 1.42 10.06 -1.23
C THR A 33 2.21 11.17 -1.97
N ASP A 34 3.05 10.79 -2.91
CA ASP A 34 3.90 11.77 -3.57
C ASP A 34 4.00 11.46 -5.05
N ASP A 35 4.53 10.30 -5.34
CA ASP A 35 4.73 9.82 -6.71
C ASP A 35 3.42 9.54 -7.36
N LEU A 36 2.56 8.89 -6.62
CA LEU A 36 1.25 8.54 -7.10
C LEU A 36 0.33 9.73 -6.98
N ASP A 37 0.44 10.36 -5.79
CA ASP A 37 -0.28 11.55 -5.38
C ASP A 37 -1.54 11.20 -4.62
N VAL A 38 -1.32 10.61 -3.48
CA VAL A 38 -2.37 10.37 -2.55
C VAL A 38 -2.36 11.50 -1.54
N ASP A 39 -3.52 11.82 -1.01
CA ASP A 39 -3.71 12.96 -0.10
C ASP A 39 -3.17 12.79 1.32
N SER A 40 -2.28 11.84 1.54
CA SER A 40 -1.62 11.61 2.82
C SER A 40 -2.51 11.11 3.98
N LEU A 41 -3.61 11.79 4.29
CA LEU A 41 -4.47 11.32 5.38
C LEU A 41 -5.19 10.05 4.92
N SER A 42 -5.47 10.05 3.64
CA SER A 42 -6.12 8.97 2.95
C SER A 42 -5.21 7.74 2.94
N MET A 43 -3.93 7.98 3.10
CA MET A 43 -2.91 6.97 3.04
C MET A 43 -3.07 5.96 4.10
N VAL A 44 -3.37 6.43 5.30
CA VAL A 44 -3.57 5.56 6.45
C VAL A 44 -4.66 4.50 6.13
N GLU A 45 -5.75 4.97 5.52
CA GLU A 45 -6.86 4.10 5.11
C GLU A 45 -6.34 3.01 4.17
N VAL A 46 -5.55 3.46 3.20
CA VAL A 46 -4.94 2.61 2.17
C VAL A 46 -4.06 1.51 2.79
N VAL A 47 -3.55 1.79 3.95
CA VAL A 47 -2.62 0.90 4.63
C VAL A 47 -3.42 -0.17 5.29
N VAL A 48 -4.40 0.27 6.06
CA VAL A 48 -5.32 -0.61 6.73
C VAL A 48 -5.97 -1.52 5.70
N ALA A 49 -6.40 -0.92 4.58
CA ALA A 49 -7.06 -1.64 3.56
C ALA A 49 -6.14 -2.68 2.93
N ALA A 50 -4.89 -2.30 2.79
CA ALA A 50 -3.89 -3.18 2.26
C ALA A 50 -3.68 -4.36 3.18
N GLU A 51 -3.37 -4.12 4.43
CA GLU A 51 -3.11 -5.21 5.35
C GLU A 51 -4.32 -6.11 5.58
N GLU A 52 -5.50 -5.53 5.56
CA GLU A 52 -6.72 -6.32 5.70
C GLU A 52 -6.95 -7.22 4.48
N ARG A 53 -6.47 -6.80 3.32
CA ARG A 53 -6.63 -7.60 2.11
C ARG A 53 -5.47 -8.61 1.95
N PHE A 54 -4.25 -8.22 2.30
CA PHE A 54 -3.09 -9.10 2.03
C PHE A 54 -2.71 -9.97 3.20
N ASP A 55 -3.42 -9.78 4.29
CA ASP A 55 -3.33 -10.62 5.54
C ASP A 55 -2.27 -10.17 6.53
N VAL A 56 -1.51 -9.15 6.21
CA VAL A 56 -0.50 -8.70 7.15
C VAL A 56 -1.18 -7.80 8.21
N LYS A 57 -0.47 -7.38 9.21
CA LYS A 57 -0.99 -6.41 10.10
C LYS A 57 0.03 -5.30 10.20
N ILE A 58 -0.39 -4.11 9.94
CA ILE A 58 0.52 -3.00 9.94
C ILE A 58 0.20 -2.02 11.07
N PRO A 59 1.08 -1.89 12.05
CA PRO A 59 0.95 -0.92 13.12
C PRO A 59 1.08 0.48 12.58
N ASP A 60 0.45 1.43 13.23
CA ASP A 60 0.48 2.83 12.78
C ASP A 60 1.91 3.36 12.72
N ASP A 61 2.80 2.82 13.54
CA ASP A 61 4.21 3.17 13.52
C ASP A 61 4.83 2.77 12.19
N ASP A 62 4.54 1.55 11.73
CA ASP A 62 5.09 1.07 10.47
C ASP A 62 4.42 1.68 9.29
N VAL A 63 3.17 2.09 9.48
CA VAL A 63 2.44 2.86 8.46
C VAL A 63 3.28 4.11 8.12
N LYS A 64 3.83 4.70 9.16
CA LYS A 64 4.64 5.92 9.06
C LYS A 64 6.04 5.65 8.46
N ASN A 65 6.39 4.40 8.28
CA ASN A 65 7.67 4.03 7.73
C ASN A 65 7.55 3.74 6.27
N LEU A 66 6.36 3.38 5.86
CA LEU A 66 6.14 3.07 4.50
C LEU A 66 5.84 4.33 3.78
N LYS A 67 6.66 4.66 2.84
CA LYS A 67 6.38 5.83 2.04
C LYS A 67 6.04 5.43 0.60
N THR A 68 6.61 4.31 0.14
CA THR A 68 6.35 3.86 -1.17
C THR A 68 5.64 2.53 -1.12
N VAL A 69 5.34 2.00 -2.28
CA VAL A 69 4.75 0.70 -2.40
C VAL A 69 5.82 -0.34 -2.45
N GLY A 70 7.04 0.12 -2.65
CA GLY A 70 8.16 -0.78 -2.59
C GLY A 70 8.44 -1.10 -1.15
N ASP A 71 8.15 -0.13 -0.33
CA ASP A 71 8.21 -0.25 1.11
C ASP A 71 7.07 -1.11 1.57
N ALA A 72 5.86 -0.65 1.26
CA ALA A 72 4.61 -1.28 1.70
C ALA A 72 4.60 -2.74 1.44
N THR A 73 4.71 -3.06 0.20
CA THR A 73 4.60 -4.39 -0.27
C THR A 73 5.61 -5.32 0.36
N LYS A 74 6.85 -4.89 0.39
CA LYS A 74 7.91 -5.63 1.00
C LYS A 74 7.56 -5.92 2.43
N TYR A 75 7.16 -4.89 3.15
CA TYR A 75 6.79 -4.96 4.54
C TYR A 75 5.67 -5.98 4.75
N ILE A 76 4.64 -5.81 3.97
CA ILE A 76 3.45 -6.62 3.99
C ILE A 76 3.82 -8.08 3.84
N LEU A 77 4.34 -8.42 2.69
CA LEU A 77 4.68 -9.79 2.31
C LEU A 77 5.60 -10.39 3.37
N ASP A 78 6.57 -9.58 3.80
CA ASP A 78 7.64 -9.99 4.68
C ASP A 78 7.13 -10.44 6.02
N HIS A 79 5.99 -9.93 6.39
CA HIS A 79 5.38 -10.24 7.66
C HIS A 79 4.24 -11.24 7.58
N GLN A 80 3.81 -11.62 6.39
CA GLN A 80 2.66 -12.56 6.29
C GLN A 80 2.95 -13.83 5.57
N ALA A 81 3.56 -13.67 4.51
CA ALA A 81 3.89 -14.74 3.63
C ALA A 81 5.31 -15.21 3.86
C1 SYO B . 1.60 6.15 5.12
S1 SYO B . 0.49 7.36 5.96
C2 SYO B . 1.25 5.97 3.67
C3 SYO B . 2.10 5.00 2.92
O3 SYO B . 2.75 5.34 1.92
C4 SYO B . 2.07 3.58 3.36
C5 SYO B . 1.23 2.73 2.48
C6 SYO B . 1.15 1.34 3.03
C7 SYO B . 0.25 0.47 2.25
C8 SYO B . 0.25 -0.89 2.89
O23 SYO B . -0.49 15.12 4.57
P24 SYO B . 0.05 13.93 5.31
O26 SYO B . -0.37 13.69 6.71
O27 SYO B . 1.61 13.98 5.24
C28 SYO B . 2.37 12.83 5.80
C29 SYO B . 3.89 13.12 5.81
C30 SYO B . 4.06 14.57 6.22
C31 SYO B . 4.60 12.23 6.84
C32 SYO B . 4.54 12.90 4.35
O33 SYO B . 5.78 13.60 4.24
C34 SYO B . 4.82 11.46 4.02
O35 SYO B . 5.97 11.14 3.68
N36 SYO B . 3.85 10.62 4.10
C37 SYO B . 3.95 9.16 3.81
C38 SYO B . 4.86 8.42 4.82
C39 SYO B . 4.40 8.56 6.24
O40 SYO B . 5.18 8.86 7.15
N41 SYO B . 3.13 8.38 6.40
C42 SYO B . 2.44 8.46 7.61
C43 SYO B . 1.22 7.57 7.61
H1 SYO B . 1.47 5.19 5.58
H1A SYO B . 2.62 6.50 5.23
H2 SYO B . 1.35 6.92 3.19
H2A SYO B . 0.22 5.64 3.59
H4 SYO B . 1.64 3.55 4.35
H4A SYO B . 3.08 3.18 3.39
H5 SYO B . 1.66 2.69 1.49
H5A SYO B . 0.23 3.15 2.42
H6 SYO B . 0.80 1.40 4.05
H6A SYO B . 2.14 0.91 3.02
H7 SYO B . 0.60 0.36 1.24
H7A SYO B . -0.76 0.86 2.27
H8 SYO B . -0.39 -1.56 2.35
H8A SYO B . -0.08 -0.80 3.92
H8B SYO B . 1.26 -1.28 2.88
H28 SYO B . 1.98 12.63 6.79
H28A SYO B . 2.18 11.97 5.18
H30 SYO B . 3.52 15.16 5.50
H30A SYO B . 5.11 14.83 6.21
H30B SYO B . 3.63 14.70 7.20
H31 SYO B . 5.66 12.44 6.84
H31A SYO B . 4.43 11.19 6.60
H31B SYO B . 4.18 12.43 7.82
H32 SYO B . 3.82 13.21 3.61
HO33 SYO B . 6.39 12.86 4.07
HN36 SYO B . 3.01 11.03 4.37
H37 SYO B . 2.96 8.74 3.88
H37A SYO B . 4.35 9.02 2.81
H38 SYO B . 4.80 7.36 4.61
H38A SYO B . 5.88 8.76 4.75
HN41 SYO B . 2.57 8.13 5.63
H42 SYO B . 3.08 8.30 8.46
H42A SYO B . 2.06 9.48 7.67
H43 SYO B . 0.50 7.88 8.34
H43A SYO B . 1.62 6.62 7.94
N ALA A 1 -2.44 -15.07 3.24
CA ALA A 1 -1.14 -14.71 2.65
C ALA A 1 -1.30 -14.47 1.17
N ALA A 2 -0.70 -13.41 0.69
CA ALA A 2 -0.78 -12.99 -0.67
C ALA A 2 0.55 -12.33 -1.00
N THR A 3 1.14 -12.70 -2.10
CA THR A 3 2.47 -12.24 -2.44
C THR A 3 2.42 -10.83 -3.07
N GLN A 4 3.58 -10.31 -3.44
CA GLN A 4 3.73 -8.96 -4.02
C GLN A 4 2.79 -8.70 -5.17
N GLU A 5 2.70 -9.64 -6.10
CA GLU A 5 1.81 -9.48 -7.24
C GLU A 5 0.36 -9.36 -6.83
N GLU A 6 0.05 -9.88 -5.67
CA GLU A 6 -1.27 -9.78 -5.15
C GLU A 6 -1.39 -8.48 -4.33
N ILE A 7 -0.27 -8.06 -3.73
CA ILE A 7 -0.26 -6.91 -2.86
C ILE A 7 -0.33 -5.63 -3.68
N VAL A 8 0.67 -5.36 -4.45
CA VAL A 8 0.72 -4.16 -5.29
C VAL A 8 -0.51 -4.03 -6.18
N ALA A 9 -0.97 -5.12 -6.74
CA ALA A 9 -2.15 -5.08 -7.57
C ALA A 9 -3.37 -4.63 -6.76
N GLY A 10 -3.46 -5.14 -5.54
CA GLY A 10 -4.57 -4.83 -4.69
C GLY A 10 -4.43 -3.47 -4.05
N LEU A 11 -3.21 -3.12 -3.75
CA LEU A 11 -2.90 -1.87 -3.11
C LEU A 11 -3.19 -0.76 -4.08
N ALA A 12 -2.87 -1.00 -5.35
CA ALA A 12 -3.20 -0.08 -6.41
C ALA A 12 -4.67 0.18 -6.38
N GLU A 13 -5.46 -0.90 -6.35
CA GLU A 13 -6.91 -0.82 -6.34
C GLU A 13 -7.44 -0.05 -5.16
N ILE A 14 -6.87 -0.28 -4.00
CA ILE A 14 -7.22 0.46 -2.78
C ILE A 14 -7.03 1.96 -3.02
N VAL A 15 -5.94 2.31 -3.67
CA VAL A 15 -5.61 3.69 -3.93
C VAL A 15 -6.57 4.30 -4.94
N ASN A 16 -7.15 3.44 -5.75
CA ASN A 16 -8.11 3.87 -6.76
C ASN A 16 -9.40 4.23 -6.05
N GLU A 17 -9.78 3.39 -5.10
CA GLU A 17 -11.00 3.56 -4.33
C GLU A 17 -10.90 4.74 -3.37
N ILE A 18 -9.82 4.79 -2.64
CA ILE A 18 -9.60 5.83 -1.64
C ILE A 18 -9.43 7.21 -2.29
N ALA A 19 -8.52 7.32 -3.23
CA ALA A 19 -8.22 8.60 -3.83
C ALA A 19 -8.66 8.66 -5.28
N GLY A 20 -7.90 8.08 -6.16
CA GLY A 20 -8.25 8.09 -7.55
C GLY A 20 -7.08 7.82 -8.46
N ILE A 21 -6.28 6.85 -8.09
CA ILE A 21 -5.19 6.43 -8.94
C ILE A 21 -5.73 5.52 -10.04
N PRO A 22 -5.11 5.49 -11.19
CA PRO A 22 -5.55 4.69 -12.34
C PRO A 22 -4.96 3.28 -12.34
N VAL A 23 -4.83 2.66 -11.17
CA VAL A 23 -4.25 1.28 -10.92
C VAL A 23 -2.80 1.02 -11.46
N GLU A 24 -2.39 1.79 -12.43
CA GLU A 24 -1.09 1.63 -13.08
C GLU A 24 -0.02 2.43 -12.37
N ASP A 25 -0.44 3.44 -11.66
CA ASP A 25 0.49 4.38 -11.06
C ASP A 25 1.20 3.77 -9.88
N VAL A 26 0.48 2.92 -9.20
CA VAL A 26 0.98 2.30 -7.98
C VAL A 26 1.95 1.15 -8.29
N LYS A 27 3.23 1.46 -8.30
CA LYS A 27 4.27 0.50 -8.53
C LYS A 27 5.23 0.55 -7.38
N LEU A 28 5.98 -0.51 -7.18
CA LEU A 28 6.98 -0.57 -6.13
C LEU A 28 7.94 0.58 -6.24
N ASP A 29 8.31 1.10 -5.08
CA ASP A 29 9.30 2.20 -4.91
C ASP A 29 8.67 3.55 -5.24
N LYS A 30 7.37 3.54 -5.41
CA LYS A 30 6.65 4.76 -5.64
C LYS A 30 6.02 5.19 -4.38
N SER A 31 6.24 6.38 -4.06
CA SER A 31 5.67 7.01 -2.92
C SER A 31 4.22 7.32 -3.16
N PHE A 32 3.36 6.77 -2.36
CA PHE A 32 1.95 6.98 -2.43
C PHE A 32 1.58 8.48 -2.46
N THR A 33 2.03 9.21 -1.48
CA THR A 33 1.81 10.62 -1.41
C THR A 33 2.53 11.36 -2.52
N ASP A 34 3.81 11.17 -2.54
CA ASP A 34 4.74 11.95 -3.30
C ASP A 34 4.88 11.56 -4.76
N ASP A 35 4.91 10.29 -5.02
CA ASP A 35 5.07 9.78 -6.40
C ASP A 35 3.75 9.57 -7.05
N LEU A 36 2.85 8.99 -6.31
CA LEU A 36 1.55 8.65 -6.84
C LEU A 36 0.69 9.89 -6.94
N ASP A 37 -0.04 10.18 -5.87
CA ASP A 37 -1.01 11.31 -5.79
C ASP A 37 -1.95 11.09 -4.59
N VAL A 38 -1.63 10.10 -3.77
CA VAL A 38 -2.50 9.69 -2.70
C VAL A 38 -2.39 10.67 -1.58
N ASP A 39 -3.51 11.28 -1.28
CA ASP A 39 -3.57 12.25 -0.23
C ASP A 39 -3.14 11.65 1.11
N SER A 40 -2.12 12.25 1.65
CA SER A 40 -1.53 11.99 2.93
C SER A 40 -2.52 11.72 4.11
N LEU A 41 -3.71 12.30 4.12
CA LEU A 41 -4.61 12.02 5.23
C LEU A 41 -5.43 10.75 4.97
N SER A 42 -5.74 10.52 3.71
CA SER A 42 -6.47 9.33 3.27
C SER A 42 -5.52 8.14 3.20
N MET A 43 -4.27 8.47 3.24
CA MET A 43 -3.14 7.60 3.13
C MET A 43 -3.16 6.58 4.24
N VAL A 44 -3.60 7.01 5.40
CA VAL A 44 -3.69 6.15 6.56
C VAL A 44 -4.75 5.02 6.35
N GLU A 45 -5.73 5.27 5.48
CA GLU A 45 -6.75 4.25 5.19
C GLU A 45 -6.18 3.22 4.26
N VAL A 46 -5.41 3.69 3.29
CA VAL A 46 -4.85 2.86 2.23
C VAL A 46 -3.93 1.75 2.80
N VAL A 47 -3.38 2.01 3.96
CA VAL A 47 -2.43 1.06 4.58
C VAL A 47 -3.16 -0.03 5.25
N VAL A 48 -4.10 0.37 5.97
CA VAL A 48 -4.95 -0.51 6.72
C VAL A 48 -5.75 -1.36 5.74
N ALA A 49 -6.19 -0.73 4.65
CA ALA A 49 -6.95 -1.39 3.67
C ALA A 49 -6.10 -2.42 2.96
N ALA A 50 -4.83 -2.10 2.85
CA ALA A 50 -3.86 -2.97 2.25
C ALA A 50 -3.69 -4.22 3.09
N GLU A 51 -3.30 -4.06 4.33
CA GLU A 51 -3.03 -5.18 5.17
C GLU A 51 -4.24 -6.08 5.42
N GLU A 52 -5.42 -5.49 5.50
CA GLU A 52 -6.69 -6.20 5.60
C GLU A 52 -6.88 -7.15 4.43
N ARG A 53 -6.53 -6.67 3.27
CA ARG A 53 -6.78 -7.37 2.05
C ARG A 53 -5.71 -8.42 1.80
N PHE A 54 -4.47 -8.07 2.08
CA PHE A 54 -3.38 -8.97 1.71
C PHE A 54 -3.14 -10.06 2.71
N ASP A 55 -3.13 -9.71 4.03
CA ASP A 55 -2.95 -10.71 5.14
C ASP A 55 -2.39 -10.07 6.41
N VAL A 56 -1.46 -9.18 6.23
CA VAL A 56 -0.61 -8.72 7.30
C VAL A 56 -1.33 -7.74 8.26
N LYS A 57 -0.65 -7.36 9.32
CA LYS A 57 -1.09 -6.33 10.24
C LYS A 57 -0.04 -5.27 10.22
N ILE A 58 -0.41 -4.05 9.99
CA ILE A 58 0.57 -2.99 9.95
C ILE A 58 0.26 -1.96 11.04
N PRO A 59 1.12 -1.85 12.06
CA PRO A 59 0.98 -0.88 13.16
C PRO A 59 1.20 0.53 12.66
N ASP A 60 0.65 1.54 13.35
CA ASP A 60 0.76 2.96 12.95
C ASP A 60 2.20 3.38 12.70
N ASP A 61 3.14 2.77 13.45
CA ASP A 61 4.57 3.04 13.27
C ASP A 61 5.04 2.55 11.92
N ASP A 62 4.78 1.28 11.63
CA ASP A 62 5.19 0.70 10.36
C ASP A 62 4.45 1.29 9.20
N VAL A 63 3.20 1.67 9.44
CA VAL A 63 2.38 2.40 8.49
C VAL A 63 3.17 3.59 7.95
N LYS A 64 3.56 4.46 8.85
CA LYS A 64 4.28 5.69 8.50
C LYS A 64 5.73 5.45 8.05
N ASN A 65 6.18 4.20 8.07
CA ASN A 65 7.51 3.85 7.65
C ASN A 65 7.49 3.43 6.20
N LEU A 66 6.32 3.11 5.74
CA LEU A 66 6.14 2.76 4.39
C LEU A 66 5.96 4.06 3.65
N LYS A 67 6.85 4.37 2.78
CA LYS A 67 6.68 5.61 2.04
C LYS A 67 6.39 5.31 0.61
N THR A 68 6.92 4.20 0.13
CA THR A 68 6.67 3.80 -1.19
C THR A 68 5.98 2.48 -1.18
N VAL A 69 5.58 2.05 -2.35
CA VAL A 69 4.95 0.78 -2.51
C VAL A 69 6.00 -0.29 -2.34
N GLY A 70 7.26 0.12 -2.49
CA GLY A 70 8.34 -0.83 -2.35
C GLY A 70 8.47 -1.24 -0.91
N ASP A 71 8.34 -0.27 -0.03
CA ASP A 71 8.40 -0.53 1.41
C ASP A 71 7.21 -1.33 1.80
N ALA A 72 6.03 -0.79 1.46
CA ALA A 72 4.74 -1.33 1.85
C ALA A 72 4.63 -2.76 1.53
N THR A 73 4.73 -3.05 0.28
CA THR A 73 4.56 -4.35 -0.25
C THR A 73 5.52 -5.35 0.37
N LYS A 74 6.79 -5.00 0.35
CA LYS A 74 7.81 -5.79 0.94
C LYS A 74 7.47 -6.10 2.37
N TYR A 75 7.11 -5.07 3.11
CA TYR A 75 6.76 -5.17 4.52
C TYR A 75 5.62 -6.15 4.72
N ILE A 76 4.57 -5.93 3.96
CA ILE A 76 3.38 -6.72 4.00
C ILE A 76 3.74 -8.20 3.85
N LEU A 77 4.25 -8.56 2.69
CA LEU A 77 4.63 -9.92 2.32
C LEU A 77 5.58 -10.51 3.36
N ASP A 78 6.56 -9.69 3.75
CA ASP A 78 7.67 -10.09 4.61
C ASP A 78 7.19 -10.53 5.96
N HIS A 79 6.10 -9.95 6.38
CA HIS A 79 5.55 -10.26 7.66
C HIS A 79 4.37 -11.22 7.60
N GLN A 80 3.82 -11.51 6.41
CA GLN A 80 2.71 -12.47 6.35
C GLN A 80 3.29 -13.83 6.39
N ALA A 81 4.19 -14.00 5.52
CA ALA A 81 4.84 -15.24 5.30
C ALA A 81 6.12 -15.31 6.09
C1 SYO B . 0.49 6.26 5.72
S1 SYO B . 0.27 6.99 7.36
C2 SYO B . 1.91 6.01 5.31
C3 SYO B . 2.02 5.53 3.92
O3 SYO B . 2.02 6.32 2.97
C4 SYO B . 2.11 4.08 3.71
C5 SYO B . 1.01 3.52 2.86
C6 SYO B . 1.12 2.02 2.83
C7 SYO B . 0.02 1.39 2.04
C8 SYO B . 0.16 -0.10 2.15
O23 SYO B . 0.22 15.52 4.22
P24 SYO B . 0.48 14.35 5.13
O26 SYO B . -0.07 14.38 6.49
O27 SYO B . 2.02 14.14 5.22
C28 SYO B . 2.49 12.94 5.93
C29 SYO B . 4.00 13.08 6.19
C30 SYO B . 4.17 14.38 6.89
C31 SYO B . 4.48 11.95 7.09
C32 SYO B . 4.84 13.10 4.82
O33 SYO B . 6.14 13.64 5.03
C34 SYO B . 4.98 11.74 4.18
O35 SYO B . 6.10 11.33 3.88
N36 SYO B . 3.89 11.07 3.96
C37 SYO B . 3.81 9.72 3.36
C38 SYO B . 4.55 8.65 4.19
C39 SYO B . 4.20 8.68 5.65
O40 SYO B . 5.07 8.65 6.53
N41 SYO B . 2.92 8.79 5.89
C42 SYO B . 2.35 8.87 7.19
C43 SYO B . 0.85 8.68 7.17
H1 SYO B . 0.07 6.90 4.97
H1A SYO B . -0.02 5.30 5.73
H2 SYO B . 2.28 5.23 5.96
H2A SYO B . 2.50 6.90 5.40
H4 SYO B . 2.09 3.60 4.68
H4A SYO B . 3.07 3.93 3.26
H5 SYO B . 1.11 3.90 1.85
H5A SYO B . 0.05 3.79 3.27
H6 SYO B . 1.08 1.66 3.84
H6A SYO B . 2.07 1.76 2.38
H7 SYO B . 0.11 1.66 0.99
H7A SYO B . -0.93 1.70 2.43
H8 SYO B . 1.12 -0.40 1.76
H8A SYO B . -0.63 -0.58 1.58
H8B SYO B . 0.08 -0.39 3.18
H28 SYO B . 1.93 12.84 6.84
H28A SYO B . 2.33 12.08 5.29
H30 SYO B . 3.77 15.14 6.24
H30A SYO B . 5.22 14.56 7.09
H30B SYO B . 3.59 14.35 7.80
H31 SYO B . 3.97 11.99 8.03
H31A SYO B . 5.55 12.06 7.25
H31B SYO B . 4.29 11.00 6.61
H32 SYO B . 4.27 13.66 4.10
HO33 SYO B . 6.68 13.08 4.45
HN36 SYO B . 3.09 11.54 4.24
H37 SYO B . 2.76 9.44 3.36
H37A SYO B . 4.18 9.76 2.35
H38 SYO B . 4.25 7.69 3.80
H38A SYO B . 5.62 8.78 4.06
HN41 SYO B . 2.33 8.83 5.12
H42 SYO B . 2.84 8.21 7.89
H42A SYO B . 2.50 9.88 7.54
H43 SYO B . 0.47 9.10 6.24
H43A SYO B . 0.44 9.26 7.99
N ALA A 1 -2.50 -14.18 1.58
CA ALA A 1 -1.07 -14.05 1.81
C ALA A 1 -0.35 -14.93 0.83
N ALA A 2 0.36 -14.33 -0.09
CA ALA A 2 1.02 -15.08 -1.14
C ALA A 2 2.25 -14.37 -1.65
N THR A 3 2.03 -13.27 -2.36
CA THR A 3 3.13 -12.57 -2.96
C THR A 3 2.76 -11.11 -3.28
N GLN A 4 3.78 -10.34 -3.67
CA GLN A 4 3.68 -8.94 -4.09
C GLN A 4 2.64 -8.73 -5.16
N GLU A 5 2.53 -9.68 -6.05
CA GLU A 5 1.59 -9.62 -7.17
C GLU A 5 0.15 -9.40 -6.69
N GLU A 6 -0.18 -9.97 -5.55
CA GLU A 6 -1.52 -9.82 -4.97
C GLU A 6 -1.59 -8.50 -4.18
N ILE A 7 -0.46 -8.09 -3.64
CA ILE A 7 -0.39 -6.92 -2.78
C ILE A 7 -0.52 -5.66 -3.62
N VAL A 8 0.44 -5.41 -4.44
CA VAL A 8 0.44 -4.25 -5.34
C VAL A 8 -0.83 -4.15 -6.18
N ALA A 9 -1.34 -5.28 -6.64
CA ALA A 9 -2.57 -5.26 -7.39
C ALA A 9 -3.72 -4.72 -6.52
N GLY A 10 -3.73 -5.16 -5.28
CA GLY A 10 -4.75 -4.78 -4.36
C GLY A 10 -4.57 -3.41 -3.84
N LEU A 11 -3.34 -3.08 -3.59
CA LEU A 11 -2.96 -1.84 -3.02
C LEU A 11 -3.25 -0.73 -4.02
N ALA A 12 -3.00 -0.99 -5.30
CA ALA A 12 -3.30 -0.04 -6.35
C ALA A 12 -4.77 0.29 -6.33
N GLU A 13 -5.60 -0.75 -6.16
CA GLU A 13 -7.05 -0.60 -6.11
C GLU A 13 -7.47 0.26 -4.94
N ILE A 14 -6.84 0.04 -3.83
CA ILE A 14 -7.13 0.82 -2.63
C ILE A 14 -6.81 2.31 -2.90
N VAL A 15 -5.72 2.55 -3.57
CA VAL A 15 -5.29 3.90 -3.88
C VAL A 15 -6.19 4.52 -4.96
N ASN A 16 -6.84 3.65 -5.74
CA ASN A 16 -7.80 4.08 -6.77
C ASN A 16 -9.05 4.55 -6.07
N GLU A 17 -9.57 3.67 -5.23
CA GLU A 17 -10.84 3.85 -4.57
C GLU A 17 -10.81 4.91 -3.49
N ILE A 18 -9.79 4.92 -2.65
CA ILE A 18 -9.72 5.91 -1.60
C ILE A 18 -9.29 7.27 -2.15
N ALA A 19 -8.18 7.29 -2.85
CA ALA A 19 -7.68 8.55 -3.37
C ALA A 19 -8.21 8.79 -4.77
N GLY A 20 -7.60 8.18 -5.73
CA GLY A 20 -8.02 8.32 -7.10
C GLY A 20 -6.90 8.10 -8.04
N ILE A 21 -6.10 7.14 -7.74
CA ILE A 21 -5.00 6.79 -8.55
C ILE A 21 -5.47 5.88 -9.68
N PRO A 22 -4.70 5.75 -10.75
CA PRO A 22 -4.96 4.78 -11.78
C PRO A 22 -4.22 3.47 -11.42
N VAL A 23 -4.84 2.34 -11.68
CA VAL A 23 -4.35 1.02 -11.24
C VAL A 23 -3.07 0.52 -12.02
N GLU A 24 -2.13 1.41 -12.17
CA GLU A 24 -0.84 1.13 -12.80
C GLU A 24 0.26 1.95 -12.16
N ASP A 25 -0.14 3.04 -11.52
CA ASP A 25 0.80 3.96 -10.89
C ASP A 25 1.41 3.39 -9.64
N VAL A 26 0.61 2.66 -8.90
CA VAL A 26 1.04 2.10 -7.63
C VAL A 26 1.94 0.91 -7.88
N LYS A 27 3.23 1.16 -7.92
CA LYS A 27 4.20 0.13 -8.10
C LYS A 27 5.28 0.32 -7.08
N LEU A 28 6.14 -0.62 -6.95
CA LEU A 28 7.20 -0.54 -5.99
C LEU A 28 8.11 0.61 -6.37
N ASP A 29 8.68 1.25 -5.36
CA ASP A 29 9.59 2.40 -5.50
C ASP A 29 8.79 3.68 -5.78
N LYS A 30 7.48 3.57 -5.67
CA LYS A 30 6.61 4.69 -5.87
C LYS A 30 6.09 5.16 -4.57
N SER A 31 6.29 6.37 -4.35
CA SER A 31 5.90 7.03 -3.14
C SER A 31 4.43 7.40 -3.25
N PHE A 32 3.63 6.73 -2.51
CA PHE A 32 2.19 6.94 -2.40
C PHE A 32 1.77 8.42 -2.46
N THR A 33 2.12 9.17 -1.49
CA THR A 33 1.65 10.55 -1.41
C THR A 33 2.54 11.54 -2.22
N ASP A 34 3.38 11.01 -3.09
CA ASP A 34 4.30 11.85 -3.87
C ASP A 34 4.29 11.44 -5.32
N ASP A 35 4.77 10.25 -5.56
CA ASP A 35 4.84 9.68 -6.90
C ASP A 35 3.47 9.40 -7.41
N LEU A 36 2.63 8.88 -6.54
CA LEU A 36 1.29 8.50 -6.91
C LEU A 36 0.39 9.71 -6.97
N ASP A 37 0.42 10.51 -5.88
CA ASP A 37 -0.40 11.73 -5.70
C ASP A 37 -1.65 11.42 -4.96
N VAL A 38 -1.45 11.12 -3.72
CA VAL A 38 -2.54 10.84 -2.81
C VAL A 38 -2.74 12.03 -1.84
N ASP A 39 -3.90 12.09 -1.18
CA ASP A 39 -4.29 13.19 -0.25
C ASP A 39 -3.54 13.14 1.09
N SER A 40 -2.61 12.19 1.22
CA SER A 40 -1.79 11.93 2.42
C SER A 40 -2.62 11.39 3.62
N LEU A 41 -3.73 12.03 3.90
CA LEU A 41 -4.65 11.65 4.98
C LEU A 41 -5.18 10.27 4.69
N SER A 42 -5.63 10.12 3.48
CA SER A 42 -6.23 8.92 2.97
C SER A 42 -5.25 7.74 2.96
N MET A 43 -3.97 8.03 3.06
CA MET A 43 -2.92 7.05 2.99
C MET A 43 -2.96 6.11 4.13
N VAL A 44 -3.36 6.62 5.28
CA VAL A 44 -3.46 5.80 6.47
C VAL A 44 -4.56 4.73 6.25
N GLU A 45 -5.65 5.13 5.58
CA GLU A 45 -6.77 4.25 5.28
C GLU A 45 -6.27 3.15 4.36
N VAL A 46 -5.50 3.57 3.36
CA VAL A 46 -4.90 2.70 2.35
C VAL A 46 -4.02 1.61 2.98
N VAL A 47 -3.52 1.86 4.15
CA VAL A 47 -2.63 0.92 4.83
C VAL A 47 -3.47 -0.17 5.42
N VAL A 48 -4.43 0.25 6.20
CA VAL A 48 -5.36 -0.64 6.85
C VAL A 48 -6.14 -1.43 5.80
N ALA A 49 -6.36 -0.81 4.66
CA ALA A 49 -7.06 -1.46 3.61
C ALA A 49 -6.16 -2.46 2.91
N ALA A 50 -4.88 -2.14 2.88
CA ALA A 50 -3.88 -2.99 2.28
C ALA A 50 -3.74 -4.26 3.10
N GLU A 51 -3.32 -4.13 4.33
CA GLU A 51 -3.02 -5.28 5.16
C GLU A 51 -4.23 -6.20 5.40
N GLU A 52 -5.40 -5.61 5.56
CA GLU A 52 -6.64 -6.38 5.69
C GLU A 52 -6.89 -7.29 4.48
N ARG A 53 -6.44 -6.86 3.31
CA ARG A 53 -6.61 -7.67 2.12
C ARG A 53 -5.43 -8.64 1.96
N PHE A 54 -4.24 -8.23 2.37
CA PHE A 54 -3.02 -9.01 2.09
C PHE A 54 -2.63 -9.92 3.21
N ASP A 55 -3.39 -9.87 4.28
CA ASP A 55 -3.25 -10.77 5.46
C ASP A 55 -2.14 -10.35 6.40
N VAL A 56 -1.41 -9.31 6.06
CA VAL A 56 -0.37 -8.83 6.95
C VAL A 56 -1.03 -7.89 7.98
N LYS A 57 -0.29 -7.36 8.91
CA LYS A 57 -0.85 -6.43 9.84
C LYS A 57 0.11 -5.28 9.99
N ILE A 58 -0.39 -4.08 9.89
CA ILE A 58 0.47 -2.91 9.93
C ILE A 58 -0.06 -1.89 10.96
N PRO A 59 0.66 -1.70 12.08
CA PRO A 59 0.31 -0.68 13.08
C PRO A 59 0.68 0.70 12.56
N ASP A 60 0.20 1.77 13.21
CA ASP A 60 0.49 3.16 12.76
C ASP A 60 1.98 3.41 12.78
N ASP A 61 2.66 2.72 13.68
CA ASP A 61 4.11 2.80 13.81
C ASP A 61 4.80 2.30 12.53
N ASP A 62 4.27 1.27 11.93
CA ASP A 62 4.84 0.77 10.68
C ASP A 62 4.26 1.49 9.47
N VAL A 63 3.01 1.96 9.62
CA VAL A 63 2.33 2.78 8.60
C VAL A 63 3.23 3.96 8.22
N LYS A 64 3.76 4.60 9.25
CA LYS A 64 4.59 5.79 9.09
C LYS A 64 5.98 5.48 8.48
N ASN A 65 6.26 4.22 8.22
CA ASN A 65 7.52 3.81 7.66
C ASN A 65 7.41 3.66 6.17
N LEU A 66 6.27 3.21 5.71
CA LEU A 66 6.03 2.94 4.35
C LEU A 66 5.84 4.26 3.59
N LYS A 67 6.78 4.59 2.75
CA LYS A 67 6.67 5.80 1.96
C LYS A 67 6.36 5.46 0.52
N THR A 68 6.88 4.36 0.07
CA THR A 68 6.62 3.91 -1.24
C THR A 68 5.88 2.61 -1.14
N VAL A 69 5.35 2.14 -2.24
CA VAL A 69 4.71 0.86 -2.23
C VAL A 69 5.76 -0.22 -2.27
N GLY A 70 6.97 0.20 -2.56
CA GLY A 70 8.08 -0.72 -2.48
C GLY A 70 8.31 -1.08 -1.05
N ASP A 71 8.27 -0.07 -0.22
CA ASP A 71 8.46 -0.21 1.23
C ASP A 71 7.30 -1.02 1.79
N ALA A 72 6.08 -0.60 1.40
CA ALA A 72 4.84 -1.22 1.85
C ALA A 72 4.81 -2.67 1.54
N THR A 73 4.87 -2.96 0.28
CA THR A 73 4.72 -4.28 -0.23
C THR A 73 5.77 -5.26 0.32
N LYS A 74 6.99 -4.81 0.45
CA LYS A 74 8.05 -5.61 1.00
C LYS A 74 7.67 -5.98 2.40
N TYR A 75 7.30 -4.97 3.17
CA TYR A 75 6.89 -5.13 4.54
C TYR A 75 5.73 -6.11 4.63
N ILE A 76 4.75 -5.88 3.80
CA ILE A 76 3.55 -6.68 3.76
C ILE A 76 3.88 -8.14 3.50
N LEU A 77 4.39 -8.46 2.31
CA LEU A 77 4.70 -9.80 1.84
C LEU A 77 5.56 -10.52 2.86
N ASP A 78 6.57 -9.82 3.29
CA ASP A 78 7.62 -10.35 4.14
C ASP A 78 7.08 -10.73 5.50
N HIS A 79 6.04 -10.03 5.90
CA HIS A 79 5.42 -10.30 7.16
C HIS A 79 4.10 -11.07 7.03
N GLN A 80 3.64 -11.37 5.80
CA GLN A 80 2.43 -12.19 5.62
C GLN A 80 2.84 -13.58 5.85
N ALA A 81 3.67 -13.98 4.97
CA ALA A 81 4.21 -15.30 4.92
C ALA A 81 5.65 -15.29 5.40
C1 SYO B . 0.55 6.71 5.45
S1 SYO B . 0.55 8.12 6.63
C2 SYO B . 1.86 6.45 4.74
C3 SYO B . 1.68 5.64 3.48
O3 SYO B . 1.36 6.17 2.41
C4 SYO B . 1.92 4.15 3.54
C5 SYO B . 0.86 3.36 2.83
C6 SYO B . 1.09 1.89 3.01
C7 SYO B . 0.03 1.06 2.33
C8 SYO B . 0.32 -0.39 2.60
O23 SYO B . 0.14 15.26 5.05
P24 SYO B . -0.70 14.06 5.21
O26 SYO B . -1.63 13.97 6.36
O27 SYO B . 0.21 12.73 5.26
C28 SYO B . 1.13 12.45 6.42
C29 SYO B . 2.40 13.33 6.41
C30 SYO B . 2.09 14.62 7.11
C31 SYO B . 3.51 12.61 7.19
C32 SYO B . 2.92 13.57 4.90
O33 SYO B . 3.89 14.61 4.83
C34 SYO B . 3.49 12.33 4.23
O35 SYO B . 4.60 12.38 3.70
N36 SYO B . 2.74 11.26 4.26
C37 SYO B . 3.07 9.93 3.68
C38 SYO B . 4.37 9.32 4.24
C39 SYO B . 4.42 9.13 5.73
O40 SYO B . 5.49 9.18 6.36
N41 SYO B . 3.27 8.90 6.27
C42 SYO B . 3.02 8.66 7.65
C43 SYO B . 1.86 7.72 7.79
H1 SYO B . -0.18 6.90 4.68
H1A SYO B . 0.27 5.83 6.01
H2 SYO B . 2.46 5.88 5.42
H2A SYO B . 2.35 7.37 4.44
H4 SYO B . 1.98 3.85 4.57
H4A SYO B . 2.87 3.95 3.07
H5 SYO B . 0.87 3.60 1.78
H5A SYO B . -0.11 3.61 3.25
H6 SYO B . 1.10 1.66 4.07
H6A SYO B . 2.05 1.64 2.58
H7 SYO B . 0.08 1.23 1.27
H7A SYO B . -0.93 1.32 2.72
H8 SYO B . 0.31 -0.58 3.66
H8A SYO B . 1.30 -0.65 2.20
H8B SYO B . -0.43 -1.00 2.11
H28 SYO B . 0.58 12.63 7.33
H28A SYO B . 1.41 11.40 6.38
H30 SYO B . 2.97 15.25 7.12
H30A SYO B . 1.80 14.41 8.13
H30B SYO B . 1.29 15.13 6.60
H31 SYO B . 3.19 12.45 8.20
H31A SYO B . 4.41 13.21 7.18
H31B SYO B . 3.71 11.66 6.71
H32 SYO B . 2.05 13.80 4.30
HO33 SYO B . 4.60 14.17 4.34
HN36 SYO B . 1.88 11.42 4.70
H37 SYO B . 2.25 9.27 3.90
H37A SYO B . 3.16 10.05 2.61
H38 SYO B . 4.40 8.32 3.83
H38A SYO B . 5.23 9.89 3.91
HN41 SYO B . 2.49 8.85 5.69
H42 SYO B . 3.92 8.35 8.16
H42A SYO B . 2.70 9.61 8.09
H43 SYO B . 1.49 7.72 8.80
H43A SYO B . 2.24 6.73 7.56
N ALA A 1 -2.52 -14.01 2.07
CA ALA A 1 -1.09 -13.87 2.29
C ALA A 1 -0.37 -14.64 1.21
N ALA A 2 0.16 -13.95 0.23
CA ALA A 2 0.78 -14.64 -0.87
C ALA A 2 2.06 -13.96 -1.30
N THR A 3 1.93 -12.81 -1.94
CA THR A 3 3.09 -12.14 -2.47
C THR A 3 2.74 -10.74 -2.97
N GLN A 4 3.74 -10.06 -3.50
CA GLN A 4 3.65 -8.73 -4.05
C GLN A 4 2.64 -8.62 -5.16
N GLU A 5 2.53 -9.69 -5.94
CA GLU A 5 1.62 -9.72 -7.08
C GLU A 5 0.17 -9.57 -6.63
N GLU A 6 -0.09 -9.93 -5.39
CA GLU A 6 -1.37 -9.72 -4.77
C GLU A 6 -1.40 -8.32 -4.13
N ILE A 7 -0.29 -7.97 -3.44
CA ILE A 7 -0.24 -6.74 -2.68
C ILE A 7 -0.34 -5.52 -3.55
N VAL A 8 0.63 -5.31 -4.39
CA VAL A 8 0.66 -4.15 -5.26
C VAL A 8 -0.57 -4.03 -6.12
N ALA A 9 -1.05 -5.16 -6.61
CA ALA A 9 -2.24 -5.16 -7.44
C ALA A 9 -3.46 -4.69 -6.63
N GLY A 10 -3.49 -5.07 -5.38
CA GLY A 10 -4.59 -4.75 -4.53
C GLY A 10 -4.48 -3.39 -3.94
N LEU A 11 -3.29 -3.04 -3.55
CA LEU A 11 -3.00 -1.80 -2.93
C LEU A 11 -3.24 -0.70 -3.95
N ALA A 12 -2.92 -0.99 -5.21
CA ALA A 12 -3.19 -0.09 -6.30
C ALA A 12 -4.65 0.24 -6.33
N GLU A 13 -5.49 -0.81 -6.32
CA GLU A 13 -6.94 -0.68 -6.36
C GLU A 13 -7.47 0.15 -5.23
N ILE A 14 -6.93 -0.09 -4.06
CA ILE A 14 -7.30 0.68 -2.87
C ILE A 14 -7.02 2.18 -3.12
N VAL A 15 -5.89 2.47 -3.71
CA VAL A 15 -5.45 3.83 -3.97
C VAL A 15 -6.34 4.50 -5.02
N ASN A 16 -6.96 3.68 -5.83
CA ASN A 16 -7.85 4.17 -6.90
C ASN A 16 -9.14 4.62 -6.26
N GLU A 17 -9.61 3.81 -5.33
CA GLU A 17 -10.86 4.06 -4.64
C GLU A 17 -10.72 5.17 -3.60
N ILE A 18 -9.61 5.18 -2.88
CA ILE A 18 -9.36 6.21 -1.86
C ILE A 18 -9.09 7.59 -2.51
N ALA A 19 -8.15 7.65 -3.43
CA ALA A 19 -7.82 8.91 -4.07
C ALA A 19 -8.34 8.94 -5.49
N GLY A 20 -7.60 8.35 -6.39
CA GLY A 20 -8.02 8.30 -7.78
C GLY A 20 -6.91 7.95 -8.70
N ILE A 21 -6.12 6.97 -8.31
CA ILE A 21 -5.02 6.51 -9.13
C ILE A 21 -5.54 5.57 -10.22
N PRO A 22 -4.88 5.50 -11.37
CA PRO A 22 -5.29 4.64 -12.49
C PRO A 22 -4.76 3.20 -12.40
N VAL A 23 -4.63 2.67 -11.18
CA VAL A 23 -4.14 1.28 -10.84
C VAL A 23 -2.73 0.88 -11.38
N GLU A 24 -2.26 1.57 -12.39
CA GLU A 24 -1.01 1.22 -13.04
C GLU A 24 0.17 2.00 -12.50
N ASP A 25 -0.10 3.05 -11.77
CA ASP A 25 0.96 3.94 -11.29
C ASP A 25 1.58 3.39 -10.02
N VAL A 26 0.76 2.65 -9.30
CA VAL A 26 1.16 2.05 -8.04
C VAL A 26 2.10 0.88 -8.32
N LYS A 27 3.37 1.16 -8.30
CA LYS A 27 4.40 0.17 -8.52
C LYS A 27 5.38 0.34 -7.43
N LEU A 28 6.05 -0.71 -7.07
CA LEU A 28 7.08 -0.67 -6.05
C LEU A 28 8.07 0.47 -6.36
N ASP A 29 8.53 1.11 -5.30
CA ASP A 29 9.50 2.24 -5.34
C ASP A 29 8.76 3.58 -5.60
N LYS A 30 7.42 3.53 -5.65
CA LYS A 30 6.61 4.73 -5.83
C LYS A 30 6.02 5.12 -4.53
N SER A 31 6.11 6.32 -4.24
CA SER A 31 5.55 6.89 -3.06
C SER A 31 4.11 7.29 -3.32
N PHE A 32 3.23 6.67 -2.63
CA PHE A 32 1.81 6.90 -2.69
C PHE A 32 1.42 8.41 -2.67
N THR A 33 1.64 9.12 -1.59
CA THR A 33 1.20 10.51 -1.55
C THR A 33 2.07 11.41 -2.43
N ASP A 34 3.30 10.99 -2.65
CA ASP A 34 4.28 11.80 -3.35
C ASP A 34 4.20 11.58 -4.85
N ASP A 35 4.49 10.36 -5.26
CA ASP A 35 4.53 9.96 -6.66
C ASP A 35 3.13 9.83 -7.19
N LEU A 36 2.37 8.99 -6.54
CA LEU A 36 1.05 8.61 -7.01
C LEU A 36 0.09 9.78 -6.92
N ASP A 37 0.25 10.56 -5.84
CA ASP A 37 -0.54 11.72 -5.56
C ASP A 37 -1.83 11.31 -4.90
N VAL A 38 -1.66 10.78 -3.75
CA VAL A 38 -2.75 10.41 -2.88
C VAL A 38 -2.72 11.39 -1.72
N ASP A 39 -3.81 11.54 -1.03
CA ASP A 39 -3.80 12.39 0.16
C ASP A 39 -3.09 11.66 1.26
N SER A 40 -2.01 12.24 1.77
CA SER A 40 -1.23 11.70 2.84
C SER A 40 -2.10 11.27 4.05
N LEU A 41 -3.13 12.04 4.34
CA LEU A 41 -4.03 11.72 5.45
C LEU A 41 -4.90 10.49 5.14
N SER A 42 -5.19 10.26 3.86
CA SER A 42 -6.00 9.13 3.41
C SER A 42 -5.14 7.87 3.31
N MET A 43 -3.85 8.08 3.32
CA MET A 43 -2.88 7.02 3.22
C MET A 43 -3.03 6.04 4.32
N VAL A 44 -3.35 6.53 5.51
CA VAL A 44 -3.52 5.67 6.68
C VAL A 44 -4.60 4.60 6.37
N GLU A 45 -5.72 5.04 5.77
CA GLU A 45 -6.84 4.17 5.40
C GLU A 45 -6.32 3.08 4.48
N VAL A 46 -5.58 3.53 3.46
CA VAL A 46 -5.01 2.69 2.41
C VAL A 46 -4.09 1.60 2.99
N VAL A 47 -3.48 1.90 4.11
CA VAL A 47 -2.52 0.98 4.73
C VAL A 47 -3.28 -0.10 5.41
N VAL A 48 -4.25 0.31 6.19
CA VAL A 48 -5.11 -0.60 6.89
C VAL A 48 -5.86 -1.44 5.86
N ALA A 49 -6.23 -0.81 4.75
CA ALA A 49 -6.95 -1.48 3.72
C ALA A 49 -6.07 -2.53 3.05
N ALA A 50 -4.80 -2.18 2.94
CA ALA A 50 -3.81 -3.06 2.40
C ALA A 50 -3.69 -4.30 3.28
N GLU A 51 -3.37 -4.12 4.55
CA GLU A 51 -3.18 -5.25 5.44
C GLU A 51 -4.43 -6.14 5.60
N GLU A 52 -5.59 -5.51 5.64
CA GLU A 52 -6.87 -6.23 5.69
C GLU A 52 -7.03 -7.17 4.51
N ARG A 53 -6.58 -6.74 3.34
CA ARG A 53 -6.70 -7.55 2.15
C ARG A 53 -5.54 -8.56 2.01
N PHE A 54 -4.33 -8.16 2.39
CA PHE A 54 -3.15 -9.01 2.09
C PHE A 54 -2.77 -9.95 3.19
N ASP A 55 -3.38 -9.78 4.35
CA ASP A 55 -3.17 -10.63 5.58
C ASP A 55 -2.04 -10.20 6.45
N VAL A 56 -1.41 -9.12 6.14
CA VAL A 56 -0.37 -8.63 6.99
C VAL A 56 -1.06 -7.80 8.10
N LYS A 57 -0.34 -7.34 9.06
CA LYS A 57 -0.89 -6.44 10.00
C LYS A 57 0.07 -5.31 10.11
N ILE A 58 -0.39 -4.13 9.86
CA ILE A 58 0.52 -3.03 9.83
C ILE A 58 0.22 -2.07 10.98
N PRO A 59 1.09 -2.05 12.00
CA PRO A 59 0.96 -1.13 13.13
C PRO A 59 1.14 0.29 12.66
N ASP A 60 0.53 1.21 13.36
CA ASP A 60 0.59 2.64 13.02
C ASP A 60 2.04 3.11 12.88
N ASP A 61 2.91 2.52 13.68
CA ASP A 61 4.34 2.79 13.63
C ASP A 61 4.94 2.41 12.28
N ASP A 62 4.56 1.26 11.76
CA ASP A 62 5.07 0.80 10.47
C ASP A 62 4.27 1.33 9.31
N VAL A 63 3.03 1.72 9.57
CA VAL A 63 2.17 2.38 8.58
C VAL A 63 2.91 3.58 8.01
N LYS A 64 3.41 4.38 8.91
CA LYS A 64 4.10 5.61 8.59
C LYS A 64 5.56 5.34 8.15
N ASN A 65 5.96 4.08 8.16
CA ASN A 65 7.33 3.66 7.83
C ASN A 65 7.40 3.40 6.34
N LEU A 66 6.24 3.19 5.77
CA LEU A 66 6.11 2.90 4.40
C LEU A 66 5.97 4.21 3.68
N LYS A 67 6.89 4.51 2.83
CA LYS A 67 6.77 5.71 2.04
C LYS A 67 6.37 5.38 0.62
N THR A 68 6.91 4.29 0.09
CA THR A 68 6.55 3.84 -1.20
C THR A 68 5.74 2.57 -1.08
N VAL A 69 5.32 2.06 -2.21
CA VAL A 69 4.66 0.79 -2.27
C VAL A 69 5.70 -0.27 -2.34
N GLY A 70 6.93 0.16 -2.61
CA GLY A 70 8.03 -0.73 -2.53
C GLY A 70 8.19 -1.10 -1.09
N ASP A 71 8.21 -0.08 -0.27
CA ASP A 71 8.24 -0.16 1.17
C ASP A 71 7.10 -0.98 1.67
N ALA A 72 5.90 -0.55 1.30
CA ALA A 72 4.66 -1.17 1.76
C ALA A 72 4.67 -2.63 1.50
N THR A 73 4.77 -2.97 0.26
CA THR A 73 4.69 -4.34 -0.17
C THR A 73 5.78 -5.23 0.45
N LYS A 74 7.01 -4.73 0.44
CA LYS A 74 8.13 -5.45 1.00
C LYS A 74 7.97 -5.65 2.47
N TYR A 75 7.17 -4.82 3.08
CA TYR A 75 6.85 -4.95 4.45
C TYR A 75 5.76 -5.98 4.62
N ILE A 76 4.69 -5.77 3.89
CA ILE A 76 3.48 -6.58 3.92
C ILE A 76 3.80 -8.06 3.72
N LEU A 77 4.27 -8.42 2.54
CA LEU A 77 4.59 -9.78 2.13
C LEU A 77 5.52 -10.46 3.10
N ASP A 78 6.44 -9.70 3.54
CA ASP A 78 7.52 -10.13 4.41
C ASP A 78 7.02 -10.41 5.81
N HIS A 79 5.96 -9.76 6.18
CA HIS A 79 5.34 -9.96 7.46
C HIS A 79 4.07 -10.82 7.38
N GLN A 80 3.58 -11.13 6.17
CA GLN A 80 2.38 -11.97 6.05
C GLN A 80 2.77 -13.38 6.31
N ALA A 81 3.55 -13.80 5.40
CA ALA A 81 4.02 -15.15 5.36
C ALA A 81 5.51 -15.16 5.50
C1 SYO B . 0.47 6.37 5.70
S1 SYO B . 0.38 6.90 7.44
C2 SYO B . 1.84 6.05 5.19
C3 SYO B . 1.85 5.83 3.72
O3 SYO B . 1.58 6.74 2.95
C4 SYO B . 2.22 4.48 3.24
C5 SYO B . 1.13 3.78 2.48
C6 SYO B . 1.21 2.29 2.72
C7 SYO B . 0.09 1.54 2.06
C8 SYO B . 0.17 0.10 2.44
O23 SYO B . -0.14 14.80 6.38
P24 SYO B . 0.07 13.53 5.61
O26 SYO B . -0.30 12.24 6.21
O27 SYO B . 1.57 13.45 5.14
C28 SYO B . 2.59 12.97 6.05
C29 SYO B . 3.95 13.45 5.56
C30 SYO B . 4.03 14.92 5.90
C31 SYO B . 5.04 12.67 6.28
C32 SYO B . 4.13 13.28 3.98
O33 SYO B . 5.25 14.02 3.50
C34 SYO B . 4.34 11.86 3.52
O35 SYO B . 5.39 11.57 2.91
N36 SYO B . 3.40 11.01 3.78
C37 SYO B . 3.43 9.59 3.40
C38 SYO B . 4.43 8.77 4.22
C39 SYO B . 4.19 8.82 5.70
O40 SYO B . 5.11 8.92 6.51
N41 SYO B . 2.94 8.77 6.03
C42 SYO B . 2.44 8.82 7.36
C43 SYO B . 0.95 8.61 7.41
H1 SYO B . 0.10 7.18 5.08
H1A SYO B . -0.16 5.51 5.60
H2 SYO B . 2.16 5.12 5.65
H2A SYO B . 2.57 6.83 5.40
H4 SYO B . 2.49 3.89 4.11
H4A SYO B . 3.10 4.64 2.64
H5 SYO B . 1.25 3.98 1.42
H5A SYO B . 0.18 4.14 2.82
H6 SYO B . 1.19 2.11 3.78
H6A SYO B . 2.15 1.93 2.32
H7 SYO B . 0.18 1.61 0.98
H7A SYO B . -0.86 1.95 2.39
H8 SYO B . 1.11 -0.31 2.12
H8A SYO B . -0.64 -0.45 1.98
H8B SYO B . 0.10 0.01 3.52
H28 SYO B . 2.35 13.33 7.03
H28A SYO B . 2.57 11.89 6.03
H30 SYO B . 3.95 15.03 6.98
H30A SYO B . 3.21 15.42 5.42
H30B SYO B . 4.97 15.32 5.56
H31 SYO B . 4.88 11.62 6.05
H31A SYO B . 4.94 12.82 7.35
H31B SYO B . 6.01 12.98 5.94
H32 SYO B . 3.22 13.60 3.49
HO33 SYO B . 5.71 13.32 3.01
HN36 SYO B . 2.63 11.39 4.25
H37 SYO B . 2.43 9.18 3.54
H37A SYO B . 3.69 9.52 2.35
H38 SYO B . 4.28 7.75 3.92
H38A SYO B . 5.43 9.09 4.00
HN41 SYO B . 2.27 8.71 5.32
H42 SYO B . 2.98 8.12 8.00
H42A SYO B . 2.63 9.82 7.73
H43 SYO B . 0.53 9.12 6.57
H43A SYO B . 0.59 9.09 8.31
N ALA A 1 -2.28 -13.17 1.77
CA ALA A 1 -0.96 -13.75 1.95
C ALA A 1 -0.66 -14.65 0.78
N ALA A 2 0.19 -14.17 -0.10
CA ALA A 2 0.59 -14.93 -1.26
C ALA A 2 1.90 -14.40 -1.77
N THR A 3 1.87 -13.22 -2.36
CA THR A 3 3.05 -12.63 -2.89
C THR A 3 2.78 -11.14 -3.21
N GLN A 4 3.81 -10.43 -3.61
CA GLN A 4 3.75 -9.03 -4.06
C GLN A 4 2.62 -8.76 -5.07
N GLU A 5 2.39 -9.69 -6.00
CA GLU A 5 1.29 -9.59 -6.97
C GLU A 5 -0.09 -9.52 -6.31
N GLU A 6 -0.20 -9.99 -5.11
CA GLU A 6 -1.41 -9.86 -4.35
C GLU A 6 -1.49 -8.45 -3.77
N ILE A 7 -0.34 -7.98 -3.34
CA ILE A 7 -0.25 -6.78 -2.56
C ILE A 7 -0.39 -5.53 -3.45
N VAL A 8 0.54 -5.32 -4.32
CA VAL A 8 0.53 -4.14 -5.18
C VAL A 8 -0.74 -4.05 -5.99
N ALA A 9 -1.12 -5.16 -6.59
CA ALA A 9 -2.35 -5.24 -7.36
C ALA A 9 -3.58 -4.81 -6.55
N GLY A 10 -3.57 -5.14 -5.26
CA GLY A 10 -4.68 -4.84 -4.44
C GLY A 10 -4.61 -3.45 -3.90
N LEU A 11 -3.43 -3.08 -3.47
CA LEU A 11 -3.16 -1.82 -2.86
C LEU A 11 -3.44 -0.71 -3.88
N ALA A 12 -3.08 -0.96 -5.14
CA ALA A 12 -3.35 -0.05 -6.23
C ALA A 12 -4.81 0.24 -6.32
N GLU A 13 -5.61 -0.82 -6.27
CA GLU A 13 -7.06 -0.72 -6.39
C GLU A 13 -7.65 0.05 -5.25
N ILE A 14 -7.07 -0.10 -4.10
CA ILE A 14 -7.52 0.65 -2.95
C ILE A 14 -7.21 2.15 -3.15
N VAL A 15 -6.05 2.44 -3.73
CA VAL A 15 -5.62 3.82 -3.95
C VAL A 15 -6.44 4.47 -5.06
N ASN A 16 -7.00 3.63 -5.91
CA ASN A 16 -7.89 4.11 -7.00
C ASN A 16 -9.10 4.76 -6.36
N GLU A 17 -9.56 4.18 -5.27
CA GLU A 17 -10.72 4.66 -4.55
C GLU A 17 -10.36 5.79 -3.57
N ILE A 18 -9.31 5.56 -2.80
CA ILE A 18 -8.81 6.51 -1.80
C ILE A 18 -8.54 7.89 -2.43
N ALA A 19 -7.77 7.92 -3.50
CA ALA A 19 -7.43 9.16 -4.14
C ALA A 19 -7.93 9.20 -5.56
N GLY A 20 -7.53 8.21 -6.34
CA GLY A 20 -7.93 8.17 -7.72
C GLY A 20 -6.81 7.83 -8.62
N ILE A 21 -6.00 6.90 -8.19
CA ILE A 21 -4.91 6.42 -9.00
C ILE A 21 -5.47 5.50 -10.08
N PRO A 22 -4.86 5.47 -11.25
CA PRO A 22 -5.32 4.63 -12.37
C PRO A 22 -4.77 3.18 -12.33
N VAL A 23 -4.61 2.64 -11.12
CA VAL A 23 -4.15 1.24 -10.80
C VAL A 23 -2.76 0.82 -11.38
N GLU A 24 -2.26 1.55 -12.33
CA GLU A 24 -1.01 1.21 -12.98
C GLU A 24 0.17 1.96 -12.37
N ASP A 25 -0.13 3.03 -11.67
CA ASP A 25 0.93 3.93 -11.21
C ASP A 25 1.52 3.44 -9.93
N VAL A 26 0.72 2.68 -9.21
CA VAL A 26 1.15 2.09 -7.95
C VAL A 26 2.12 0.96 -8.28
N LYS A 27 3.37 1.32 -8.29
CA LYS A 27 4.44 0.43 -8.60
C LYS A 27 5.36 0.51 -7.42
N LEU A 28 6.22 -0.44 -7.23
CA LEU A 28 7.12 -0.41 -6.12
C LEU A 28 8.06 0.77 -6.27
N ASP A 29 8.45 1.29 -5.13
CA ASP A 29 9.33 2.46 -5.02
C ASP A 29 8.56 3.75 -5.30
N LYS A 30 7.23 3.65 -5.35
CA LYS A 30 6.39 4.83 -5.50
C LYS A 30 5.88 5.22 -4.17
N SER A 31 6.16 6.38 -3.83
CA SER A 31 5.92 7.00 -2.53
C SER A 31 4.45 7.43 -2.28
N PHE A 32 3.50 6.74 -2.91
CA PHE A 32 2.07 6.98 -2.76
C PHE A 32 1.69 8.47 -2.81
N THR A 33 1.62 9.09 -1.65
CA THR A 33 1.28 10.50 -1.53
C THR A 33 2.49 11.41 -1.89
N ASP A 34 3.17 11.06 -2.96
CA ASP A 34 4.27 11.84 -3.45
C ASP A 34 4.50 11.51 -4.88
N ASP A 35 4.69 10.23 -5.13
CA ASP A 35 4.93 9.76 -6.49
C ASP A 35 3.66 9.55 -7.25
N LEU A 36 2.63 9.11 -6.56
CA LEU A 36 1.38 8.83 -7.22
C LEU A 36 0.57 10.11 -7.35
N ASP A 37 -0.23 10.38 -6.31
CA ASP A 37 -1.12 11.56 -6.18
C ASP A 37 -2.19 11.16 -5.20
N VAL A 38 -1.78 10.91 -4.00
CA VAL A 38 -2.70 10.43 -3.01
C VAL A 38 -2.79 11.41 -1.87
N ASP A 39 -3.93 11.46 -1.23
CA ASP A 39 -4.13 12.26 -0.06
C ASP A 39 -3.45 11.59 1.11
N SER A 40 -2.39 12.19 1.58
CA SER A 40 -1.63 11.78 2.74
C SER A 40 -2.50 11.33 3.93
N LEU A 41 -3.52 12.09 4.28
CA LEU A 41 -4.40 11.73 5.38
C LEU A 41 -5.17 10.43 5.08
N SER A 42 -5.51 10.23 3.84
CA SER A 42 -6.29 9.08 3.42
C SER A 42 -5.39 7.85 3.23
N MET A 43 -4.08 8.10 3.20
CA MET A 43 -3.08 7.05 3.04
C MET A 43 -3.16 6.08 4.18
N VAL A 44 -3.46 6.60 5.35
CA VAL A 44 -3.61 5.78 6.56
C VAL A 44 -4.66 4.66 6.32
N GLU A 45 -5.81 5.04 5.74
CA GLU A 45 -6.90 4.11 5.45
C GLU A 45 -6.42 2.98 4.58
N VAL A 46 -5.82 3.36 3.47
CA VAL A 46 -5.31 2.42 2.49
C VAL A 46 -4.20 1.49 3.02
N VAL A 47 -3.53 1.90 4.09
CA VAL A 47 -2.50 1.03 4.70
C VAL A 47 -3.20 -0.11 5.38
N VAL A 48 -4.19 0.24 6.19
CA VAL A 48 -4.97 -0.75 6.89
C VAL A 48 -5.73 -1.59 5.88
N ALA A 49 -6.14 -0.93 4.80
CA ALA A 49 -6.89 -1.55 3.76
C ALA A 49 -6.03 -2.55 3.03
N ALA A 50 -4.76 -2.19 2.90
CA ALA A 50 -3.78 -3.02 2.30
C ALA A 50 -3.60 -4.27 3.15
N GLU A 51 -3.23 -4.09 4.41
CA GLU A 51 -2.93 -5.21 5.25
C GLU A 51 -4.08 -6.18 5.45
N GLU A 52 -5.28 -5.65 5.59
CA GLU A 52 -6.47 -6.47 5.69
C GLU A 52 -6.65 -7.38 4.49
N ARG A 53 -6.37 -6.84 3.31
CA ARG A 53 -6.55 -7.57 2.07
C ARG A 53 -5.38 -8.53 1.84
N PHE A 54 -4.22 -8.22 2.37
CA PHE A 54 -3.03 -9.05 2.07
C PHE A 54 -2.65 -9.96 3.20
N ASP A 55 -3.46 -9.93 4.23
CA ASP A 55 -3.33 -10.81 5.44
C ASP A 55 -2.28 -10.30 6.43
N VAL A 56 -1.55 -9.27 6.08
CA VAL A 56 -0.51 -8.80 6.95
C VAL A 56 -1.13 -7.90 8.04
N LYS A 57 -0.37 -7.48 9.01
CA LYS A 57 -0.84 -6.55 9.98
C LYS A 57 0.17 -5.43 10.03
N ILE A 58 -0.28 -4.22 9.90
CA ILE A 58 0.63 -3.09 9.86
C ILE A 58 0.34 -2.12 11.01
N PRO A 59 1.25 -2.02 11.98
CA PRO A 59 1.12 -1.09 13.11
C PRO A 59 1.26 0.34 12.65
N ASP A 60 0.76 1.26 13.45
CA ASP A 60 0.79 2.71 13.15
C ASP A 60 2.19 3.19 12.81
N ASP A 61 3.16 2.71 13.56
CA ASP A 61 4.57 3.11 13.37
C ASP A 61 5.11 2.59 12.03
N ASP A 62 4.62 1.44 11.59
CA ASP A 62 5.04 0.91 10.31
C ASP A 62 4.21 1.45 9.17
N VAL A 63 3.00 1.87 9.48
CA VAL A 63 2.15 2.60 8.52
C VAL A 63 2.94 3.79 8.01
N LYS A 64 3.46 4.55 8.95
CA LYS A 64 4.23 5.75 8.65
C LYS A 64 5.67 5.42 8.21
N ASN A 65 6.00 4.15 8.23
CA ASN A 65 7.33 3.67 7.83
C ASN A 65 7.30 3.41 6.34
N LEU A 66 6.13 3.07 5.86
CA LEU A 66 5.92 2.79 4.48
C LEU A 66 5.72 4.09 3.79
N LYS A 67 6.64 4.42 2.96
CA LYS A 67 6.49 5.61 2.18
C LYS A 67 6.17 5.23 0.77
N THR A 68 6.82 4.20 0.26
CA THR A 68 6.55 3.77 -1.06
C THR A 68 5.79 2.47 -1.02
N VAL A 69 5.43 1.96 -2.18
CA VAL A 69 4.80 0.68 -2.26
C VAL A 69 5.88 -0.36 -2.33
N GLY A 70 7.09 0.10 -2.57
CA GLY A 70 8.22 -0.79 -2.55
C GLY A 70 8.49 -1.17 -1.13
N ASP A 71 8.31 -0.17 -0.28
CA ASP A 71 8.37 -0.30 1.14
C ASP A 71 7.22 -1.14 1.63
N ALA A 72 6.01 -0.66 1.35
CA ALA A 72 4.76 -1.26 1.78
C ALA A 72 4.68 -2.69 1.44
N THR A 73 4.76 -2.97 0.18
CA THR A 73 4.60 -4.28 -0.33
C THR A 73 5.61 -5.28 0.26
N LYS A 74 6.83 -4.81 0.39
CA LYS A 74 7.89 -5.57 0.96
C LYS A 74 7.53 -5.91 2.37
N TYR A 75 7.14 -4.88 3.10
CA TYR A 75 6.75 -5.01 4.49
C TYR A 75 5.63 -6.00 4.64
N ILE A 76 4.63 -5.80 3.84
CA ILE A 76 3.45 -6.60 3.82
C ILE A 76 3.82 -8.05 3.60
N LEU A 77 4.35 -8.38 2.44
CA LEU A 77 4.71 -9.71 2.07
C LEU A 77 5.66 -10.36 3.06
N ASP A 78 6.57 -9.56 3.56
CA ASP A 78 7.61 -10.01 4.48
C ASP A 78 7.02 -10.40 5.82
N HIS A 79 5.93 -9.78 6.17
CA HIS A 79 5.26 -10.06 7.42
C HIS A 79 4.03 -10.96 7.26
N GLN A 80 3.50 -11.12 6.02
CA GLN A 80 2.35 -12.02 5.80
C GLN A 80 2.77 -13.39 6.08
N ALA A 81 3.73 -13.73 5.34
CA ALA A 81 4.33 -15.00 5.38
C ALA A 81 5.65 -14.89 6.10
C1 SYO B . 0.21 6.41 5.53
S1 SYO B . 0.15 8.19 5.92
C2 SYO B . 1.54 5.89 5.03
C3 SYO B . 1.67 5.87 3.53
O3 SYO B . 1.64 6.91 2.86
C4 SYO B . 1.81 4.50 2.88
C5 SYO B . 0.72 4.20 1.87
C6 SYO B . 0.03 2.87 2.12
C7 SYO B . 0.98 1.68 2.06
C8 SYO B . 0.23 0.41 2.38
O23 SYO B . -0.28 15.17 4.48
P24 SYO B . 0.29 13.94 5.15
O26 SYO B . -0.07 13.69 6.56
O27 SYO B . 1.82 13.97 5.02
C28 SYO B . 2.56 12.83 5.54
C29 SYO B . 4.07 13.12 5.47
C30 SYO B . 4.26 14.52 5.95
C31 SYO B . 4.84 12.16 6.39
C32 SYO B . 4.63 12.99 3.96
O33 SYO B . 5.85 13.71 3.78
C34 SYO B . 4.84 11.55 3.52
O35 SYO B . 5.92 11.22 2.99
N36 SYO B . 3.86 10.73 3.72
C37 SYO B . 3.83 9.28 3.38
C38 SYO B . 4.62 8.42 4.39
C39 SYO B . 4.26 8.63 5.84
O40 SYO B . 5.13 8.82 6.71
N41 SYO B . 2.98 8.63 6.08
C42 SYO B . 2.41 8.85 7.37
C43 SYO B . 1.05 8.22 7.48
H1 SYO B . -0.50 6.22 4.74
H1A SYO B . -0.08 5.87 6.43
H2 SYO B . 1.68 4.88 5.39
H2A SYO B . 2.34 6.51 5.38
H4 SYO B . 1.78 3.75 3.65
H4A SYO B . 2.77 4.46 2.37
H5 SYO B . 1.15 4.18 0.88
H5A SYO B . -0.03 4.98 1.91
H6 SYO B . -0.75 2.72 1.38
H6A SYO B . -0.43 2.88 3.10
H7 SYO B . 1.79 1.78 2.77
H7A SYO B . 1.39 1.60 1.07
H8 SYO B . 0.90 -0.43 2.34
H8A SYO B . -0.56 0.27 1.66
H8B SYO B . -0.19 0.48 3.37
H28 SYO B . 2.21 12.62 6.53
H28A SYO B . 2.34 11.98 4.91
H30 SYO B . 5.30 14.81 5.91
H30A SYO B . 3.88 14.59 6.97
H30B SYO B . 3.67 15.16 5.31
H31 SYO B . 4.49 12.30 7.41
H31A SYO B . 5.89 12.35 6.33
H31B SYO B . 4.63 11.15 6.08
H32 SYO B . 3.84 13.34 3.30
HO33 SYO B . 6.35 13.09 3.25
HN36 SYO B . 3.08 11.17 4.14
H37 SYO B . 2.80 8.98 3.44
H37A SYO B . 4.20 9.15 2.38
H38 SYO B . 4.40 7.40 4.15
H38A SYO B . 5.68 8.61 4.25
HN41 SYO B . 2.37 8.49 5.33
H42 SYO B . 3.07 8.51 8.16
H42A SYO B . 2.26 9.91 7.49
H43 SYO B . 0.46 8.66 8.27
H43A SYO B . 1.23 7.18 7.76
N ALA A 1 -2.21 -15.28 3.11
CA ALA A 1 -0.90 -14.80 2.70
C ALA A 1 -0.73 -14.96 1.23
N ALA A 2 0.18 -14.21 0.69
CA ALA A 2 0.47 -14.17 -0.72
C ALA A 2 1.79 -13.46 -0.90
N THR A 3 2.02 -12.89 -2.04
CA THR A 3 3.26 -12.20 -2.31
C THR A 3 2.97 -10.82 -2.92
N GLN A 4 4.02 -10.16 -3.38
CA GLN A 4 3.96 -8.83 -4.00
C GLN A 4 2.89 -8.70 -5.07
N GLU A 5 2.76 -9.72 -5.90
CA GLU A 5 1.83 -9.70 -7.02
C GLU A 5 0.38 -9.55 -6.57
N GLU A 6 0.12 -9.97 -5.37
CA GLU A 6 -1.20 -9.83 -4.79
C GLU A 6 -1.31 -8.47 -4.11
N ILE A 7 -0.20 -7.99 -3.63
CA ILE A 7 -0.16 -6.81 -2.84
C ILE A 7 -0.22 -5.57 -3.70
N VAL A 8 0.78 -5.34 -4.49
CA VAL A 8 0.85 -4.16 -5.35
C VAL A 8 -0.38 -4.04 -6.23
N ALA A 9 -0.77 -5.12 -6.85
CA ALA A 9 -1.95 -5.14 -7.70
C ALA A 9 -3.19 -4.69 -6.92
N GLY A 10 -3.30 -5.12 -5.67
CA GLY A 10 -4.43 -4.83 -4.86
C GLY A 10 -4.33 -3.50 -4.18
N LEU A 11 -3.14 -3.12 -3.83
CA LEU A 11 -2.87 -1.90 -3.14
C LEU A 11 -3.12 -0.77 -4.08
N ALA A 12 -2.82 -1.01 -5.36
CA ALA A 12 -3.14 -0.08 -6.41
C ALA A 12 -4.60 0.21 -6.38
N GLU A 13 -5.40 -0.85 -6.25
CA GLU A 13 -6.84 -0.76 -6.20
C GLU A 13 -7.32 0.03 -5.02
N ILE A 14 -6.71 -0.20 -3.88
CA ILE A 14 -7.02 0.56 -2.67
C ILE A 14 -6.78 2.06 -2.92
N VAL A 15 -5.72 2.35 -3.62
CA VAL A 15 -5.33 3.70 -3.93
C VAL A 15 -6.31 4.32 -4.94
N ASN A 16 -6.99 3.47 -5.65
CA ASN A 16 -8.00 3.90 -6.63
C ASN A 16 -9.26 4.23 -5.87
N GLU A 17 -9.66 3.29 -5.04
CA GLU A 17 -10.89 3.35 -4.29
C GLU A 17 -10.87 4.45 -3.23
N ILE A 18 -9.83 4.49 -2.41
CA ILE A 18 -9.69 5.49 -1.36
C ILE A 18 -9.40 6.87 -1.98
N ALA A 19 -8.39 6.91 -2.81
CA ALA A 19 -7.96 8.17 -3.37
C ALA A 19 -8.52 8.36 -4.78
N GLY A 20 -7.79 7.92 -5.77
CA GLY A 20 -8.24 8.05 -7.13
C GLY A 20 -7.14 7.82 -8.15
N ILE A 21 -6.29 6.87 -7.87
CA ILE A 21 -5.24 6.51 -8.80
C ILE A 21 -5.81 5.59 -9.87
N PRO A 22 -5.21 5.53 -11.05
CA PRO A 22 -5.65 4.69 -12.17
C PRO A 22 -5.07 3.26 -12.18
N VAL A 23 -4.81 2.70 -11.00
CA VAL A 23 -4.29 1.30 -10.74
C VAL A 23 -2.90 0.97 -11.36
N GLU A 24 -2.52 1.70 -12.34
CA GLU A 24 -1.31 1.45 -13.08
C GLU A 24 -0.12 2.22 -12.54
N ASP A 25 -0.39 3.28 -11.80
CA ASP A 25 0.69 4.13 -11.30
C ASP A 25 1.35 3.51 -10.12
N VAL A 26 0.60 2.76 -9.37
CA VAL A 26 1.09 2.12 -8.16
C VAL A 26 2.01 0.96 -8.52
N LYS A 27 3.29 1.23 -8.49
CA LYS A 27 4.31 0.26 -8.79
C LYS A 27 5.35 0.46 -7.71
N LEU A 28 6.07 -0.57 -7.33
CA LEU A 28 7.13 -0.48 -6.30
C LEU A 28 8.06 0.69 -6.63
N ASP A 29 8.61 1.32 -5.58
CA ASP A 29 9.55 2.47 -5.71
C ASP A 29 8.76 3.75 -6.04
N LYS A 30 7.47 3.70 -5.77
CA LYS A 30 6.60 4.84 -5.91
C LYS A 30 6.02 5.14 -4.58
N SER A 31 6.14 6.33 -4.23
CA SER A 31 5.60 6.86 -3.01
C SER A 31 4.17 7.29 -3.29
N PHE A 32 3.24 6.61 -2.71
CA PHE A 32 1.81 6.85 -2.88
C PHE A 32 1.44 8.34 -2.76
N THR A 33 1.94 8.98 -1.77
CA THR A 33 1.58 10.35 -1.48
C THR A 33 2.63 11.38 -2.01
N ASP A 34 3.42 10.96 -2.97
CA ASP A 34 4.44 11.87 -3.55
C ASP A 34 4.61 11.58 -5.02
N ASP A 35 4.94 10.34 -5.29
CA ASP A 35 5.15 9.84 -6.64
C ASP A 35 3.83 9.63 -7.31
N LEU A 36 2.89 9.13 -6.55
CA LEU A 36 1.58 8.88 -7.07
C LEU A 36 0.75 10.16 -7.03
N ASP A 37 -0.02 10.36 -5.95
CA ASP A 37 -0.92 11.57 -5.80
C ASP A 37 -1.90 11.39 -4.60
N VAL A 38 -1.56 10.53 -3.66
CA VAL A 38 -2.48 10.24 -2.56
C VAL A 38 -2.47 11.36 -1.50
N ASP A 39 -3.68 11.73 -1.09
CA ASP A 39 -4.05 12.79 -0.11
C ASP A 39 -3.28 12.81 1.26
N SER A 40 -2.47 11.80 1.53
CA SER A 40 -1.69 11.68 2.77
C SER A 40 -2.50 11.28 3.99
N LEU A 41 -3.55 12.00 4.33
CA LEU A 41 -4.34 11.58 5.47
C LEU A 41 -5.18 10.37 5.09
N SER A 42 -5.52 10.31 3.82
CA SER A 42 -6.18 9.16 3.24
C SER A 42 -5.23 7.95 3.15
N MET A 43 -3.94 8.20 3.27
CA MET A 43 -2.92 7.17 3.16
C MET A 43 -3.06 6.14 4.21
N VAL A 44 -3.35 6.59 5.41
CA VAL A 44 -3.49 5.70 6.56
C VAL A 44 -4.56 4.62 6.27
N GLU A 45 -5.69 5.07 5.68
CA GLU A 45 -6.77 4.17 5.25
C GLU A 45 -6.22 3.14 4.29
N VAL A 46 -5.46 3.61 3.32
CA VAL A 46 -4.87 2.78 2.27
C VAL A 46 -3.94 1.71 2.86
N VAL A 47 -3.42 1.99 4.03
CA VAL A 47 -2.46 1.09 4.69
C VAL A 47 -3.23 0.00 5.35
N VAL A 48 -4.17 0.41 6.16
CA VAL A 48 -5.00 -0.51 6.88
C VAL A 48 -5.85 -1.33 5.90
N ALA A 49 -6.18 -0.73 4.76
CA ALA A 49 -6.96 -1.41 3.78
C ALA A 49 -6.09 -2.41 3.05
N ALA A 50 -4.81 -2.07 2.96
CA ALA A 50 -3.83 -2.93 2.37
C ALA A 50 -3.71 -4.20 3.19
N GLU A 51 -3.47 -4.05 4.47
CA GLU A 51 -3.29 -5.20 5.33
C GLU A 51 -4.52 -6.08 5.44
N GLU A 52 -5.68 -5.46 5.42
CA GLU A 52 -6.96 -6.16 5.43
C GLU A 52 -7.15 -7.00 4.19
N ARG A 53 -6.68 -6.47 3.10
CA ARG A 53 -6.90 -7.07 1.80
C ARG A 53 -5.87 -8.13 1.48
N PHE A 54 -4.63 -7.92 1.90
CA PHE A 54 -3.59 -8.85 1.51
C PHE A 54 -3.42 -9.98 2.46
N ASP A 55 -3.40 -9.67 3.79
CA ASP A 55 -3.22 -10.70 4.88
C ASP A 55 -2.62 -10.09 6.14
N VAL A 56 -1.78 -9.11 5.96
CA VAL A 56 -0.90 -8.64 7.02
C VAL A 56 -1.64 -7.74 8.05
N LYS A 57 -0.92 -7.22 9.01
CA LYS A 57 -1.39 -6.21 9.89
C LYS A 57 -0.31 -5.19 10.01
N ILE A 58 -0.65 -3.94 9.87
CA ILE A 58 0.33 -2.90 9.87
C ILE A 58 0.04 -1.88 10.98
N PRO A 59 0.88 -1.81 12.01
CA PRO A 59 0.75 -0.84 13.11
C PRO A 59 1.11 0.55 12.62
N ASP A 60 0.67 1.56 13.34
CA ASP A 60 0.97 2.98 13.04
C ASP A 60 2.44 3.21 12.80
N ASP A 61 3.27 2.60 13.64
CA ASP A 61 4.70 2.76 13.54
C ASP A 61 5.27 2.18 12.24
N ASP A 62 4.67 1.11 11.75
CA ASP A 62 5.13 0.54 10.48
C ASP A 62 4.45 1.22 9.31
N VAL A 63 3.25 1.73 9.53
CA VAL A 63 2.50 2.53 8.54
C VAL A 63 3.38 3.71 8.11
N LYS A 64 3.80 4.47 9.10
CA LYS A 64 4.62 5.68 8.91
C LYS A 64 6.05 5.37 8.40
N ASN A 65 6.37 4.09 8.26
CA ASN A 65 7.69 3.66 7.84
C ASN A 65 7.63 3.40 6.33
N LEU A 66 6.45 3.15 5.83
CA LEU A 66 6.28 2.87 4.46
C LEU A 66 6.00 4.18 3.77
N LYS A 67 6.77 4.49 2.78
CA LYS A 67 6.51 5.72 2.02
C LYS A 67 6.09 5.32 0.62
N THR A 68 6.74 4.30 0.10
CA THR A 68 6.45 3.82 -1.19
C THR A 68 5.66 2.53 -1.09
N VAL A 69 5.32 2.00 -2.22
CA VAL A 69 4.69 0.73 -2.30
C VAL A 69 5.75 -0.31 -2.34
N GLY A 70 6.98 0.13 -2.57
CA GLY A 70 8.10 -0.77 -2.48
C GLY A 70 8.26 -1.10 -1.03
N ASP A 71 8.23 -0.06 -0.23
CA ASP A 71 8.27 -0.10 1.20
C ASP A 71 7.15 -0.94 1.74
N ALA A 72 5.94 -0.56 1.34
CA ALA A 72 4.71 -1.19 1.82
C ALA A 72 4.71 -2.66 1.60
N THR A 73 4.81 -3.02 0.37
CA THR A 73 4.76 -4.39 -0.03
C THR A 73 5.78 -5.28 0.70
N LYS A 74 7.03 -4.85 0.69
CA LYS A 74 8.17 -5.48 1.36
C LYS A 74 7.87 -5.76 2.80
N TYR A 75 7.03 -4.95 3.36
CA TYR A 75 6.64 -5.07 4.72
C TYR A 75 5.52 -6.04 4.83
N ILE A 76 4.54 -5.85 3.99
CA ILE A 76 3.34 -6.62 3.96
C ILE A 76 3.69 -8.07 3.79
N LEU A 77 4.28 -8.41 2.66
CA LEU A 77 4.59 -9.77 2.30
C LEU A 77 5.48 -10.45 3.34
N ASP A 78 6.37 -9.67 3.88
CA ASP A 78 7.36 -10.13 4.83
C ASP A 78 6.76 -10.35 6.20
N HIS A 79 5.72 -9.63 6.47
CA HIS A 79 5.08 -9.73 7.74
C HIS A 79 3.92 -10.73 7.67
N GLN A 80 3.45 -11.07 6.43
CA GLN A 80 2.41 -12.06 6.30
C GLN A 80 3.01 -13.40 6.52
N ALA A 81 3.96 -13.63 5.71
CA ALA A 81 4.62 -14.89 5.64
C ALA A 81 6.01 -14.80 6.23
C1 SYO B . 1.76 6.20 5.09
S1 SYO B . 0.64 7.41 5.87
C2 SYO B . 1.36 5.87 3.67
C3 SYO B . 2.22 4.81 3.03
O3 SYO B . 2.88 5.04 2.02
C4 SYO B . 2.22 3.46 3.68
C5 SYO B . 1.94 2.32 2.74
C6 SYO B . 0.47 2.18 2.52
C7 SYO B . 0.12 0.87 1.87
C8 SYO B . 0.44 -0.28 2.82
O23 SYO B . -0.88 15.16 4.54
P24 SYO B . -0.12 14.02 5.17
O26 SYO B . -0.41 13.66 6.58
O27 SYO B . 1.38 14.33 5.06
C28 SYO B . 2.31 13.31 5.55
C29 SYO B . 3.77 13.72 5.26
C30 SYO B . 3.88 15.20 5.52
C31 SYO B . 4.73 12.97 6.20
C32 SYO B . 4.14 13.42 3.73
O33 SYO B . 5.24 14.19 3.29
C34 SYO B . 4.45 11.97 3.45
O35 SYO B . 5.45 11.69 2.80
N36 SYO B . 3.63 11.08 3.92
C37 SYO B . 3.78 9.61 3.74
C38 SYO B . 4.82 8.98 4.67
C39 SYO B . 4.43 8.94 6.12
O40 SYO B . 5.21 9.28 7.02
N41 SYO B . 3.21 8.57 6.32
C42 SYO B . 2.58 8.47 7.58
C43 SYO B . 1.37 7.58 7.53
H1 SYO B . 1.72 5.26 5.63
H1A SYO B . 2.76 6.60 5.09
H2 SYO B . 1.44 6.76 3.07
H2A SYO B . 0.33 5.52 3.65
H4 SYO B . 1.50 3.44 4.48
H4A SYO B . 3.21 3.30 4.11
H5 SYO B . 2.33 1.42 3.16
H5A SYO B . 2.41 2.53 1.79
H6 SYO B . 0.11 3.00 1.93
H6A SYO B . 0.04 2.22 3.51
H7 SYO B . 0.72 0.75 0.98
H7A SYO B . -0.93 0.85 1.63
H8 SYO B . -0.14 -0.16 3.72
H8A SYO B . 1.49 -0.27 3.05
H8B SYO B . 0.18 -1.22 2.34
H28 SYO B . 2.11 13.16 6.60
H28A SYO B . 2.10 12.39 5.03
H30 SYO B . 4.88 15.54 5.29
H30A SYO B . 3.63 15.40 6.54
H30B SYO B . 3.17 15.69 4.86
H31 SYO B . 5.75 13.26 5.97
H31A SYO B . 4.61 11.91 6.04
H31B SYO B . 4.50 13.20 7.22
H32 SYO B . 3.24 13.58 3.15
HO33 SYO B . 5.78 13.53 2.83
HN36 SYO B . 2.88 11.48 4.39
H37 SYO B . 2.81 9.15 3.88
H37A SYO B . 4.09 9.43 2.72
H38 SYO B . 4.88 7.94 4.39
H38A SYO B . 5.78 9.47 4.55
HN41 SYO B . 2.64 8.33 5.56
H42 SYO B . 3.28 8.18 8.36
H42A SYO B . 2.21 9.45 7.83
H43 SYO B . 0.64 7.81 8.29
H43A SYO B . 1.79 6.61 7.79
N ALA A 1 -3.57 -13.95 2.21
CA ALA A 1 -2.13 -14.03 2.08
C ALA A 1 -1.79 -13.66 0.67
N ALA A 2 -0.81 -12.84 0.51
CA ALA A 2 -0.54 -12.26 -0.75
C ALA A 2 0.91 -12.05 -0.94
N THR A 3 1.40 -12.43 -2.07
CA THR A 3 2.74 -12.12 -2.41
C THR A 3 2.69 -10.76 -3.12
N GLN A 4 3.81 -10.19 -3.48
CA GLN A 4 3.86 -8.86 -4.11
C GLN A 4 2.86 -8.65 -5.25
N GLU A 5 2.77 -9.60 -6.16
CA GLU A 5 1.85 -9.51 -7.29
C GLU A 5 0.38 -9.42 -6.90
N GLU A 6 0.06 -9.90 -5.72
CA GLU A 6 -1.29 -9.76 -5.20
C GLU A 6 -1.39 -8.42 -4.45
N ILE A 7 -0.28 -8.03 -3.81
CA ILE A 7 -0.24 -6.85 -2.95
C ILE A 7 -0.32 -5.58 -3.78
N VAL A 8 0.67 -5.33 -4.57
CA VAL A 8 0.74 -4.13 -5.39
C VAL A 8 -0.42 -4.04 -6.37
N ALA A 9 -0.97 -5.15 -6.72
CA ALA A 9 -2.11 -5.14 -7.57
C ALA A 9 -3.35 -4.66 -6.78
N GLY A 10 -3.44 -5.07 -5.52
CA GLY A 10 -4.56 -4.76 -4.71
C GLY A 10 -4.46 -3.43 -4.07
N LEU A 11 -3.27 -3.09 -3.69
CA LEU A 11 -2.99 -1.86 -3.05
C LEU A 11 -3.25 -0.73 -4.02
N ALA A 12 -2.94 -1.00 -5.31
CA ALA A 12 -3.21 -0.06 -6.37
C ALA A 12 -4.68 0.27 -6.40
N GLU A 13 -5.49 -0.76 -6.26
CA GLU A 13 -6.94 -0.65 -6.27
C GLU A 13 -7.45 0.17 -5.13
N ILE A 14 -6.87 -0.04 -3.98
CA ILE A 14 -7.23 0.75 -2.79
C ILE A 14 -6.92 2.25 -3.04
N VAL A 15 -5.84 2.49 -3.74
CA VAL A 15 -5.38 3.82 -4.04
C VAL A 15 -6.25 4.45 -5.13
N ASN A 16 -6.90 3.62 -5.91
CA ASN A 16 -7.85 4.09 -6.94
C ASN A 16 -9.07 4.63 -6.26
N GLU A 17 -9.55 3.88 -5.29
CA GLU A 17 -10.80 4.19 -4.62
C GLU A 17 -10.67 5.32 -3.61
N ILE A 18 -9.68 5.26 -2.74
CA ILE A 18 -9.52 6.27 -1.71
C ILE A 18 -8.93 7.59 -2.28
N ALA A 19 -7.83 7.50 -3.00
CA ALA A 19 -7.22 8.69 -3.56
C ALA A 19 -7.76 8.97 -4.94
N GLY A 20 -7.30 8.20 -5.90
CA GLY A 20 -7.75 8.33 -7.25
C GLY A 20 -6.68 8.01 -8.25
N ILE A 21 -5.92 7.00 -7.97
CA ILE A 21 -4.90 6.56 -8.88
C ILE A 21 -5.53 5.68 -9.95
N PRO A 22 -4.96 5.67 -11.15
CA PRO A 22 -5.44 4.82 -12.28
C PRO A 22 -4.84 3.40 -12.30
N VAL A 23 -4.59 2.84 -11.13
CA VAL A 23 -4.11 1.43 -10.87
C VAL A 23 -2.72 1.07 -11.48
N GLU A 24 -2.26 1.81 -12.43
CA GLU A 24 -0.98 1.51 -13.06
C GLU A 24 0.14 2.33 -12.46
N ASP A 25 -0.21 3.32 -11.67
CA ASP A 25 0.79 4.20 -11.07
C ASP A 25 1.42 3.56 -9.90
N VAL A 26 0.63 2.78 -9.21
CA VAL A 26 1.08 2.10 -8.00
C VAL A 26 2.03 0.96 -8.34
N LYS A 27 3.30 1.27 -8.33
CA LYS A 27 4.34 0.31 -8.57
C LYS A 27 5.26 0.38 -7.40
N LEU A 28 6.14 -0.55 -7.26
CA LEU A 28 7.09 -0.50 -6.20
C LEU A 28 8.01 0.65 -6.45
N ASP A 29 8.54 1.23 -5.39
CA ASP A 29 9.45 2.38 -5.45
C ASP A 29 8.65 3.65 -5.73
N LYS A 30 7.35 3.56 -5.61
CA LYS A 30 6.51 4.70 -5.79
C LYS A 30 5.91 5.09 -4.53
N SER A 31 6.10 6.29 -4.21
CA SER A 31 5.60 6.89 -3.03
C SER A 31 4.16 7.25 -3.26
N PHE A 32 3.28 6.58 -2.59
CA PHE A 32 1.86 6.83 -2.66
C PHE A 32 1.57 8.33 -2.50
N THR A 33 2.04 8.88 -1.43
CA THR A 33 1.78 10.27 -1.09
C THR A 33 2.77 11.26 -1.79
N ASP A 34 3.31 10.87 -2.94
CA ASP A 34 4.23 11.76 -3.66
C ASP A 34 4.27 11.42 -5.15
N ASP A 35 4.71 10.22 -5.43
CA ASP A 35 4.85 9.69 -6.79
C ASP A 35 3.49 9.42 -7.39
N LEU A 36 2.60 8.92 -6.57
CA LEU A 36 1.26 8.61 -7.02
C LEU A 36 0.35 9.80 -6.89
N ASP A 37 0.40 10.37 -5.69
CA ASP A 37 -0.39 11.51 -5.23
C ASP A 37 -1.61 11.04 -4.50
N VAL A 38 -1.35 10.49 -3.37
CA VAL A 38 -2.38 10.16 -2.44
C VAL A 38 -2.36 11.22 -1.38
N ASP A 39 -3.52 11.73 -1.08
CA ASP A 39 -3.75 12.90 -0.19
C ASP A 39 -3.27 12.78 1.28
N SER A 40 -2.36 11.85 1.56
CA SER A 40 -1.79 11.58 2.89
C SER A 40 -2.77 11.12 3.97
N LEU A 41 -3.79 11.90 4.27
CA LEU A 41 -4.73 11.54 5.31
C LEU A 41 -5.47 10.26 4.93
N SER A 42 -5.61 10.07 3.64
CA SER A 42 -6.26 8.95 3.04
C SER A 42 -5.36 7.70 3.12
N MET A 43 -4.08 7.94 3.25
CA MET A 43 -3.07 6.91 3.22
C MET A 43 -3.25 5.91 4.29
N VAL A 44 -3.55 6.37 5.48
CA VAL A 44 -3.72 5.49 6.62
C VAL A 44 -4.86 4.46 6.34
N GLU A 45 -5.92 4.91 5.64
CA GLU A 45 -7.04 4.05 5.27
C GLU A 45 -6.52 2.98 4.30
N VAL A 46 -5.71 3.43 3.36
CA VAL A 46 -5.10 2.60 2.31
C VAL A 46 -4.20 1.51 2.92
N VAL A 47 -3.70 1.79 4.10
CA VAL A 47 -2.77 0.91 4.79
C VAL A 47 -3.55 -0.21 5.36
N VAL A 48 -4.54 0.17 6.15
CA VAL A 48 -5.42 -0.78 6.78
C VAL A 48 -6.08 -1.63 5.71
N ALA A 49 -6.47 -1.00 4.61
CA ALA A 49 -7.15 -1.68 3.55
C ALA A 49 -6.23 -2.70 2.90
N ALA A 50 -4.96 -2.35 2.83
CA ALA A 50 -3.95 -3.20 2.28
C ALA A 50 -3.74 -4.39 3.19
N GLU A 51 -3.40 -4.14 4.44
CA GLU A 51 -3.12 -5.20 5.38
C GLU A 51 -4.30 -6.12 5.65
N GLU A 52 -5.51 -5.57 5.63
CA GLU A 52 -6.72 -6.38 5.74
C GLU A 52 -6.79 -7.39 4.59
N ARG A 53 -6.66 -6.89 3.37
CA ARG A 53 -6.77 -7.74 2.19
C ARG A 53 -5.60 -8.74 2.09
N PHE A 54 -4.38 -8.27 2.28
CA PHE A 54 -3.19 -9.10 2.04
C PHE A 54 -2.84 -9.96 3.23
N ASP A 55 -3.51 -9.71 4.33
CA ASP A 55 -3.40 -10.48 5.62
C ASP A 55 -2.28 -10.08 6.56
N VAL A 56 -1.54 -9.05 6.24
CA VAL A 56 -0.52 -8.61 7.18
C VAL A 56 -1.20 -7.69 8.24
N LYS A 57 -0.49 -7.32 9.26
CA LYS A 57 -0.96 -6.31 10.18
C LYS A 57 0.04 -5.18 10.14
N ILE A 58 -0.41 -3.97 9.93
CA ILE A 58 0.51 -2.86 9.85
C ILE A 58 0.27 -1.85 10.97
N PRO A 59 1.19 -1.78 11.94
CA PRO A 59 1.12 -0.81 13.05
C PRO A 59 1.36 0.60 12.53
N ASP A 60 0.92 1.58 13.31
CA ASP A 60 1.07 3.00 12.97
C ASP A 60 2.54 3.34 12.79
N ASP A 61 3.37 2.66 13.55
CA ASP A 61 4.83 2.82 13.48
C ASP A 61 5.34 2.43 12.12
N ASP A 62 4.79 1.39 11.56
CA ASP A 62 5.22 0.97 10.23
C ASP A 62 4.48 1.68 9.13
N VAL A 63 3.27 2.16 9.42
CA VAL A 63 2.50 2.98 8.48
C VAL A 63 3.36 4.18 8.09
N LYS A 64 4.03 4.76 9.07
CA LYS A 64 4.88 5.93 8.85
C LYS A 64 6.25 5.53 8.24
N ASN A 65 6.50 4.24 8.11
CA ASN A 65 7.74 3.74 7.55
C ASN A 65 7.57 3.48 6.10
N LEU A 66 6.36 3.24 5.72
CA LEU A 66 6.06 2.98 4.38
C LEU A 66 5.77 4.29 3.72
N LYS A 67 6.51 4.60 2.71
CA LYS A 67 6.22 5.80 1.94
C LYS A 67 5.94 5.39 0.51
N THR A 68 6.64 4.36 0.05
CA THR A 68 6.43 3.86 -1.25
C THR A 68 5.70 2.56 -1.16
N VAL A 69 5.30 2.01 -2.29
CA VAL A 69 4.69 0.72 -2.26
C VAL A 69 5.78 -0.32 -2.21
N GLY A 70 7.01 0.14 -2.48
CA GLY A 70 8.15 -0.76 -2.35
C GLY A 70 8.31 -1.13 -0.91
N ASP A 71 8.18 -0.12 -0.05
CA ASP A 71 8.22 -0.31 1.40
C ASP A 71 7.07 -1.19 1.82
N ALA A 72 5.88 -0.72 1.45
CA ALA A 72 4.60 -1.32 1.84
C ALA A 72 4.54 -2.76 1.53
N THR A 73 4.66 -3.06 0.28
CA THR A 73 4.54 -4.37 -0.22
C THR A 73 5.50 -5.33 0.43
N LYS A 74 6.73 -4.90 0.54
CA LYS A 74 7.75 -5.63 1.17
C LYS A 74 7.32 -5.95 2.57
N TYR A 75 6.92 -4.92 3.30
CA TYR A 75 6.50 -5.03 4.67
C TYR A 75 5.39 -6.05 4.84
N ILE A 76 4.39 -5.88 4.02
CA ILE A 76 3.22 -6.71 3.96
C ILE A 76 3.63 -8.16 3.80
N LEU A 77 4.22 -8.46 2.67
CA LEU A 77 4.62 -9.81 2.31
C LEU A 77 5.58 -10.38 3.37
N ASP A 78 6.53 -9.55 3.76
CA ASP A 78 7.62 -9.94 4.67
C ASP A 78 7.09 -10.35 6.02
N HIS A 79 5.92 -9.86 6.34
CA HIS A 79 5.29 -10.19 7.57
C HIS A 79 4.24 -11.29 7.42
N GLN A 80 3.65 -11.44 6.25
CA GLN A 80 2.66 -12.50 6.10
C GLN A 80 3.14 -13.76 5.41
N ALA A 81 2.85 -13.88 4.20
CA ALA A 81 3.20 -15.04 3.44
C ALA A 81 4.29 -14.74 2.43
C1 SYO B . 1.33 6.25 5.13
S1 SYO B . 0.52 7.83 5.64
C2 SYO B . 1.46 6.17 3.62
C3 SYO B . 2.10 4.92 3.10
O3 SYO B . 2.92 4.95 2.18
C4 SYO B . 1.70 3.63 3.71
C5 SYO B . 0.87 2.80 2.79
C6 SYO B . 0.91 1.37 3.20
C7 SYO B . 0.07 0.51 2.35
C8 SYO B . 0.21 -0.89 2.84
O23 SYO B . -1.53 14.72 5.21
P24 SYO B . -0.65 13.63 5.75
O26 SYO B . -0.95 13.10 7.09
O27 SYO B . 0.80 14.14 5.72
C28 SYO B . 1.83 13.21 6.19
C29 SYO B . 3.25 13.73 5.87
C30 SYO B . 3.27 15.21 6.17
C31 SYO B . 4.28 13.00 6.75
C32 SYO B . 3.59 13.48 4.32
O33 SYO B . 4.58 14.39 3.83
C34 SYO B . 4.04 12.03 4.05
O35 SYO B . 5.10 11.83 3.44
N36 SYO B . 3.29 11.09 4.50
C37 SYO B . 3.58 9.65 4.34
C38 SYO B . 4.60 9.12 5.38
C39 SYO B . 4.05 8.77 6.76
O40 SYO B . 4.71 8.93 7.78
N41 SYO B . 2.87 8.27 6.74
C42 SYO B . 2.10 7.81 7.86
C43 SYO B . 0.66 7.84 7.45
H1 SYO B . 0.70 5.42 5.41
H1A SYO B . 2.29 6.19 5.61
H2 SYO B . 2.04 7.01 3.25
H2A SYO B . 0.48 6.23 3.19
H4 SYO B . 1.12 3.83 4.60
H4A SYO B . 2.60 3.07 3.98
H5 SYO B . 1.24 2.90 1.78
H5A SYO B . -0.16 3.15 2.83
H6 SYO B . 0.59 1.30 4.22
H6A SYO B . 1.94 1.04 3.13
H7 SYO B . 0.40 0.54 1.33
H7A SYO B . -0.97 0.81 2.42
H8 SYO B . -0.12 -0.94 3.87
H8A SYO B . 1.24 -1.19 2.78
H8B SYO B . -0.40 -1.55 2.24
H28 SYO B . 1.65 13.00 7.23
H28A SYO B . 1.69 12.29 5.65
H30 SYO B . 2.53 15.68 5.54
H30A SYO B . 4.25 15.61 5.94
H30B SYO B . 3.03 15.37 7.20
H31 SYO B . 4.22 11.94 6.52
H31A SYO B . 4.05 13.16 7.80
H31B SYO B . 5.27 13.36 6.53
H32 SYO B . 2.66 13.54 3.77
HO33 SYO B . 4.53 14.22 2.87
HN36 SYO B . 2.48 11.40 4.95
H37 SYO B . 2.65 9.09 4.33
H37A SYO B . 4.03 9.54 3.37
H38 SYO B . 4.85 8.14 5.00
H38A SYO B . 5.46 9.76 5.46
HN41 SYO B . 2.40 8.14 5.88
H42 SYO B . 2.38 6.78 7.97
H42A SYO B . 2.31 8.40 8.74
H43 SYO B . 0.28 8.81 7.74
H43A SYO B . 0.09 7.03 7.88
N ALA A 1 -2.30 -14.15 3.35
CA ALA A 1 -1.17 -14.67 2.64
C ALA A 1 -1.36 -14.40 1.17
N ALA A 2 -0.61 -13.45 0.66
CA ALA A 2 -0.72 -12.99 -0.69
C ALA A 2 0.60 -12.35 -1.05
N THR A 3 1.14 -12.65 -2.19
CA THR A 3 2.45 -12.14 -2.52
C THR A 3 2.36 -10.78 -3.21
N GLN A 4 3.50 -10.23 -3.60
CA GLN A 4 3.59 -8.91 -4.25
C GLN A 4 2.60 -8.72 -5.38
N GLU A 5 2.44 -9.73 -6.22
CA GLU A 5 1.48 -9.70 -7.32
C GLU A 5 0.07 -9.38 -6.84
N GLU A 6 -0.24 -9.85 -5.66
CA GLU A 6 -1.52 -9.63 -5.06
C GLU A 6 -1.50 -8.31 -4.27
N ILE A 7 -0.36 -7.99 -3.66
CA ILE A 7 -0.24 -6.83 -2.80
C ILE A 7 -0.35 -5.56 -3.61
N VAL A 8 0.60 -5.31 -4.46
CA VAL A 8 0.63 -4.12 -5.29
C VAL A 8 -0.63 -3.97 -6.13
N ALA A 9 -1.13 -5.06 -6.69
CA ALA A 9 -2.35 -5.00 -7.48
C ALA A 9 -3.51 -4.53 -6.61
N GLY A 10 -3.58 -5.06 -5.40
CA GLY A 10 -4.64 -4.74 -4.53
C GLY A 10 -4.52 -3.40 -3.92
N LEU A 11 -3.32 -3.06 -3.54
CA LEU A 11 -3.01 -1.82 -2.92
C LEU A 11 -3.31 -0.70 -3.89
N ALA A 12 -2.98 -0.94 -5.17
CA ALA A 12 -3.28 -0.01 -6.22
C ALA A 12 -4.75 0.25 -6.26
N GLU A 13 -5.55 -0.83 -6.24
CA GLU A 13 -7.00 -0.73 -6.28
C GLU A 13 -7.55 0.05 -5.12
N ILE A 14 -6.98 -0.16 -3.98
CA ILE A 14 -7.36 0.60 -2.79
C ILE A 14 -7.10 2.10 -3.02
N VAL A 15 -5.97 2.42 -3.64
CA VAL A 15 -5.57 3.81 -3.86
C VAL A 15 -6.47 4.43 -4.93
N ASN A 16 -7.03 3.59 -5.77
CA ASN A 16 -7.97 4.04 -6.79
C ASN A 16 -9.23 4.54 -6.10
N GLU A 17 -9.72 3.70 -5.19
CA GLU A 17 -10.96 3.95 -4.46
C GLU A 17 -10.80 5.11 -3.47
N ILE A 18 -9.69 5.11 -2.77
CA ILE A 18 -9.43 6.11 -1.75
C ILE A 18 -9.09 7.47 -2.35
N ALA A 19 -8.11 7.51 -3.24
CA ALA A 19 -7.62 8.78 -3.78
C ALA A 19 -8.04 8.96 -5.22
N GLY A 20 -7.56 8.09 -6.06
CA GLY A 20 -7.90 8.16 -7.46
C GLY A 20 -6.76 7.81 -8.36
N ILE A 21 -6.01 6.83 -7.97
CA ILE A 21 -4.92 6.36 -8.78
C ILE A 21 -5.48 5.47 -9.90
N PRO A 22 -4.80 5.38 -11.03
CA PRO A 22 -5.26 4.59 -12.19
C PRO A 22 -4.80 3.11 -12.20
N VAL A 23 -4.50 2.56 -11.04
CA VAL A 23 -4.04 1.13 -10.84
C VAL A 23 -2.79 0.73 -11.72
N GLU A 24 -2.12 1.73 -12.25
CA GLU A 24 -0.94 1.52 -13.08
C GLU A 24 0.25 2.27 -12.51
N ASP A 25 -0.04 3.19 -11.62
CA ASP A 25 0.99 4.11 -11.13
C ASP A 25 1.63 3.57 -9.89
N VAL A 26 0.86 2.75 -9.21
CA VAL A 26 1.30 2.13 -7.96
C VAL A 26 2.27 1.00 -8.28
N LYS A 27 3.53 1.34 -8.29
CA LYS A 27 4.61 0.42 -8.58
C LYS A 27 5.57 0.48 -7.44
N LEU A 28 6.47 -0.45 -7.36
CA LEU A 28 7.48 -0.40 -6.35
C LEU A 28 8.34 0.82 -6.53
N ASP A 29 8.78 1.36 -5.42
CA ASP A 29 9.60 2.59 -5.33
C ASP A 29 8.74 3.82 -5.60
N LYS A 30 7.43 3.65 -5.60
CA LYS A 30 6.55 4.77 -5.77
C LYS A 30 5.96 5.12 -4.47
N SER A 31 6.13 6.32 -4.14
CA SER A 31 5.64 6.89 -2.93
C SER A 31 4.18 7.28 -3.14
N PHE A 32 3.31 6.59 -2.50
CA PHE A 32 1.88 6.78 -2.53
C PHE A 32 1.50 8.25 -2.46
N THR A 33 1.76 8.86 -1.38
CA THR A 33 1.37 10.22 -1.27
C THR A 33 2.57 11.16 -1.47
N ASP A 34 3.30 10.90 -2.54
CA ASP A 34 4.40 11.78 -2.97
C ASP A 34 4.62 11.64 -4.46
N ASP A 35 4.81 10.42 -4.87
CA ASP A 35 5.04 10.05 -6.27
C ASP A 35 3.73 9.86 -6.98
N LEU A 36 2.81 9.16 -6.34
CA LEU A 36 1.55 8.81 -6.95
C LEU A 36 0.64 10.02 -7.11
N ASP A 37 -0.20 10.26 -6.08
CA ASP A 37 -1.16 11.39 -5.98
C ASP A 37 -2.25 11.00 -4.99
N VAL A 38 -1.86 10.78 -3.77
CA VAL A 38 -2.80 10.41 -2.75
C VAL A 38 -3.12 11.62 -1.87
N ASP A 39 -4.16 11.51 -1.09
CA ASP A 39 -4.63 12.58 -0.20
C ASP A 39 -3.88 12.62 1.13
N SER A 40 -2.83 11.78 1.27
CA SER A 40 -1.98 11.69 2.47
C SER A 40 -2.72 11.16 3.70
N LEU A 41 -3.68 11.92 4.21
CA LEU A 41 -4.44 11.52 5.39
C LEU A 41 -5.34 10.32 5.08
N SER A 42 -5.71 10.21 3.81
CA SER A 42 -6.53 9.10 3.34
C SER A 42 -5.66 7.87 3.10
N MET A 43 -4.36 8.08 3.09
CA MET A 43 -3.43 7.03 2.86
C MET A 43 -3.33 6.12 4.05
N VAL A 44 -3.52 6.67 5.23
CA VAL A 44 -3.50 5.86 6.46
C VAL A 44 -4.55 4.72 6.33
N GLU A 45 -5.73 5.08 5.78
CA GLU A 45 -6.80 4.11 5.45
C GLU A 45 -6.27 3.02 4.55
N VAL A 46 -5.65 3.45 3.45
CA VAL A 46 -5.11 2.57 2.41
C VAL A 46 -4.15 1.52 2.99
N VAL A 47 -3.46 1.89 4.03
CA VAL A 47 -2.45 1.03 4.63
C VAL A 47 -3.13 -0.08 5.37
N VAL A 48 -4.11 0.30 6.16
CA VAL A 48 -4.85 -0.66 6.89
C VAL A 48 -5.68 -1.49 5.91
N ALA A 49 -6.08 -0.86 4.81
CA ALA A 49 -6.86 -1.53 3.82
C ALA A 49 -6.00 -2.56 3.11
N ALA A 50 -4.73 -2.22 2.96
CA ALA A 50 -3.75 -3.10 2.39
C ALA A 50 -3.64 -4.34 3.28
N GLU A 51 -3.39 -4.15 4.55
CA GLU A 51 -3.22 -5.28 5.43
C GLU A 51 -4.50 -6.09 5.63
N GLU A 52 -5.66 -5.44 5.54
CA GLU A 52 -6.94 -6.13 5.58
C GLU A 52 -7.08 -7.09 4.40
N ARG A 53 -6.60 -6.66 3.25
CA ARG A 53 -6.72 -7.46 2.05
C ARG A 53 -5.56 -8.47 1.90
N PHE A 54 -4.36 -8.08 2.31
CA PHE A 54 -3.19 -8.95 2.08
C PHE A 54 -2.85 -9.79 3.28
N ASP A 55 -3.63 -9.62 4.33
CA ASP A 55 -3.57 -10.46 5.55
C ASP A 55 -2.40 -10.13 6.51
N VAL A 56 -1.55 -9.18 6.15
CA VAL A 56 -0.47 -8.76 7.04
C VAL A 56 -1.07 -7.87 8.16
N LYS A 57 -0.28 -7.46 9.12
CA LYS A 57 -0.74 -6.51 10.10
C LYS A 57 0.21 -5.32 10.08
N ILE A 58 -0.32 -4.13 9.98
CA ILE A 58 0.53 -2.96 9.90
C ILE A 58 0.19 -1.96 11.02
N PRO A 59 1.09 -1.79 12.01
CA PRO A 59 0.92 -0.77 13.06
C PRO A 59 1.18 0.60 12.49
N ASP A 60 0.67 1.63 13.14
CA ASP A 60 0.83 3.03 12.71
C ASP A 60 2.31 3.36 12.52
N ASP A 61 3.13 2.81 13.39
CA ASP A 61 4.60 2.97 13.33
C ASP A 61 5.18 2.48 12.00
N ASP A 62 4.69 1.35 11.51
CA ASP A 62 5.15 0.83 10.23
C ASP A 62 4.38 1.41 9.08
N VAL A 63 3.15 1.84 9.35
CA VAL A 63 2.31 2.55 8.38
C VAL A 63 3.13 3.73 7.83
N LYS A 64 3.54 4.59 8.73
CA LYS A 64 4.28 5.82 8.40
C LYS A 64 5.74 5.53 7.98
N ASN A 65 6.09 4.26 8.00
CA ASN A 65 7.43 3.83 7.68
C ASN A 65 7.51 3.62 6.21
N LEU A 66 6.41 3.18 5.67
CA LEU A 66 6.29 2.94 4.28
C LEU A 66 6.06 4.28 3.64
N LYS A 67 6.77 4.56 2.62
CA LYS A 67 6.49 5.73 1.83
C LYS A 67 6.13 5.27 0.45
N THR A 68 6.87 4.30 -0.03
CA THR A 68 6.66 3.77 -1.31
C THR A 68 5.92 2.46 -1.20
N VAL A 69 5.47 1.92 -2.33
CA VAL A 69 4.88 0.63 -2.33
C VAL A 69 5.97 -0.40 -2.31
N GLY A 70 7.18 0.08 -2.60
CA GLY A 70 8.32 -0.80 -2.54
C GLY A 70 8.64 -1.16 -1.12
N ASP A 71 8.33 -0.25 -0.23
CA ASP A 71 8.52 -0.51 1.20
C ASP A 71 7.34 -1.30 1.69
N ALA A 72 6.15 -0.77 1.39
CA ALA A 72 4.85 -1.33 1.80
C ALA A 72 4.75 -2.78 1.51
N THR A 73 4.87 -3.08 0.25
CA THR A 73 4.72 -4.40 -0.25
C THR A 73 5.70 -5.37 0.40
N LYS A 74 6.92 -4.93 0.57
CA LYS A 74 7.95 -5.69 1.22
C LYS A 74 7.47 -6.02 2.61
N TYR A 75 7.05 -5.00 3.32
CA TYR A 75 6.60 -5.11 4.69
C TYR A 75 5.46 -6.10 4.80
N ILE A 76 4.49 -5.89 3.96
CA ILE A 76 3.31 -6.69 3.89
C ILE A 76 3.67 -8.15 3.70
N LEU A 77 4.25 -8.45 2.56
CA LEU A 77 4.64 -9.81 2.18
C LEU A 77 5.49 -10.44 3.28
N ASP A 78 6.47 -9.68 3.73
CA ASP A 78 7.50 -10.15 4.65
C ASP A 78 6.93 -10.48 6.03
N HIS A 79 5.81 -9.89 6.34
CA HIS A 79 5.15 -10.14 7.59
C HIS A 79 3.94 -11.08 7.47
N GLN A 80 3.69 -11.62 6.28
CA GLN A 80 2.62 -12.59 6.12
C GLN A 80 3.06 -13.88 5.55
N ALA A 81 3.11 -13.93 4.30
CA ALA A 81 3.52 -15.10 3.64
C ALA A 81 4.40 -14.79 2.43
C1 SYO B . 0.49 6.51 5.48
S1 SYO B . 0.24 7.22 7.12
C2 SYO B . 1.88 6.02 5.22
C3 SYO B . 2.12 5.73 3.79
O3 SYO B . 2.06 6.63 2.92
C4 SYO B . 2.48 4.33 3.43
C5 SYO B . 1.52 3.67 2.49
C6 SYO B . 1.41 2.20 2.81
C7 SYO B . 0.37 1.51 1.97
C8 SYO B . 0.28 0.07 2.39
O23 SYO B . 0.21 15.24 2.93
P24 SYO B . 0.43 14.27 4.05
O26 SYO B . 0.09 14.75 5.42
O27 SYO B . 1.94 13.89 4.00
C28 SYO B . 2.46 12.90 4.93
C29 SYO B . 3.99 13.15 5.10
C30 SYO B . 4.12 14.59 5.52
C31 SYO B . 4.54 12.25 6.22
C32 SYO B . 4.80 12.92 3.75
O33 SYO B . 6.08 13.52 3.80
C34 SYO B . 5.01 11.46 3.39
O35 SYO B . 6.14 11.07 3.08
N36 SYO B . 3.97 10.70 3.44
C37 SYO B . 3.95 9.27 3.14
C38 SYO B . 4.74 8.43 4.17
C39 SYO B . 4.35 8.66 5.60
O40 SYO B . 5.19 8.76 6.49
N41 SYO B . 3.06 8.74 5.81
C42 SYO B . 2.45 8.97 7.07
C43 SYO B . 0.95 8.88 7.01
H1 SYO B . 0.30 7.26 4.73
H1A SYO B . -0.18 5.68 5.38
H2 SYO B . 2.00 5.10 5.77
H2A SYO B . 2.61 6.75 5.56
H4 SYO B . 2.54 3.76 4.35
H4A SYO B . 3.47 4.40 3.00
H5 SYO B . 1.86 3.79 1.48
H5A SYO B . 0.54 4.12 2.60
H6 SYO B . 1.16 2.08 3.85
H6A SYO B . 2.37 1.73 2.62
H7 SYO B . 0.66 1.55 0.92
H7A SYO B . -0.59 2.00 2.11
H8 SYO B . 0.00 0.02 3.43
H8A SYO B . 1.24 -0.41 2.25
H8B SYO B . -0.48 -0.43 1.79
H28 SYO B . 1.90 12.98 5.85
H28A SYO B . 2.30 11.93 4.50
H30 SYO B . 3.62 14.73 6.46
H30A SYO B . 3.63 15.18 4.76
H30B SYO B . 5.16 14.86 5.60
H31 SYO B . 5.60 12.43 6.34
H31A SYO B . 4.37 11.22 5.96
H31B SYO B . 4.04 12.47 7.15
H32 SYO B . 4.19 13.28 2.93
HO33 SYO B . 6.63 12.83 3.42
HN36 SYO B . 3.17 11.20 3.70
H37 SYO B . 2.91 8.95 3.19
H37A SYO B . 4.34 9.09 2.15
H38 SYO B . 4.52 7.40 3.95
H38A SYO B . 5.80 8.62 4.04
HN41 SYO B . 2.49 8.64 5.02
H42 SYO B . 2.85 8.32 7.84
H42A SYO B . 2.68 9.98 7.36
H43 SYO B . 0.64 9.35 6.08
H43A SYO B . 0.56 9.46 7.83
N ALA A 1 -3.72 -13.45 0.95
CA ALA A 1 -2.31 -13.60 1.29
C ALA A 1 -1.65 -14.46 0.23
N ALA A 2 -0.54 -14.00 -0.32
CA ALA A 2 0.14 -14.74 -1.39
C ALA A 2 1.56 -14.23 -1.62
N THR A 3 1.67 -13.06 -2.21
CA THR A 3 2.96 -12.49 -2.57
C THR A 3 2.75 -11.05 -3.05
N GLN A 4 3.78 -10.44 -3.58
CA GLN A 4 3.75 -9.08 -4.15
C GLN A 4 2.57 -8.86 -5.11
N GLU A 5 2.30 -9.85 -5.95
CA GLU A 5 1.15 -9.80 -6.89
C GLU A 5 -0.20 -9.68 -6.17
N GLU A 6 -0.24 -10.09 -4.93
CA GLU A 6 -1.42 -9.93 -4.07
C GLU A 6 -1.44 -8.50 -3.53
N ILE A 7 -0.26 -8.00 -3.23
CA ILE A 7 -0.13 -6.76 -2.54
C ILE A 7 -0.34 -5.59 -3.48
N VAL A 8 0.57 -5.41 -4.39
CA VAL A 8 0.53 -4.27 -5.30
C VAL A 8 -0.75 -4.21 -6.13
N ALA A 9 -1.19 -5.35 -6.61
CA ALA A 9 -2.41 -5.44 -7.38
C ALA A 9 -3.62 -4.97 -6.56
N GLY A 10 -3.62 -5.31 -5.29
CA GLY A 10 -4.71 -4.95 -4.45
C GLY A 10 -4.58 -3.57 -3.92
N LEU A 11 -3.36 -3.24 -3.54
CA LEU A 11 -3.01 -1.97 -2.95
C LEU A 11 -3.36 -0.87 -3.94
N ALA A 12 -3.05 -1.12 -5.20
CA ALA A 12 -3.37 -0.19 -6.27
C ALA A 12 -4.85 0.14 -6.27
N GLU A 13 -5.68 -0.90 -6.19
CA GLU A 13 -7.13 -0.73 -6.22
C GLU A 13 -7.62 0.01 -5.00
N ILE A 14 -6.99 -0.23 -3.89
CA ILE A 14 -7.26 0.49 -2.66
C ILE A 14 -6.97 1.99 -2.87
N VAL A 15 -5.88 2.27 -3.54
CA VAL A 15 -5.44 3.64 -3.77
C VAL A 15 -6.42 4.34 -4.73
N ASN A 16 -7.11 3.55 -5.52
CA ASN A 16 -8.06 4.07 -6.52
C ASN A 16 -9.30 4.51 -5.78
N GLU A 17 -9.82 3.59 -4.98
CA GLU A 17 -11.05 3.78 -4.24
C GLU A 17 -10.92 4.86 -3.16
N ILE A 18 -9.85 4.80 -2.39
CA ILE A 18 -9.65 5.75 -1.31
C ILE A 18 -9.33 7.14 -1.87
N ALA A 19 -8.34 7.22 -2.73
CA ALA A 19 -7.90 8.50 -3.23
C ALA A 19 -8.37 8.72 -4.66
N GLY A 20 -7.74 8.04 -5.59
CA GLY A 20 -8.09 8.22 -6.97
C GLY A 20 -6.92 8.01 -7.87
N ILE A 21 -6.32 6.89 -7.74
CA ILE A 21 -5.23 6.50 -8.59
C ILE A 21 -5.77 5.63 -9.71
N PRO A 22 -5.09 5.59 -10.84
CA PRO A 22 -5.47 4.78 -12.01
C PRO A 22 -4.92 3.31 -12.03
N VAL A 23 -4.71 2.74 -10.86
CA VAL A 23 -4.36 1.29 -10.60
C VAL A 23 -3.06 0.73 -11.28
N GLU A 24 -2.35 1.51 -12.05
CA GLU A 24 -1.18 0.95 -12.73
C GLU A 24 0.09 1.64 -12.28
N ASP A 25 -0.10 2.72 -11.62
CA ASP A 25 0.95 3.64 -11.21
C ASP A 25 1.52 3.21 -9.89
N VAL A 26 0.67 2.58 -9.10
CA VAL A 26 1.06 2.07 -7.78
C VAL A 26 2.03 0.91 -7.97
N LYS A 27 3.30 1.20 -7.87
CA LYS A 27 4.34 0.21 -8.02
C LYS A 27 5.39 0.44 -6.98
N LEU A 28 6.29 -0.49 -6.86
CA LEU A 28 7.37 -0.40 -5.89
C LEU A 28 8.21 0.83 -6.20
N ASP A 29 8.67 1.50 -5.14
CA ASP A 29 9.49 2.74 -5.20
C ASP A 29 8.60 3.97 -5.40
N LYS A 30 7.30 3.76 -5.45
CA LYS A 30 6.41 4.87 -5.60
C LYS A 30 5.97 5.34 -4.27
N SER A 31 6.27 6.53 -4.04
CA SER A 31 6.11 7.21 -2.76
C SER A 31 4.65 7.67 -2.49
N PHE A 32 3.67 6.97 -3.07
CA PHE A 32 2.22 7.23 -2.91
C PHE A 32 1.83 8.72 -3.04
N THR A 33 1.85 9.44 -1.96
CA THR A 33 1.54 10.86 -1.94
C THR A 33 2.56 11.67 -2.75
N ASP A 34 3.79 11.22 -2.76
CA ASP A 34 4.86 11.97 -3.41
C ASP A 34 4.97 11.61 -4.87
N ASP A 35 4.82 10.33 -5.16
CA ASP A 35 4.93 9.88 -6.55
C ASP A 35 3.63 9.82 -7.28
N LEU A 36 2.61 9.36 -6.63
CA LEU A 36 1.34 9.13 -7.31
C LEU A 36 0.49 10.40 -7.29
N ASP A 37 -0.06 10.71 -6.08
CA ASP A 37 -1.02 11.84 -5.87
C ASP A 37 -1.72 11.67 -4.53
N VAL A 38 -1.73 10.41 -4.07
CA VAL A 38 -2.52 9.94 -2.91
C VAL A 38 -2.40 10.85 -1.71
N ASP A 39 -3.45 11.57 -1.46
CA ASP A 39 -3.52 12.50 -0.33
C ASP A 39 -3.20 11.83 0.99
N SER A 40 -2.22 12.40 1.67
CA SER A 40 -1.73 12.01 2.98
C SER A 40 -2.79 11.54 4.00
N LEU A 41 -3.92 12.23 4.15
CA LEU A 41 -4.84 11.81 5.20
C LEU A 41 -5.63 10.56 4.81
N SER A 42 -5.75 10.35 3.52
CA SER A 42 -6.40 9.18 3.00
C SER A 42 -5.42 8.01 2.96
N MET A 43 -4.13 8.34 3.00
CA MET A 43 -3.04 7.39 2.94
C MET A 43 -3.12 6.34 4.00
N VAL A 44 -3.43 6.76 5.21
CA VAL A 44 -3.52 5.86 6.35
C VAL A 44 -4.55 4.75 6.07
N GLU A 45 -5.66 5.13 5.43
CA GLU A 45 -6.72 4.19 5.08
C GLU A 45 -6.18 3.19 4.10
N VAL A 46 -5.45 3.68 3.10
CA VAL A 46 -4.87 2.88 2.02
C VAL A 46 -3.92 1.81 2.59
N VAL A 47 -3.37 2.08 3.76
CA VAL A 47 -2.39 1.18 4.38
C VAL A 47 -3.12 0.08 5.07
N VAL A 48 -4.02 0.48 5.93
CA VAL A 48 -4.82 -0.45 6.69
C VAL A 48 -5.64 -1.30 5.71
N ALA A 49 -6.10 -0.68 4.63
CA ALA A 49 -6.89 -1.39 3.68
C ALA A 49 -6.03 -2.36 2.92
N ALA A 50 -4.77 -1.98 2.74
CA ALA A 50 -3.79 -2.83 2.11
C ALA A 50 -3.62 -4.09 2.93
N GLU A 51 -3.25 -3.94 4.18
CA GLU A 51 -3.01 -5.09 5.01
C GLU A 51 -4.25 -5.95 5.27
N GLU A 52 -5.40 -5.32 5.39
CA GLU A 52 -6.67 -6.05 5.54
C GLU A 52 -6.95 -6.95 4.34
N ARG A 53 -6.47 -6.53 3.19
CA ARG A 53 -6.68 -7.27 1.97
C ARG A 53 -5.57 -8.31 1.76
N PHE A 54 -4.36 -8.01 2.21
CA PHE A 54 -3.22 -8.90 1.92
C PHE A 54 -2.99 -9.90 3.01
N ASP A 55 -3.67 -9.67 4.11
CA ASP A 55 -3.67 -10.55 5.32
C ASP A 55 -2.45 -10.29 6.20
N VAL A 56 -1.67 -9.26 5.88
CA VAL A 56 -0.58 -8.87 6.73
C VAL A 56 -1.15 -7.94 7.83
N LYS A 57 -0.38 -7.59 8.83
CA LYS A 57 -0.84 -6.65 9.82
C LYS A 57 0.16 -5.52 9.90
N ILE A 58 -0.29 -4.32 9.69
CA ILE A 58 0.58 -3.18 9.71
C ILE A 58 0.15 -2.21 10.81
N PRO A 59 0.99 -2.06 11.84
CA PRO A 59 0.75 -1.11 12.93
C PRO A 59 0.84 0.32 12.40
N ASP A 60 0.22 1.24 13.11
CA ASP A 60 0.20 2.65 12.70
C ASP A 60 1.60 3.22 12.57
N ASP A 61 2.54 2.71 13.36
CA ASP A 61 3.92 3.18 13.27
C ASP A 61 4.59 2.70 12.01
N ASP A 62 4.27 1.51 11.54
CA ASP A 62 4.87 1.03 10.29
C ASP A 62 4.22 1.65 9.11
N VAL A 63 2.97 2.05 9.29
CA VAL A 63 2.23 2.87 8.30
C VAL A 63 3.09 4.12 7.98
N LYS A 64 3.70 4.67 9.03
CA LYS A 64 4.55 5.86 8.94
C LYS A 64 5.92 5.55 8.30
N ASN A 65 6.27 4.27 8.20
CA ASN A 65 7.57 3.84 7.71
C ASN A 65 7.52 3.50 6.26
N LEU A 66 6.41 2.92 5.83
CA LEU A 66 6.20 2.60 4.46
C LEU A 66 6.05 3.93 3.76
N LYS A 67 6.98 4.26 2.93
CA LYS A 67 6.94 5.54 2.25
C LYS A 67 6.58 5.35 0.81
N THR A 68 7.00 4.24 0.26
CA THR A 68 6.70 3.92 -1.06
C THR A 68 5.95 2.61 -1.06
N VAL A 69 5.56 2.18 -2.24
CA VAL A 69 4.93 0.90 -2.39
C VAL A 69 6.01 -0.14 -2.34
N GLY A 70 7.25 0.32 -2.46
CA GLY A 70 8.37 -0.57 -2.36
C GLY A 70 8.52 -1.05 -0.96
N ASP A 71 8.48 -0.11 -0.05
CA ASP A 71 8.64 -0.41 1.37
C ASP A 71 7.45 -1.19 1.86
N ALA A 72 6.26 -0.73 1.45
CA ALA A 72 4.98 -1.33 1.83
C ALA A 72 4.94 -2.78 1.49
N THR A 73 5.04 -3.03 0.22
CA THR A 73 4.93 -4.34 -0.33
C THR A 73 5.90 -5.36 0.29
N LYS A 74 7.13 -4.95 0.49
CA LYS A 74 8.13 -5.80 1.08
C LYS A 74 7.69 -6.18 2.46
N TYR A 75 7.33 -5.14 3.23
CA TYR A 75 6.88 -5.28 4.58
C TYR A 75 5.73 -6.26 4.66
N ILE A 76 4.75 -5.99 3.83
CA ILE A 76 3.57 -6.78 3.73
C ILE A 76 3.90 -8.23 3.46
N LEU A 77 4.49 -8.52 2.30
CA LEU A 77 4.84 -9.88 1.88
C LEU A 77 5.65 -10.58 2.95
N ASP A 78 6.58 -9.86 3.50
CA ASP A 78 7.56 -10.39 4.44
C ASP A 78 6.92 -10.77 5.75
N HIS A 79 5.83 -10.14 6.06
CA HIS A 79 5.12 -10.43 7.28
C HIS A 79 3.90 -11.33 7.05
N GLN A 80 3.58 -11.63 5.78
CA GLN A 80 2.47 -12.56 5.51
C GLN A 80 2.93 -13.89 5.03
N ALA A 81 3.01 -14.03 3.77
CA ALA A 81 3.34 -15.28 3.16
C ALA A 81 4.81 -15.38 2.87
C1 SYO B . 0.69 6.44 4.78
S1 SYO B . 0.27 7.82 5.93
C2 SYO B . 2.11 6.40 4.25
C3 SYO B . 2.25 5.55 3.01
O3 SYO B . 2.22 6.05 1.88
C4 SYO B . 2.38 4.05 3.18
C5 SYO B . 1.35 3.27 2.40
C6 SYO B . 1.47 1.80 2.70
C7 SYO B . 0.41 0.99 1.99
C8 SYO B . 0.54 -0.44 2.40
O23 SYO B . -1.03 15.25 5.27
P24 SYO B . -0.41 14.03 5.86
O26 SYO B . -0.85 13.61 7.22
O27 SYO B . 1.11 14.22 5.88
C28 SYO B . 1.95 13.10 6.31
C29 SYO B . 3.43 13.50 6.19
C30 SYO B . 3.60 14.81 6.93
C31 SYO B . 4.34 12.44 6.84
C32 SYO B . 3.83 13.69 4.65
O33 SYO B . 4.95 14.53 4.49
C34 SYO B . 4.11 12.36 3.96
O35 SYO B . 5.19 12.19 3.40
N36 SYO B . 3.17 11.46 4.04
C37 SYO B . 3.24 10.12 3.48
C38 SYO B . 4.33 9.26 4.15
C39 SYO B . 4.15 9.05 5.64
O40 SYO B . 5.12 9.04 6.41
N41 SYO B . 2.94 8.87 6.01
C42 SYO B . 2.49 8.64 7.34
C43 SYO B . 1.40 7.60 7.33
H1 SYO B . 0.05 6.50 3.91
H1A SYO B . 0.50 5.52 5.32
H2 SYO B . 2.66 5.92 5.05
H2A SYO B . 2.48 7.39 4.04
H4 SYO B . 2.28 3.82 4.23
H4A SYO B . 3.36 3.76 2.83
H5 SYO B . 1.50 3.44 1.34
H5A SYO B . 0.36 3.62 2.67
H6 SYO B . 1.38 1.65 3.76
H6A SYO B . 2.44 1.46 2.37
H7 SYO B . 0.54 1.06 0.92
H7A SYO B . -0.56 1.36 2.28
H8 SYO B . -0.21 -1.03 1.91
H8A SYO B . 0.42 -0.53 3.48
H8B SYO B . 1.52 -0.80 2.12
H28 SYO B . 1.64 12.82 7.30
H28A SYO B . 1.77 12.28 5.64
H30 SYO B . 3.33 14.68 7.96
H30A SYO B . 2.90 15.51 6.47
H30B SYO B . 4.61 15.17 6.82
H31 SYO B . 4.21 11.50 6.32
H31A SYO B . 4.10 12.32 7.88
H31B SYO B . 5.38 12.75 6.75
H32 SYO B . 2.96 14.08 4.14
HO33 SYO B . 5.65 13.96 4.14
HN36 SYO B . 2.37 11.76 4.54
H37 SYO B . 2.28 9.65 3.61
H37A SYO B . 3.46 10.20 2.42
H38 SYO B . 4.23 8.28 3.71
H38A SYO B . 5.30 9.66 3.94
HN41 SYO B . 2.24 8.88 5.31
H42 SYO B . 3.30 8.39 8.00
H42A SYO B . 2.03 9.56 7.69
H43 SYO B . 0.86 7.58 8.26
H43A SYO B . 1.90 6.64 7.21
N ALA A 1 -2.93 -14.91 2.52
CA ALA A 1 -1.54 -14.51 2.28
C ALA A 1 -1.35 -14.14 0.84
N ALA A 2 -0.83 -12.98 0.62
CA ALA A 2 -0.71 -12.45 -0.70
C ALA A 2 0.71 -12.01 -0.93
N THR A 3 1.24 -12.32 -2.07
CA THR A 3 2.59 -11.91 -2.35
C THR A 3 2.55 -10.61 -3.13
N GLN A 4 3.70 -10.08 -3.50
CA GLN A 4 3.80 -8.78 -4.18
C GLN A 4 2.81 -8.60 -5.32
N GLU A 5 2.73 -9.58 -6.21
CA GLU A 5 1.81 -9.53 -7.34
C GLU A 5 0.38 -9.20 -6.97
N GLU A 6 -0.01 -9.64 -5.80
CA GLU A 6 -1.32 -9.40 -5.27
C GLU A 6 -1.34 -8.08 -4.51
N ILE A 7 -0.26 -7.82 -3.76
CA ILE A 7 -0.18 -6.67 -2.89
C ILE A 7 -0.25 -5.41 -3.70
N VAL A 8 0.68 -5.26 -4.58
CA VAL A 8 0.76 -4.08 -5.42
C VAL A 8 -0.43 -3.98 -6.36
N ALA A 9 -1.05 -5.09 -6.64
CA ALA A 9 -2.21 -5.05 -7.47
C ALA A 9 -3.39 -4.50 -6.65
N GLY A 10 -3.49 -4.97 -5.42
CA GLY A 10 -4.55 -4.63 -4.55
C GLY A 10 -4.44 -3.26 -3.99
N LEU A 11 -3.24 -2.93 -3.57
CA LEU A 11 -2.94 -1.67 -2.99
C LEU A 11 -3.17 -0.58 -4.01
N ALA A 12 -2.93 -0.90 -5.27
CA ALA A 12 -3.19 -0.01 -6.35
C ALA A 12 -4.66 0.32 -6.38
N GLU A 13 -5.48 -0.72 -6.36
CA GLU A 13 -6.93 -0.59 -6.41
C GLU A 13 -7.46 0.21 -5.25
N ILE A 14 -6.91 -0.06 -4.10
CA ILE A 14 -7.24 0.70 -2.91
C ILE A 14 -6.98 2.20 -3.13
N VAL A 15 -5.87 2.51 -3.79
CA VAL A 15 -5.49 3.89 -4.06
C VAL A 15 -6.40 4.49 -5.13
N ASN A 16 -6.99 3.66 -5.92
CA ASN A 16 -7.90 4.10 -6.96
C ASN A 16 -9.19 4.56 -6.30
N GLU A 17 -9.64 3.78 -5.34
CA GLU A 17 -10.85 4.06 -4.61
C GLU A 17 -10.66 5.27 -3.67
N ILE A 18 -9.58 5.22 -2.87
CA ILE A 18 -9.28 6.26 -1.88
C ILE A 18 -8.95 7.60 -2.55
N ALA A 19 -7.98 7.59 -3.45
CA ALA A 19 -7.50 8.83 -4.04
C ALA A 19 -8.04 9.01 -5.42
N GLY A 20 -7.63 8.14 -6.29
CA GLY A 20 -8.09 8.18 -7.67
C GLY A 20 -6.98 7.91 -8.62
N ILE A 21 -6.28 6.85 -8.38
CA ILE A 21 -5.19 6.43 -9.22
C ILE A 21 -5.70 5.47 -10.31
N PRO A 22 -5.00 5.36 -11.43
CA PRO A 22 -5.43 4.52 -12.57
C PRO A 22 -5.00 3.04 -12.52
N VAL A 23 -4.73 2.54 -11.32
CA VAL A 23 -4.27 1.12 -11.08
C VAL A 23 -3.11 0.68 -12.04
N GLU A 24 -2.34 1.67 -12.48
CA GLU A 24 -1.19 1.46 -13.36
C GLU A 24 -0.03 2.33 -12.94
N ASP A 25 -0.22 3.02 -11.86
CA ASP A 25 0.76 4.00 -11.40
C ASP A 25 1.44 3.50 -10.16
N VAL A 26 0.73 2.67 -9.45
CA VAL A 26 1.19 2.16 -8.17
C VAL A 26 2.16 1.02 -8.43
N LYS A 27 3.43 1.34 -8.34
CA LYS A 27 4.49 0.39 -8.55
C LYS A 27 5.40 0.49 -7.37
N LEU A 28 6.32 -0.41 -7.26
CA LEU A 28 7.29 -0.32 -6.21
C LEU A 28 8.14 0.90 -6.45
N ASP A 29 8.61 1.50 -5.37
CA ASP A 29 9.41 2.74 -5.38
C ASP A 29 8.51 3.96 -5.50
N LYS A 30 7.21 3.73 -5.49
CA LYS A 30 6.29 4.84 -5.56
C LYS A 30 5.83 5.23 -4.21
N SER A 31 6.12 6.40 -3.89
CA SER A 31 5.90 7.06 -2.60
C SER A 31 4.42 7.47 -2.35
N PHE A 32 3.49 6.68 -2.88
CA PHE A 32 2.04 6.86 -2.71
C PHE A 32 1.55 8.31 -2.80
N THR A 33 1.52 8.99 -1.67
CA THR A 33 1.03 10.33 -1.58
C THR A 33 1.89 11.28 -2.41
N ASP A 34 3.15 10.94 -2.56
CA ASP A 34 4.08 11.80 -3.24
C ASP A 34 4.27 11.42 -4.70
N ASP A 35 4.14 10.14 -5.02
CA ASP A 35 4.32 9.70 -6.42
C ASP A 35 3.02 9.50 -7.17
N LEU A 36 2.04 9.00 -6.49
CA LEU A 36 0.79 8.65 -7.13
C LEU A 36 -0.20 9.79 -7.01
N ASP A 37 -0.17 10.42 -5.83
CA ASP A 37 -1.06 11.49 -5.38
C ASP A 37 -2.20 10.89 -4.64
N VAL A 38 -1.86 10.40 -3.51
CA VAL A 38 -2.84 9.90 -2.59
C VAL A 38 -2.87 10.91 -1.49
N ASP A 39 -3.99 11.17 -0.93
CA ASP A 39 -4.04 12.15 0.16
C ASP A 39 -3.45 11.52 1.42
N SER A 40 -2.36 12.11 1.91
CA SER A 40 -1.66 11.71 3.15
C SER A 40 -2.58 11.27 4.29
N LEU A 41 -3.61 12.03 4.61
CA LEU A 41 -4.46 11.67 5.72
C LEU A 41 -5.30 10.41 5.39
N SER A 42 -5.56 10.20 4.12
CA SER A 42 -6.30 9.05 3.63
C SER A 42 -5.36 7.85 3.43
N MET A 43 -4.06 8.13 3.40
CA MET A 43 -3.02 7.13 3.20
C MET A 43 -3.11 6.06 4.23
N VAL A 44 -3.41 6.45 5.44
CA VAL A 44 -3.56 5.53 6.55
C VAL A 44 -4.60 4.44 6.18
N GLU A 45 -5.74 4.86 5.65
CA GLU A 45 -6.82 3.95 5.22
C GLU A 45 -6.28 2.95 4.21
N VAL A 46 -5.52 3.47 3.26
CA VAL A 46 -4.92 2.68 2.18
C VAL A 46 -3.99 1.59 2.75
N VAL A 47 -3.43 1.86 3.91
CA VAL A 47 -2.49 0.97 4.57
C VAL A 47 -3.26 -0.12 5.23
N VAL A 48 -4.24 0.30 5.99
CA VAL A 48 -5.16 -0.59 6.66
C VAL A 48 -5.83 -1.49 5.62
N ALA A 49 -6.21 -0.90 4.50
CA ALA A 49 -6.86 -1.63 3.46
C ALA A 49 -5.93 -2.68 2.89
N ALA A 50 -4.67 -2.31 2.77
CA ALA A 50 -3.67 -3.21 2.32
C ALA A 50 -3.51 -4.35 3.31
N GLU A 51 -3.30 -4.05 4.58
CA GLU A 51 -3.12 -5.10 5.57
C GLU A 51 -4.33 -6.00 5.73
N GLU A 52 -5.52 -5.44 5.61
CA GLU A 52 -6.75 -6.22 5.66
C GLU A 52 -6.83 -7.21 4.51
N ARG A 53 -6.49 -6.75 3.32
CA ARG A 53 -6.60 -7.58 2.14
C ARG A 53 -5.47 -8.62 2.03
N PHE A 54 -4.24 -8.20 2.29
CA PHE A 54 -3.09 -9.09 2.04
C PHE A 54 -2.76 -9.95 3.25
N ASP A 55 -3.45 -9.69 4.33
CA ASP A 55 -3.37 -10.46 5.62
C ASP A 55 -2.24 -10.07 6.53
N VAL A 56 -1.58 -8.97 6.26
CA VAL A 56 -0.56 -8.52 7.18
C VAL A 56 -1.24 -7.65 8.26
N LYS A 57 -0.50 -7.15 9.20
CA LYS A 57 -1.00 -6.22 10.15
C LYS A 57 -0.01 -5.10 10.22
N ILE A 58 -0.47 -3.87 10.08
CA ILE A 58 0.45 -2.77 10.05
C ILE A 58 0.10 -1.74 11.13
N PRO A 59 0.96 -1.60 12.15
CA PRO A 59 0.80 -0.60 13.22
C PRO A 59 1.14 0.78 12.70
N ASP A 60 0.69 1.82 13.41
CA ASP A 60 0.95 3.24 13.08
C ASP A 60 2.43 3.47 12.85
N ASP A 61 3.22 2.86 13.72
CA ASP A 61 4.68 2.94 13.67
C ASP A 61 5.22 2.39 12.36
N ASP A 62 4.63 1.33 11.85
CA ASP A 62 5.10 0.76 10.59
C ASP A 62 4.46 1.41 9.38
N VAL A 63 3.26 1.91 9.54
CA VAL A 63 2.55 2.64 8.48
C VAL A 63 3.46 3.77 7.96
N LYS A 64 4.00 4.52 8.90
CA LYS A 64 4.86 5.66 8.60
C LYS A 64 6.24 5.22 8.02
N ASN A 65 6.56 3.94 8.13
CA ASN A 65 7.84 3.42 7.65
C ASN A 65 7.72 3.06 6.20
N LEU A 66 6.51 3.01 5.72
CA LEU A 66 6.26 2.69 4.38
C LEU A 66 6.08 3.99 3.66
N LYS A 67 7.02 4.31 2.84
CA LYS A 67 6.92 5.53 2.08
C LYS A 67 6.46 5.19 0.70
N THR A 68 7.05 4.16 0.14
CA THR A 68 6.65 3.76 -1.16
C THR A 68 5.92 2.44 -1.06
N VAL A 69 5.53 1.91 -2.17
CA VAL A 69 4.91 0.62 -2.19
C VAL A 69 5.98 -0.42 -2.28
N GLY A 70 7.19 0.04 -2.59
CA GLY A 70 8.33 -0.86 -2.59
C GLY A 70 8.67 -1.18 -1.16
N ASP A 71 8.30 -0.28 -0.31
CA ASP A 71 8.43 -0.39 1.11
C ASP A 71 7.26 -1.20 1.64
N ALA A 72 6.06 -0.71 1.34
CA ALA A 72 4.79 -1.30 1.78
C ALA A 72 4.74 -2.77 1.54
N THR A 73 4.86 -3.11 0.31
CA THR A 73 4.73 -4.45 -0.16
C THR A 73 5.68 -5.42 0.52
N LYS A 74 6.94 -5.05 0.59
CA LYS A 74 7.96 -5.83 1.20
C LYS A 74 7.57 -6.13 2.62
N TYR A 75 7.16 -5.09 3.32
CA TYR A 75 6.73 -5.18 4.69
C TYR A 75 5.55 -6.13 4.86
N ILE A 76 4.54 -5.89 4.04
CA ILE A 76 3.30 -6.63 4.05
C ILE A 76 3.58 -8.10 3.88
N LEU A 77 4.09 -8.45 2.73
CA LEU A 77 4.34 -9.83 2.33
C LEU A 77 5.16 -10.54 3.42
N ASP A 78 6.20 -9.83 3.87
CA ASP A 78 7.20 -10.35 4.78
C ASP A 78 6.59 -10.75 6.11
N HIS A 79 5.55 -10.08 6.46
CA HIS A 79 4.91 -10.30 7.74
C HIS A 79 3.66 -11.18 7.65
N GLN A 80 3.30 -11.63 6.48
CA GLN A 80 2.16 -12.54 6.36
C GLN A 80 2.51 -13.87 5.85
N ALA A 81 3.17 -13.87 4.79
CA ALA A 81 3.61 -15.08 4.17
C ALA A 81 5.13 -15.09 4.06
C1 SYO B . 1.67 6.06 5.17
S1 SYO B . 0.61 7.14 6.21
C2 SYO B . 1.05 5.78 3.84
C3 SYO B . 1.98 5.11 2.88
O3 SYO B . 2.40 5.71 1.88
C4 SYO B . 2.28 3.67 3.10
C5 SYO B . 1.34 2.78 2.33
C6 SYO B . 1.32 1.44 2.95
C7 SYO B . 0.37 0.51 2.27
C8 SYO B . 0.43 -0.81 2.97
O23 SYO B . -0.41 14.93 5.30
P24 SYO B . 0.15 13.65 5.82
O26 SYO B . -0.16 13.26 7.23
O27 SYO B . 1.68 13.73 5.67
C28 SYO B . 2.48 12.56 6.07
C29 SYO B . 3.98 12.90 5.96
C30 SYO B . 4.15 14.26 6.55
C31 SYO B . 4.83 11.90 6.75
C32 SYO B . 4.45 12.94 4.43
O33 SYO B . 5.62 13.73 4.26
C34 SYO B . 4.69 11.55 3.83
O35 SYO B . 5.77 11.30 3.29
N36 SYO B . 3.72 10.69 3.95
C37 SYO B . 3.74 9.29 3.46
C38 SYO B . 4.70 8.40 4.26
C39 SYO B . 4.50 8.47 5.75
O40 SYO B . 5.44 8.67 6.55
N41 SYO B . 3.26 8.32 6.13
C42 SYO B . 2.80 8.37 7.48
C43 SYO B . 1.63 7.41 7.69
H1 SYO B . 1.78 5.10 5.66
H1A SYO B . 2.62 6.54 5.05
H2 SYO B . 0.76 6.72 3.41
H2A SYO B . 0.18 5.16 3.97
H4 SYO B . 2.11 3.47 4.15
H4A SYO B . 3.30 3.45 2.82
H5 SYO B . 1.67 2.70 1.32
H5A SYO B . 0.35 3.21 2.37
H6 SYO B . 1.04 1.53 3.99
H6A SYO B . 2.31 1.01 2.88
H7 SYO B . 0.66 0.36 1.25
H7A SYO B . -0.63 0.91 2.34
H8 SYO B . 0.15 -0.68 4.00
H8A SYO B . 1.42 -1.20 2.91
H8B SYO B . -0.25 -1.49 2.49
H28 SYO B . 2.18 12.28 7.07
H28A SYO B . 2.26 11.75 5.39
H30 SYO B . 3.85 14.23 7.59
H30A SYO B . 3.49 14.92 6.02
H30B SYO B . 5.17 14.59 6.45
H31 SYO B . 4.53 11.93 7.79
H31A SYO B . 5.87 12.14 6.66
H31B SYO B . 4.66 10.90 6.37
H32 SYO B . 3.62 13.32 3.85
HO33 SYO B . 6.25 13.11 3.87
HN36 SYO B . 2.93 11.06 4.41
H37 SYO B . 2.74 8.89 3.60
H37A SYO B . 4.00 9.28 2.42
H38 SYO B . 4.53 7.39 3.97
H38A SYO B . 5.72 8.68 4.03
HN41 SYO B . 2.57 8.17 5.45
H42 SYO B . 3.59 8.20 8.18
H42A SYO B . 2.40 9.36 7.66
H43 SYO B . 1.05 7.69 8.55
H43A SYO B . 2.12 6.48 7.92
N ALA A 1 -2.11 -12.90 1.57
CA ALA A 1 -0.87 -13.60 1.82
C ALA A 1 -0.48 -14.40 0.62
N ALA A 2 0.48 -13.91 -0.13
CA ALA A 2 0.98 -14.57 -1.30
C ALA A 2 2.32 -13.99 -1.67
N THR A 3 2.28 -12.78 -2.22
CA THR A 3 3.45 -12.09 -2.62
C THR A 3 3.08 -10.68 -3.09
N GLN A 4 4.04 -10.00 -3.65
CA GLN A 4 3.91 -8.65 -4.18
C GLN A 4 2.74 -8.45 -5.13
N GLU A 5 2.50 -9.41 -6.02
CA GLU A 5 1.43 -9.30 -7.01
C GLU A 5 0.12 -8.96 -6.34
N GLU A 6 -0.23 -9.75 -5.36
CA GLU A 6 -1.41 -9.57 -4.51
C GLU A 6 -1.47 -8.17 -3.95
N ILE A 7 -0.34 -7.76 -3.41
CA ILE A 7 -0.24 -6.57 -2.66
C ILE A 7 -0.38 -5.38 -3.56
N VAL A 8 0.54 -5.24 -4.44
CA VAL A 8 0.58 -4.08 -5.33
C VAL A 8 -0.68 -3.93 -6.17
N ALA A 9 -1.21 -5.04 -6.66
CA ALA A 9 -2.44 -5.00 -7.42
C ALA A 9 -3.57 -4.47 -6.54
N GLY A 10 -3.63 -4.98 -5.32
CA GLY A 10 -4.68 -4.64 -4.44
C GLY A 10 -4.55 -3.28 -3.84
N LEU A 11 -3.33 -2.92 -3.54
CA LEU A 11 -3.03 -1.67 -2.94
C LEU A 11 -3.32 -0.58 -3.94
N ALA A 12 -3.00 -0.84 -5.21
CA ALA A 12 -3.32 0.07 -6.28
C ALA A 12 -4.81 0.30 -6.31
N GLU A 13 -5.56 -0.81 -6.26
CA GLU A 13 -7.03 -0.79 -6.26
C GLU A 13 -7.59 0.07 -5.17
N ILE A 14 -7.04 -0.08 -4.00
CA ILE A 14 -7.44 0.72 -2.85
C ILE A 14 -7.22 2.21 -3.14
N VAL A 15 -6.09 2.53 -3.74
CA VAL A 15 -5.73 3.91 -4.01
C VAL A 15 -6.60 4.47 -5.14
N ASN A 16 -7.15 3.58 -5.96
CA ASN A 16 -8.07 3.97 -7.03
C ASN A 16 -9.33 4.52 -6.42
N GLU A 17 -9.81 3.85 -5.39
CA GLU A 17 -11.05 4.22 -4.74
C GLU A 17 -10.85 5.37 -3.77
N ILE A 18 -9.83 5.25 -2.92
CA ILE A 18 -9.51 6.24 -1.90
C ILE A 18 -9.14 7.60 -2.53
N ALA A 19 -8.18 7.59 -3.44
CA ALA A 19 -7.72 8.82 -4.05
C ALA A 19 -8.27 8.94 -5.44
N GLY A 20 -7.73 8.15 -6.33
CA GLY A 20 -8.16 8.14 -7.70
C GLY A 20 -7.06 7.77 -8.62
N ILE A 21 -6.20 6.91 -8.17
CA ILE A 21 -5.10 6.44 -8.98
C ILE A 21 -5.64 5.48 -10.05
N PRO A 22 -4.98 5.41 -11.21
CA PRO A 22 -5.42 4.56 -12.34
C PRO A 22 -4.84 3.11 -12.32
N VAL A 23 -4.63 2.59 -11.12
CA VAL A 23 -4.18 1.18 -10.82
C VAL A 23 -2.81 0.73 -11.44
N GLU A 24 -2.23 1.55 -12.28
CA GLU A 24 -0.99 1.17 -12.92
C GLU A 24 0.15 2.06 -12.48
N ASP A 25 -0.18 3.06 -11.71
CA ASP A 25 0.80 4.06 -11.27
C ASP A 25 1.52 3.54 -10.07
N VAL A 26 0.78 2.75 -9.33
CA VAL A 26 1.23 2.19 -8.07
C VAL A 26 2.19 1.03 -8.34
N LYS A 27 3.46 1.32 -8.29
CA LYS A 27 4.51 0.36 -8.48
C LYS A 27 5.44 0.50 -7.33
N LEU A 28 6.19 -0.52 -7.06
CA LEU A 28 7.20 -0.49 -6.01
C LEU A 28 8.11 0.72 -6.23
N ASP A 29 8.56 1.30 -5.13
CA ASP A 29 9.43 2.50 -5.09
C ASP A 29 8.61 3.78 -5.34
N LYS A 30 7.30 3.63 -5.33
CA LYS A 30 6.45 4.79 -5.44
C LYS A 30 6.04 5.21 -4.08
N SER A 31 6.36 6.39 -3.77
CA SER A 31 6.16 7.00 -2.45
C SER A 31 4.68 7.40 -2.17
N PHE A 32 3.75 6.58 -2.65
CA PHE A 32 2.29 6.74 -2.47
C PHE A 32 1.79 8.16 -2.65
N THR A 33 1.67 8.86 -1.58
CA THR A 33 1.10 10.18 -1.59
C THR A 33 2.01 11.15 -2.34
N ASP A 34 3.29 10.82 -2.37
CA ASP A 34 4.30 11.63 -2.99
C ASP A 34 4.34 11.42 -4.50
N ASP A 35 4.46 10.17 -4.92
CA ASP A 35 4.57 9.92 -6.35
C ASP A 35 3.23 9.86 -6.98
N LEU A 36 2.42 8.98 -6.44
CA LEU A 36 1.15 8.62 -7.03
C LEU A 36 0.20 9.78 -7.00
N ASP A 37 0.24 10.55 -5.90
CA ASP A 37 -0.60 11.70 -5.65
C ASP A 37 -1.86 11.24 -4.98
N VAL A 38 -1.66 10.85 -3.75
CA VAL A 38 -2.72 10.40 -2.88
C VAL A 38 -3.06 11.53 -1.89
N ASP A 39 -4.11 11.37 -1.13
CA ASP A 39 -4.60 12.38 -0.17
C ASP A 39 -3.81 12.45 1.15
N SER A 40 -2.83 11.55 1.32
CA SER A 40 -2.04 11.40 2.57
C SER A 40 -2.89 10.91 3.76
N LEU A 41 -3.84 11.71 4.20
CA LEU A 41 -4.72 11.33 5.30
C LEU A 41 -5.56 10.10 4.95
N SER A 42 -5.95 10.03 3.70
CA SER A 42 -6.70 8.91 3.19
C SER A 42 -5.75 7.73 2.91
N MET A 43 -4.47 8.01 2.90
CA MET A 43 -3.46 7.00 2.68
C MET A 43 -3.33 6.13 3.90
N VAL A 44 -3.47 6.72 5.07
CA VAL A 44 -3.46 5.94 6.32
C VAL A 44 -4.55 4.82 6.25
N GLU A 45 -5.70 5.17 5.64
CA GLU A 45 -6.80 4.23 5.41
C GLU A 45 -6.32 3.11 4.51
N VAL A 46 -5.66 3.50 3.43
CA VAL A 46 -5.16 2.60 2.39
C VAL A 46 -4.20 1.55 2.97
N VAL A 47 -3.54 1.90 4.04
CA VAL A 47 -2.54 1.05 4.67
C VAL A 47 -3.24 -0.08 5.33
N VAL A 48 -4.20 0.30 6.15
CA VAL A 48 -5.03 -0.64 6.85
C VAL A 48 -5.78 -1.48 5.83
N ALA A 49 -6.21 -0.83 4.75
CA ALA A 49 -6.97 -1.49 3.75
C ALA A 49 -6.11 -2.53 3.06
N ALA A 50 -4.86 -2.17 2.86
CA ALA A 50 -3.87 -3.03 2.28
C ALA A 50 -3.68 -4.25 3.16
N GLU A 51 -3.31 -4.05 4.41
CA GLU A 51 -3.03 -5.16 5.30
C GLU A 51 -4.19 -6.11 5.50
N GLU A 52 -5.38 -5.56 5.61
CA GLU A 52 -6.60 -6.35 5.75
C GLU A 52 -6.82 -7.27 4.56
N ARG A 53 -6.45 -6.81 3.39
CA ARG A 53 -6.68 -7.55 2.15
C ARG A 53 -5.53 -8.52 1.90
N PHE A 54 -4.33 -8.17 2.35
CA PHE A 54 -3.14 -8.98 2.03
C PHE A 54 -2.75 -9.89 3.16
N ASP A 55 -3.52 -9.86 4.22
CA ASP A 55 -3.38 -10.77 5.40
C ASP A 55 -2.26 -10.33 6.37
N VAL A 56 -1.63 -9.20 6.10
CA VAL A 56 -0.60 -8.72 7.00
C VAL A 56 -1.26 -7.79 8.05
N LYS A 57 -0.49 -7.24 8.96
CA LYS A 57 -1.00 -6.28 9.90
C LYS A 57 0.01 -5.16 9.96
N ILE A 58 -0.43 -3.93 9.81
CA ILE A 58 0.50 -2.84 9.79
C ILE A 58 0.18 -1.82 10.87
N PRO A 59 1.03 -1.72 11.90
CA PRO A 59 0.87 -0.76 13.00
C PRO A 59 1.22 0.65 12.55
N ASP A 60 0.83 1.65 13.35
CA ASP A 60 1.08 3.08 13.04
C ASP A 60 2.54 3.36 12.73
N ASP A 61 3.43 2.78 13.53
CA ASP A 61 4.88 2.94 13.36
C ASP A 61 5.33 2.45 12.00
N ASP A 62 4.78 1.37 11.54
CA ASP A 62 5.18 0.85 10.26
C ASP A 62 4.48 1.56 9.13
N VAL A 63 3.25 2.02 9.38
CA VAL A 63 2.51 2.85 8.41
C VAL A 63 3.39 4.05 8.05
N LYS A 64 3.90 4.71 9.08
CA LYS A 64 4.75 5.89 8.92
C LYS A 64 6.16 5.58 8.42
N ASN A 65 6.48 4.30 8.25
CA ASN A 65 7.78 3.90 7.72
C ASN A 65 7.69 3.43 6.30
N LEU A 66 6.50 3.13 5.86
CA LEU A 66 6.31 2.76 4.53
C LEU A 66 6.22 4.03 3.76
N LYS A 67 7.23 4.31 3.03
CA LYS A 67 7.21 5.51 2.25
C LYS A 67 6.78 5.20 0.86
N THR A 68 7.24 4.09 0.33
CA THR A 68 6.84 3.70 -0.96
C THR A 68 6.04 2.41 -0.87
N VAL A 69 5.60 1.96 -2.00
CA VAL A 69 4.91 0.72 -2.11
C VAL A 69 5.91 -0.38 -2.29
N GLY A 70 7.14 0.04 -2.58
CA GLY A 70 8.22 -0.92 -2.61
C GLY A 70 8.44 -1.38 -1.21
N ASP A 71 8.42 -0.41 -0.35
CA ASP A 71 8.51 -0.57 1.06
C ASP A 71 7.32 -1.30 1.60
N ALA A 72 6.12 -0.76 1.31
CA ALA A 72 4.86 -1.32 1.80
C ALA A 72 4.76 -2.77 1.54
N THR A 73 4.80 -3.10 0.30
CA THR A 73 4.66 -4.42 -0.19
C THR A 73 5.62 -5.41 0.47
N LYS A 74 6.89 -5.12 0.44
CA LYS A 74 7.91 -5.93 1.03
C LYS A 74 7.65 -6.14 2.47
N TYR A 75 7.16 -5.13 3.11
CA TYR A 75 6.82 -5.21 4.51
C TYR A 75 5.66 -6.17 4.69
N ILE A 76 4.67 -5.97 3.86
CA ILE A 76 3.46 -6.73 3.88
C ILE A 76 3.79 -8.18 3.67
N LEU A 77 4.29 -8.53 2.50
CA LEU A 77 4.58 -9.89 2.12
C LEU A 77 5.49 -10.61 3.11
N ASP A 78 6.43 -9.87 3.63
CA ASP A 78 7.44 -10.40 4.53
C ASP A 78 6.83 -10.71 5.88
N HIS A 79 5.76 -10.02 6.20
CA HIS A 79 5.04 -10.25 7.43
C HIS A 79 3.76 -11.06 7.21
N GLN A 80 3.41 -11.33 5.94
CA GLN A 80 2.24 -12.16 5.65
C GLN A 80 2.60 -13.55 5.93
N ALA A 81 3.50 -13.97 5.17
CA ALA A 81 4.00 -15.29 5.22
C ALA A 81 5.51 -15.25 5.27
C1 SYO B . 0.82 6.55 5.18
S1 SYO B . 0.61 8.11 6.12
C2 SYO B . 2.23 6.23 4.71
C3 SYO B . 2.23 5.40 3.45
O3 SYO B . 2.16 5.95 2.33
C4 SYO B . 2.33 3.91 3.57
C5 SYO B . 1.24 3.19 2.83
C6 SYO B . 1.31 1.72 3.08
C7 SYO B . 0.23 0.98 2.34
C8 SYO B . 0.34 -0.48 2.69
O23 SYO B . -1.32 14.83 4.54
P24 SYO B . -0.58 13.69 5.14
O26 SYO B . -0.89 13.28 6.55
O27 SYO B . 0.93 14.03 5.05
C28 SYO B . 1.88 13.01 5.52
C29 SYO B . 3.32 13.49 5.34
C30 SYO B . 3.36 14.92 5.79
C31 SYO B . 4.26 12.65 6.22
C32 SYO B . 3.77 13.41 3.82
O33 SYO B . 4.86 14.28 3.54
C34 SYO B . 4.12 12.00 3.35
O35 SYO B . 5.16 11.81 2.70
N36 SYO B . 3.30 11.07 3.68
C37 SYO B . 3.44 9.64 3.36
C38 SYO B . 4.61 8.96 4.10
C39 SYO B . 4.52 8.91 5.60
O40 SYO B . 5.52 8.94 6.33
N41 SYO B . 3.32 8.82 6.06
C42 SYO B . 2.93 8.74 7.43
C43 SYO B . 1.70 7.88 7.55
H1 SYO B . 0.21 6.59 4.29
H1A SYO B . 0.48 5.74 5.82
H2 SYO B . 2.65 5.62 5.49
H2A SYO B . 2.82 7.10 4.53
H4 SYO B . 2.28 3.64 4.62
H4A SYO B . 3.28 3.60 3.19
H5 SYO B . 1.37 3.37 1.77
H5A SYO B . 0.28 3.56 3.15
H6 SYO B . 1.19 1.54 4.14
H6A SYO B . 2.26 1.35 2.76
H7 SYO B . 0.37 1.09 1.28
H7A SYO B . -0.74 1.34 2.64
H8 SYO B . 0.22 -0.62 3.75
H8A SYO B . 1.31 -0.84 2.39
H8B SYO B . -0.43 -1.04 2.17
H28 SYO B . 1.63 12.79 6.55
H28A SYO B . 1.72 12.12 4.93
H30 SYO B . 3.08 14.97 6.83
H30A SYO B . 2.63 15.45 5.20
H30B SYO B . 4.34 15.34 5.64
H31 SYO B . 5.28 12.98 6.08
H31A SYO B . 4.19 11.61 5.92
H31B SYO B . 3.98 12.75 7.26
H32 SYO B . 2.90 13.64 3.21
HO33 SYO B . 5.27 13.94 2.74
HN36 SYO B . 2.52 11.40 4.18
H37 SYO B . 2.52 9.13 3.60
H37A SYO B . 3.61 9.55 2.28
H38 SYO B . 4.54 7.92 3.81
H38A SYO B . 5.55 9.38 3.79
HN41 SYO B . 2.57 8.78 5.43
H42 SYO B . 3.74 8.40 8.06
H42A SYO B . 2.64 9.73 7.76
H43 SYO B . 1.18 8.06 8.48
H43A SYO B . 2.06 6.86 7.54
N ALA A 1 -2.45 -15.24 2.77
CA ALA A 1 -1.24 -14.44 2.51
C ALA A 1 -1.31 -13.87 1.15
N ALA A 2 -0.36 -13.04 0.82
CA ALA A 2 -0.35 -12.37 -0.41
C ALA A 2 1.05 -12.02 -0.77
N THR A 3 1.44 -12.34 -1.93
CA THR A 3 2.73 -11.96 -2.40
C THR A 3 2.57 -10.62 -3.12
N GLN A 4 3.66 -10.02 -3.58
CA GLN A 4 3.62 -8.72 -4.30
C GLN A 4 2.54 -8.65 -5.39
N GLU A 5 2.37 -9.74 -6.12
CA GLU A 5 1.39 -9.80 -7.20
C GLU A 5 -0.03 -9.59 -6.70
N GLU A 6 -0.28 -9.95 -5.47
CA GLU A 6 -1.56 -9.70 -4.87
C GLU A 6 -1.55 -8.31 -4.21
N ILE A 7 -0.40 -7.93 -3.64
CA ILE A 7 -0.30 -6.74 -2.82
C ILE A 7 -0.38 -5.48 -3.65
N VAL A 8 0.59 -5.25 -4.47
CA VAL A 8 0.65 -4.05 -5.29
C VAL A 8 -0.58 -3.94 -6.18
N ALA A 9 -0.99 -5.06 -6.73
CA ALA A 9 -2.17 -5.12 -7.55
C ALA A 9 -3.42 -4.70 -6.76
N GLY A 10 -3.47 -5.07 -5.49
CA GLY A 10 -4.59 -4.78 -4.67
C GLY A 10 -4.53 -3.43 -4.09
N LEU A 11 -3.34 -3.07 -3.70
CA LEU A 11 -3.07 -1.83 -3.06
C LEU A 11 -3.35 -0.71 -4.05
N ALA A 12 -3.01 -0.97 -5.32
CA ALA A 12 -3.31 -0.06 -6.39
C ALA A 12 -4.79 0.25 -6.42
N GLU A 13 -5.59 -0.81 -6.31
CA GLU A 13 -7.05 -0.70 -6.34
C GLU A 13 -7.56 0.12 -5.20
N ILE A 14 -6.97 -0.08 -4.05
CA ILE A 14 -7.31 0.70 -2.87
C ILE A 14 -7.02 2.18 -3.13
N VAL A 15 -5.89 2.44 -3.73
CA VAL A 15 -5.40 3.79 -4.01
C VAL A 15 -6.28 4.48 -5.06
N ASN A 16 -6.94 3.68 -5.85
CA ASN A 16 -7.85 4.18 -6.88
C ASN A 16 -9.10 4.74 -6.21
N GLU A 17 -9.60 4.00 -5.26
CA GLU A 17 -10.86 4.33 -4.61
C GLU A 17 -10.70 5.34 -3.48
N ILE A 18 -9.61 5.24 -2.73
CA ILE A 18 -9.35 6.19 -1.64
C ILE A 18 -9.02 7.55 -2.23
N ALA A 19 -8.06 7.58 -3.13
CA ALA A 19 -7.66 8.81 -3.75
C ALA A 19 -8.23 8.88 -5.15
N GLY A 20 -7.48 8.35 -6.08
CA GLY A 20 -7.95 8.32 -7.45
C GLY A 20 -6.87 7.97 -8.43
N ILE A 21 -6.02 7.06 -8.05
CA ILE A 21 -4.96 6.62 -8.94
C ILE A 21 -5.53 5.72 -10.01
N PRO A 22 -4.92 5.68 -11.17
CA PRO A 22 -5.38 4.85 -12.30
C PRO A 22 -4.84 3.40 -12.30
N VAL A 23 -4.60 2.85 -11.12
CA VAL A 23 -4.15 1.44 -10.84
C VAL A 23 -2.79 1.02 -11.45
N GLU A 24 -2.35 1.70 -12.47
CA GLU A 24 -1.13 1.32 -13.16
C GLU A 24 0.07 2.06 -12.59
N ASP A 25 -0.22 3.10 -11.83
CA ASP A 25 0.83 3.98 -11.31
C ASP A 25 1.44 3.44 -10.07
N VAL A 26 0.67 2.65 -9.37
CA VAL A 26 1.12 2.05 -8.12
C VAL A 26 2.15 0.96 -8.44
N LYS A 27 3.42 1.31 -8.31
CA LYS A 27 4.50 0.43 -8.64
C LYS A 27 5.45 0.45 -7.45
N LEU A 28 6.31 -0.52 -7.33
CA LEU A 28 7.29 -0.54 -6.25
C LEU A 28 8.19 0.67 -6.38
N ASP A 29 8.59 1.20 -5.23
CA ASP A 29 9.47 2.38 -5.10
C ASP A 29 8.69 3.67 -5.42
N LYS A 30 7.37 3.55 -5.55
CA LYS A 30 6.53 4.71 -5.79
C LYS A 30 5.84 5.08 -4.54
N SER A 31 5.98 6.27 -4.21
CA SER A 31 5.39 6.84 -3.05
C SER A 31 3.97 7.26 -3.40
N PHE A 32 3.03 6.56 -2.89
CA PHE A 32 1.62 6.83 -3.06
C PHE A 32 1.32 8.32 -2.83
N THR A 33 1.75 8.78 -1.69
CA THR A 33 1.57 10.12 -1.20
C THR A 33 2.56 11.16 -1.85
N ASP A 34 3.13 10.85 -2.99
CA ASP A 34 4.09 11.80 -3.62
C ASP A 34 4.23 11.53 -5.09
N ASP A 35 4.70 10.34 -5.38
CA ASP A 35 4.94 9.88 -6.74
C ASP A 35 3.65 9.68 -7.45
N LEU A 36 2.71 9.14 -6.72
CA LEU A 36 1.41 8.91 -7.26
C LEU A 36 0.56 10.20 -7.25
N ASP A 37 -0.19 10.42 -6.15
CA ASP A 37 -1.09 11.62 -5.99
C ASP A 37 -2.02 11.42 -4.79
N VAL A 38 -1.65 10.54 -3.90
CA VAL A 38 -2.52 10.24 -2.79
C VAL A 38 -2.23 11.20 -1.67
N ASP A 39 -3.25 11.55 -0.96
CA ASP A 39 -3.11 12.42 0.17
C ASP A 39 -2.68 11.63 1.36
N SER A 40 -1.58 12.04 1.94
CA SER A 40 -1.04 11.55 3.18
C SER A 40 -2.10 11.18 4.22
N LEU A 41 -3.07 12.04 4.42
CA LEU A 41 -4.07 11.79 5.42
C LEU A 41 -4.98 10.60 5.04
N SER A 42 -5.17 10.39 3.74
CA SER A 42 -6.00 9.29 3.26
C SER A 42 -5.18 8.00 3.20
N MET A 43 -3.86 8.17 3.21
CA MET A 43 -2.90 7.09 3.13
C MET A 43 -3.08 6.10 4.23
N VAL A 44 -3.40 6.60 5.43
CA VAL A 44 -3.60 5.75 6.61
C VAL A 44 -4.59 4.62 6.28
N GLU A 45 -5.75 5.00 5.72
CA GLU A 45 -6.83 4.09 5.31
C GLU A 45 -6.27 3.02 4.41
N VAL A 46 -5.52 3.47 3.41
CA VAL A 46 -4.92 2.64 2.38
C VAL A 46 -3.99 1.57 2.98
N VAL A 47 -3.37 1.92 4.09
CA VAL A 47 -2.38 1.04 4.72
C VAL A 47 -3.10 -0.05 5.43
N VAL A 48 -4.09 0.35 6.17
CA VAL A 48 -4.89 -0.59 6.89
C VAL A 48 -5.62 -1.48 5.89
N ALA A 49 -6.02 -0.88 4.76
CA ALA A 49 -6.72 -1.59 3.74
C ALA A 49 -5.79 -2.63 3.13
N ALA A 50 -4.53 -2.26 3.01
CA ALA A 50 -3.51 -3.11 2.51
C ALA A 50 -3.37 -4.33 3.42
N GLU A 51 -3.12 -4.14 4.70
CA GLU A 51 -2.96 -5.28 5.59
C GLU A 51 -4.23 -6.13 5.70
N GLU A 52 -5.38 -5.50 5.62
CA GLU A 52 -6.64 -6.20 5.62
C GLU A 52 -6.77 -7.14 4.44
N ARG A 53 -6.34 -6.71 3.27
CA ARG A 53 -6.45 -7.54 2.09
C ARG A 53 -5.26 -8.52 1.96
N PHE A 54 -4.07 -8.08 2.33
CA PHE A 54 -2.86 -8.88 2.05
C PHE A 54 -2.42 -9.70 3.24
N ASP A 55 -3.33 -9.92 4.15
CA ASP A 55 -3.15 -10.87 5.30
C ASP A 55 -2.13 -10.39 6.38
N VAL A 56 -1.49 -9.26 6.18
CA VAL A 56 -0.52 -8.81 7.14
C VAL A 56 -1.22 -7.95 8.20
N LYS A 57 -0.52 -7.48 9.16
CA LYS A 57 -1.01 -6.52 10.07
C LYS A 57 0.04 -5.45 10.16
N ILE A 58 -0.35 -4.23 10.04
CA ILE A 58 0.60 -3.15 10.04
C ILE A 58 0.32 -2.19 11.18
N PRO A 59 1.26 -2.08 12.15
CA PRO A 59 1.13 -1.15 13.29
C PRO A 59 1.11 0.27 12.82
N ASP A 60 0.50 1.16 13.61
CA ASP A 60 0.41 2.58 13.28
C ASP A 60 1.79 3.19 12.99
N ASP A 61 2.84 2.65 13.61
CA ASP A 61 4.19 3.14 13.32
C ASP A 61 4.67 2.67 11.96
N ASP A 62 4.37 1.46 11.59
CA ASP A 62 4.83 0.98 10.30
C ASP A 62 4.01 1.50 9.18
N VAL A 63 2.77 1.86 9.48
CA VAL A 63 1.90 2.56 8.55
C VAL A 63 2.66 3.79 8.01
N LYS A 64 3.23 4.55 8.93
CA LYS A 64 4.00 5.78 8.60
C LYS A 64 5.43 5.47 8.08
N ASN A 65 5.83 4.22 8.03
CA ASN A 65 7.16 3.86 7.62
C ASN A 65 7.17 3.45 6.19
N LEU A 66 6.01 3.17 5.69
CA LEU A 66 5.85 2.85 4.34
C LEU A 66 5.65 4.18 3.68
N LYS A 67 6.39 4.43 2.67
CA LYS A 67 6.16 5.67 1.92
C LYS A 67 5.83 5.28 0.49
N THR A 68 6.56 4.31 -0.01
CA THR A 68 6.35 3.81 -1.31
C THR A 68 5.62 2.50 -1.21
N VAL A 69 5.25 1.94 -2.34
CA VAL A 69 4.68 0.64 -2.32
C VAL A 69 5.81 -0.36 -2.24
N GLY A 70 7.01 0.13 -2.50
CA GLY A 70 8.16 -0.72 -2.41
C GLY A 70 8.51 -1.01 -0.98
N ASP A 71 8.16 -0.11 -0.09
CA ASP A 71 8.36 -0.37 1.32
C ASP A 71 7.19 -1.18 1.82
N ALA A 72 5.99 -0.70 1.47
CA ALA A 72 4.70 -1.26 1.87
C ALA A 72 4.63 -2.72 1.60
N THR A 73 4.77 -3.05 0.35
CA THR A 73 4.59 -4.38 -0.13
C THR A 73 5.52 -5.36 0.59
N LYS A 74 6.80 -5.14 0.45
CA LYS A 74 7.88 -5.79 1.14
C LYS A 74 7.54 -5.98 2.61
N TYR A 75 7.06 -4.95 3.24
CA TYR A 75 6.73 -5.00 4.63
C TYR A 75 5.62 -6.00 4.88
N ILE A 76 4.61 -5.92 4.06
CA ILE A 76 3.46 -6.74 4.12
C ILE A 76 3.86 -8.18 3.94
N LEU A 77 4.34 -8.50 2.76
CA LEU A 77 4.66 -9.84 2.41
C LEU A 77 5.69 -10.49 3.29
N ASP A 78 6.64 -9.73 3.72
CA ASP A 78 7.72 -10.24 4.52
C ASP A 78 7.28 -10.51 5.95
N HIS A 79 6.23 -9.86 6.36
CA HIS A 79 5.68 -10.08 7.69
C HIS A 79 4.59 -11.13 7.71
N GLN A 80 3.91 -11.37 6.59
CA GLN A 80 2.84 -12.38 6.62
C GLN A 80 3.24 -13.76 6.28
N ALA A 81 3.78 -13.90 5.19
CA ALA A 81 4.19 -15.18 4.72
C ALA A 81 5.69 -15.20 4.50
C1 SYO B . 0.40 6.55 5.68
S1 SYO B . 0.24 6.98 7.44
C2 SYO B . 1.81 6.34 5.19
C3 SYO B . 1.88 6.12 3.74
O3 SYO B . 1.73 7.05 2.94
C4 SYO B . 2.15 4.73 3.29
C5 SYO B . 1.09 4.12 2.40
C6 SYO B . 1.14 2.61 2.54
C7 SYO B . 0.02 1.93 1.80
C8 SYO B . 0.07 0.46 2.11
O23 SYO B . -1.26 14.27 5.59
P24 SYO B . -0.22 13.38 6.17
O26 SYO B . -0.48 12.73 7.48
O27 SYO B . 1.11 14.14 6.20
C28 SYO B . 2.27 13.34 6.54
C29 SYO B . 3.55 14.00 6.02
C30 SYO B . 3.60 15.40 6.56
C31 SYO B . 4.77 13.19 6.48
C32 SYO B . 3.54 14.05 4.42
O33 SYO B . 4.49 14.97 3.90
C34 SYO B . 3.82 12.69 3.79
O35 SYO B . 4.75 12.57 2.98
N36 SYO B . 3.06 11.72 4.16
C37 SYO B . 3.15 10.34 3.69
C38 SYO B . 4.23 9.53 4.41
C39 SYO B . 3.98 9.34 5.88
O40 SYO B . 4.90 9.42 6.72
N41 SYO B . 2.75 9.10 6.18
C42 SYO B . 2.27 8.90 7.50
C43 SYO B . 0.78 8.69 7.52
H1 SYO B . 0.01 7.36 5.09
H1A SYO B . -0.16 5.65 5.52
H2 SYO B . 2.15 5.42 5.67
H2A SYO B . 2.47 7.16 5.44
H4 SYO B . 2.26 4.13 4.17
H4A SYO B . 3.10 4.78 2.77
H5 SYO B . 1.28 4.39 1.38
H5A SYO B . 0.12 4.49 2.71
H6 SYO B . 1.08 2.36 3.58
H6A SYO B . 2.08 2.26 2.14
H7 SYO B . 0.16 2.05 0.73
H7A SYO B . -0.93 2.34 2.12
H8 SYO B . 1.02 0.06 1.79
H8A SYO B . -0.73 -0.04 1.59
H8B SYO B . -0.04 0.32 3.16
H28 SYO B . 2.25 13.19 7.61
H28A SYO B . 2.16 12.38 6.06
H30 SYO B . 3.62 15.36 7.64
H30A SYO B . 2.69 15.87 6.23
H30B SYO B . 4.46 15.91 6.17
H31 SYO B . 4.66 12.19 6.08
H31A SYO B . 4.79 13.14 7.57
H31B SYO B . 5.67 13.63 6.10
H32 SYO B . 2.53 14.29 4.09
HO33 SYO B . 5.02 14.40 3.33
HN36 SYO B . 2.35 11.97 4.80
H37 SYO B . 2.19 9.87 3.81
H37A SYO B . 3.39 10.37 2.64
H38 SYO B . 4.18 8.54 3.99
H38A SYO B . 5.20 9.97 4.26
HN41 SYO B . 2.09 9.06 5.47
H42 SYO B . 2.80 8.13 8.01
H42A SYO B . 2.44 9.83 8.03
H43 SYO B . 0.36 9.26 6.70
H43A SYO B . 0.41 9.10 8.45
N ALA A 1 -2.18 -13.41 1.65
CA ALA A 1 -0.91 -13.74 2.28
C ALA A 1 -0.06 -14.50 1.28
N ALA A 2 -0.16 -14.13 0.03
CA ALA A 2 0.53 -14.83 -1.01
C ALA A 2 1.89 -14.21 -1.28
N THR A 3 1.89 -13.06 -1.93
CA THR A 3 3.11 -12.41 -2.32
C THR A 3 2.80 -11.04 -2.94
N GLN A 4 3.82 -10.42 -3.50
CA GLN A 4 3.73 -9.09 -4.14
C GLN A 4 2.62 -8.99 -5.18
N GLU A 5 2.47 -10.03 -6.00
CA GLU A 5 1.40 -10.10 -7.01
C GLU A 5 0.03 -9.84 -6.42
N GLU A 6 -0.15 -10.23 -5.19
CA GLU A 6 -1.39 -10.02 -4.47
C GLU A 6 -1.44 -8.61 -3.90
N ILE A 7 -0.29 -8.13 -3.47
CA ILE A 7 -0.20 -6.89 -2.73
C ILE A 7 -0.31 -5.69 -3.64
N VAL A 8 0.66 -5.49 -4.49
CA VAL A 8 0.68 -4.31 -5.39
C VAL A 8 -0.57 -4.21 -6.22
N ALA A 9 -1.03 -5.32 -6.74
CA ALA A 9 -2.24 -5.35 -7.52
C ALA A 9 -3.43 -4.84 -6.69
N GLY A 10 -3.47 -5.27 -5.43
CA GLY A 10 -4.54 -4.94 -4.59
C GLY A 10 -4.43 -3.58 -3.99
N LEU A 11 -3.23 -3.22 -3.64
CA LEU A 11 -2.94 -1.98 -3.03
C LEU A 11 -3.21 -0.88 -4.02
N ALA A 12 -2.92 -1.18 -5.31
CA ALA A 12 -3.23 -0.26 -6.37
C ALA A 12 -4.69 0.06 -6.36
N GLU A 13 -5.51 -0.99 -6.33
CA GLU A 13 -6.98 -0.88 -6.31
C GLU A 13 -7.44 -0.03 -5.15
N ILE A 14 -6.86 -0.29 -4.01
CA ILE A 14 -7.12 0.48 -2.79
C ILE A 14 -6.85 1.98 -3.04
N VAL A 15 -5.72 2.27 -3.67
CA VAL A 15 -5.29 3.63 -3.89
C VAL A 15 -6.24 4.34 -4.87
N ASN A 16 -6.91 3.56 -5.66
CA ASN A 16 -7.83 4.10 -6.65
C ASN A 16 -9.08 4.55 -5.94
N GLU A 17 -9.64 3.63 -5.17
CA GLU A 17 -10.91 3.85 -4.49
C GLU A 17 -10.78 4.92 -3.40
N ILE A 18 -9.67 4.90 -2.67
CA ILE A 18 -9.43 5.88 -1.62
C ILE A 18 -9.08 7.24 -2.24
N ALA A 19 -8.07 7.22 -3.10
CA ALA A 19 -7.54 8.45 -3.66
C ALA A 19 -8.06 8.69 -5.06
N GLY A 20 -7.38 8.12 -6.04
CA GLY A 20 -7.78 8.26 -7.42
C GLY A 20 -6.67 7.92 -8.37
N ILE A 21 -6.08 6.79 -8.17
CA ILE A 21 -5.02 6.30 -9.02
C ILE A 21 -5.60 5.37 -10.10
N PRO A 22 -4.95 5.26 -11.26
CA PRO A 22 -5.43 4.41 -12.39
C PRO A 22 -5.00 2.93 -12.30
N VAL A 23 -4.87 2.41 -11.09
CA VAL A 23 -4.48 0.98 -10.76
C VAL A 23 -3.15 0.48 -11.40
N GLU A 24 -2.45 1.33 -12.11
CA GLU A 24 -1.19 0.93 -12.75
C GLU A 24 -0.07 1.88 -12.38
N ASP A 25 -0.41 2.86 -11.58
CA ASP A 25 0.51 3.91 -11.17
C ASP A 25 1.23 3.48 -9.92
N VAL A 26 0.59 2.58 -9.22
CA VAL A 26 1.08 2.07 -7.94
C VAL A 26 2.13 1.00 -8.19
N LYS A 27 3.36 1.41 -8.22
CA LYS A 27 4.48 0.54 -8.47
C LYS A 27 5.41 0.62 -7.30
N LEU A 28 6.32 -0.29 -7.21
CA LEU A 28 7.27 -0.30 -6.15
C LEU A 28 8.16 0.91 -6.34
N ASP A 29 8.56 1.53 -5.23
CA ASP A 29 9.39 2.77 -5.20
C ASP A 29 8.50 4.01 -5.32
N LYS A 30 7.20 3.80 -5.39
CA LYS A 30 6.30 4.92 -5.46
C LYS A 30 5.80 5.25 -4.12
N SER A 31 6.07 6.41 -3.75
CA SER A 31 5.87 6.97 -2.44
C SER A 31 4.41 7.47 -2.23
N PHE A 32 3.46 6.75 -2.83
CA PHE A 32 2.02 6.96 -2.72
C PHE A 32 1.56 8.43 -2.76
N THR A 33 1.48 9.06 -1.62
CA THR A 33 1.05 10.42 -1.50
C THR A 33 2.00 11.38 -2.23
N ASP A 34 3.26 11.00 -2.35
CA ASP A 34 4.25 11.85 -2.99
C ASP A 34 4.26 11.62 -4.49
N ASP A 35 4.47 10.38 -4.91
CA ASP A 35 4.61 10.09 -6.35
C ASP A 35 3.29 9.98 -7.08
N LEU A 36 2.32 9.40 -6.44
CA LEU A 36 1.09 9.08 -7.12
C LEU A 36 0.14 10.28 -7.18
N ASP A 37 -0.51 10.59 -6.06
CA ASP A 37 -1.56 11.66 -5.99
C ASP A 37 -2.27 11.62 -4.65
N VAL A 38 -2.17 10.47 -3.99
CA VAL A 38 -2.87 10.18 -2.74
C VAL A 38 -2.71 11.30 -1.72
N ASP A 39 -3.77 11.58 -1.03
CA ASP A 39 -3.73 12.56 0.03
C ASP A 39 -3.18 11.89 1.26
N SER A 40 -2.15 12.47 1.83
CA SER A 40 -1.58 12.03 3.09
C SER A 40 -2.64 11.67 4.18
N LEU A 41 -3.76 12.38 4.23
CA LEU A 41 -4.76 12.03 5.24
C LEU A 41 -5.51 10.72 4.87
N SER A 42 -5.69 10.47 3.60
CA SER A 42 -6.34 9.26 3.10
C SER A 42 -5.31 8.14 3.00
N MET A 43 -4.08 8.52 3.08
CA MET A 43 -2.94 7.69 2.92
C MET A 43 -2.91 6.61 3.99
N VAL A 44 -3.32 6.97 5.19
CA VAL A 44 -3.37 6.02 6.31
C VAL A 44 -4.46 4.95 6.06
N GLU A 45 -5.48 5.32 5.29
CA GLU A 45 -6.58 4.41 4.98
C GLU A 45 -6.06 3.35 4.05
N VAL A 46 -5.30 3.80 3.06
CA VAL A 46 -4.73 2.97 2.01
C VAL A 46 -3.82 1.86 2.62
N VAL A 47 -3.31 2.14 3.79
CA VAL A 47 -2.37 1.23 4.47
C VAL A 47 -3.15 0.16 5.16
N VAL A 48 -4.09 0.58 5.98
CA VAL A 48 -4.91 -0.35 6.71
C VAL A 48 -5.73 -1.17 5.73
N ALA A 49 -6.12 -0.56 4.60
CA ALA A 49 -6.88 -1.25 3.63
C ALA A 49 -6.02 -2.30 2.94
N ALA A 50 -4.74 -1.98 2.82
CA ALA A 50 -3.78 -2.90 2.26
C ALA A 50 -3.68 -4.14 3.11
N GLU A 51 -3.40 -3.98 4.38
CA GLU A 51 -3.22 -5.12 5.26
C GLU A 51 -4.49 -5.92 5.52
N GLU A 52 -5.63 -5.24 5.51
CA GLU A 52 -6.93 -5.90 5.63
C GLU A 52 -7.14 -6.87 4.48
N ARG A 53 -6.63 -6.52 3.32
CA ARG A 53 -6.76 -7.36 2.15
C ARG A 53 -5.65 -8.41 2.06
N PHE A 54 -4.40 -8.00 2.28
CA PHE A 54 -3.25 -8.89 1.99
C PHE A 54 -2.91 -9.84 3.11
N ASP A 55 -3.64 -9.72 4.19
CA ASP A 55 -3.53 -10.61 5.39
C ASP A 55 -2.37 -10.23 6.31
N VAL A 56 -1.63 -9.21 5.96
CA VAL A 56 -0.56 -8.75 6.80
C VAL A 56 -1.18 -7.87 7.90
N LYS A 57 -0.42 -7.39 8.82
CA LYS A 57 -0.92 -6.46 9.77
C LYS A 57 0.07 -5.34 9.90
N ILE A 58 -0.37 -4.13 9.68
CA ILE A 58 0.52 -2.99 9.67
C ILE A 58 0.12 -1.99 10.75
N PRO A 59 0.84 -1.96 11.87
CA PRO A 59 0.59 -0.99 12.95
C PRO A 59 0.97 0.40 12.53
N ASP A 60 0.43 1.40 13.20
CA ASP A 60 0.73 2.84 12.95
C ASP A 60 2.23 3.06 12.83
N ASP A 61 2.95 2.40 13.73
CA ASP A 61 4.42 2.41 13.81
C ASP A 61 5.08 2.03 12.50
N ASP A 62 4.59 1.00 11.86
CA ASP A 62 5.17 0.56 10.60
C ASP A 62 4.57 1.31 9.43
N VAL A 63 3.30 1.72 9.57
CA VAL A 63 2.58 2.53 8.56
C VAL A 63 3.44 3.73 8.20
N LYS A 64 3.88 4.43 9.23
CA LYS A 64 4.68 5.64 9.10
C LYS A 64 6.12 5.40 8.58
N ASN A 65 6.51 4.15 8.40
CA ASN A 65 7.83 3.83 7.92
C ASN A 65 7.77 3.54 6.46
N LEU A 66 6.60 3.15 6.02
CA LEU A 66 6.39 2.86 4.68
C LEU A 66 6.15 4.17 4.00
N LYS A 67 6.77 4.37 2.93
CA LYS A 67 6.52 5.54 2.15
C LYS A 67 6.18 5.17 0.75
N THR A 68 6.84 4.16 0.23
CA THR A 68 6.57 3.76 -1.07
C THR A 68 5.82 2.44 -1.08
N VAL A 69 5.53 1.98 -2.25
CA VAL A 69 4.88 0.72 -2.45
C VAL A 69 5.93 -0.32 -2.40
N GLY A 70 7.17 0.12 -2.60
CA GLY A 70 8.28 -0.80 -2.50
C GLY A 70 8.42 -1.20 -1.07
N ASP A 71 8.38 -0.20 -0.24
CA ASP A 71 8.39 -0.33 1.18
C ASP A 71 7.23 -1.15 1.66
N ALA A 72 6.02 -0.72 1.28
CA ALA A 72 4.78 -1.34 1.68
C ALA A 72 4.78 -2.79 1.37
N THR A 73 4.90 -3.08 0.13
CA THR A 73 4.79 -4.41 -0.37
C THR A 73 5.81 -5.37 0.25
N LYS A 74 7.03 -4.92 0.39
CA LYS A 74 8.07 -5.70 0.97
C LYS A 74 7.69 -6.04 2.37
N TYR A 75 7.27 -5.02 3.09
CA TYR A 75 6.84 -5.14 4.46
C TYR A 75 5.71 -6.13 4.59
N ILE A 76 4.71 -5.90 3.77
CA ILE A 76 3.51 -6.67 3.75
C ILE A 76 3.80 -8.14 3.57
N LEU A 77 4.31 -8.53 2.42
CA LEU A 77 4.61 -9.91 2.05
C LEU A 77 5.46 -10.56 3.13
N ASP A 78 6.45 -9.81 3.55
CA ASP A 78 7.46 -10.28 4.45
C ASP A 78 6.91 -10.47 5.85
N HIS A 79 5.85 -9.76 6.16
CA HIS A 79 5.15 -9.91 7.41
C HIS A 79 3.82 -10.69 7.30
N GLN A 80 3.35 -10.98 6.07
CA GLN A 80 2.08 -11.70 5.89
C GLN A 80 2.26 -13.07 6.36
N ALA A 81 3.07 -13.69 5.64
CA ALA A 81 3.33 -15.07 5.84
C ALA A 81 4.79 -15.28 6.16
C1 SYO B . 1.01 6.21 4.95
S1 SYO B . 0.60 7.48 6.19
C2 SYO B . 2.39 6.31 4.34
C3 SYO B . 2.50 5.53 3.04
O3 SYO B . 2.36 6.10 1.95
C4 SYO B . 2.72 4.04 3.11
C5 SYO B . 1.58 3.27 2.50
C6 SYO B . 1.63 1.82 2.89
C7 SYO B . 0.48 1.04 2.29
C8 SYO B . 0.55 -0.38 2.76
O23 SYO B . -1.31 15.06 5.32
P24 SYO B . -0.54 13.97 5.96
O26 SYO B . -1.04 13.38 7.20
O27 SYO B . 0.90 14.45 6.17
C28 SYO B . 1.87 13.45 6.61
C29 SYO B . 3.29 14.00 6.58
C30 SYO B . 3.24 15.37 7.17
C31 SYO B . 4.22 13.10 7.41
C32 SYO B . 3.83 14.10 5.07
O33 SYO B . 4.94 14.99 4.98
C34 SYO B . 4.24 12.76 4.48
O35 SYO B . 5.35 12.64 4.00
N36 SYO B . 3.35 11.80 4.52
C37 SYO B . 3.57 10.44 3.99
C38 SYO B . 4.71 9.67 4.70
C39 SYO B . 4.44 9.27 6.14
O40 SYO B . 5.29 9.38 7.03
N41 SYO B . 3.25 8.82 6.35
C42 SYO B . 2.75 8.38 7.62
C43 SYO B . 1.84 7.19 7.46
H1 SYO B . 0.32 6.28 4.13
H1A SYO B . 0.92 5.25 5.44
H2 SYO B . 3.03 5.84 5.06
H2A SYO B . 2.66 7.35 4.17
H4 SYO B . 2.82 3.76 4.15
H4A SYO B . 3.64 3.80 2.58
H5 SYO B . 1.63 3.35 1.42
H5A SYO B . 0.64 3.69 2.85
H6 SYO B . 1.59 1.74 3.97
H6A SYO B . 2.57 1.40 2.54
H7 SYO B . 0.57 1.05 1.21
H7A SYO B . -0.45 1.48 2.60
H8 SYO B . -0.27 -0.95 2.33
H8A SYO B . 0.49 -0.41 3.83
H8B SYO B . 1.49 -0.83 2.44
H28 SYO B . 1.57 13.12 7.59
H28A SYO B . 1.81 12.61 5.94
H30 SYO B . 2.91 15.29 8.20
H30A SYO B . 2.49 15.88 6.59
H30B SYO B . 4.20 15.86 7.08
H31 SYO B . 3.88 13.07 8.44
H31A SYO B . 5.23 13.48 7.37
H31B SYO B . 4.20 12.10 6.99
H32 SYO B . 3.00 14.41 4.44
HO33 SYO B . 5.45 14.63 4.22
HN36 SYO B . 2.49 12.05 4.92
H37 SYO B . 2.65 9.87 4.07
H37A SYO B . 3.84 10.52 2.95
H38 SYO B . 4.80 8.73 4.18
H38A SYO B . 5.64 10.23 4.65
HN41 SYO B . 2.62 8.77 5.59
H42 SYO B . 3.57 8.15 8.28
H42A SYO B . 2.17 9.18 8.05
H43 SYO B . 1.36 6.97 8.39
H43A SYO B . 2.45 6.36 7.16
N ALA A 1 -2.13 -15.55 3.28
CA ALA A 1 -0.90 -14.92 2.78
C ALA A 1 -0.71 -15.27 1.32
N ALA A 2 -0.03 -14.40 0.58
CA ALA A 2 0.21 -14.67 -0.82
C ALA A 2 1.60 -14.17 -1.26
N THR A 3 1.64 -12.96 -1.83
CA THR A 3 2.86 -12.40 -2.35
C THR A 3 2.61 -10.98 -2.85
N GLN A 4 3.64 -10.36 -3.41
CA GLN A 4 3.62 -9.00 -3.98
C GLN A 4 2.54 -8.85 -5.02
N GLU A 5 2.32 -9.92 -5.78
CA GLU A 5 1.30 -9.95 -6.81
C GLU A 5 -0.06 -9.54 -6.25
N GLU A 6 -0.41 -10.11 -5.12
CA GLU A 6 -1.67 -9.83 -4.46
C GLU A 6 -1.64 -8.44 -3.81
N ILE A 7 -0.46 -8.02 -3.41
CA ILE A 7 -0.32 -6.80 -2.66
C ILE A 7 -0.43 -5.59 -3.55
N VAL A 8 0.50 -5.40 -4.43
CA VAL A 8 0.52 -4.24 -5.31
C VAL A 8 -0.73 -4.14 -6.16
N ALA A 9 -1.26 -5.27 -6.60
CA ALA A 9 -2.46 -5.26 -7.40
C ALA A 9 -3.65 -4.77 -6.59
N GLY A 10 -3.70 -5.14 -5.32
CA GLY A 10 -4.80 -4.79 -4.49
C GLY A 10 -4.64 -3.42 -3.90
N LEU A 11 -3.40 -3.09 -3.57
CA LEU A 11 -3.07 -1.83 -2.98
C LEU A 11 -3.35 -0.74 -3.98
N ALA A 12 -3.02 -1.01 -5.24
CA ALA A 12 -3.31 -0.11 -6.31
C ALA A 12 -4.78 0.21 -6.35
N GLU A 13 -5.59 -0.84 -6.26
CA GLU A 13 -7.03 -0.73 -6.31
C GLU A 13 -7.59 0.10 -5.20
N ILE A 14 -7.02 -0.06 -4.01
CA ILE A 14 -7.41 0.75 -2.85
C ILE A 14 -7.15 2.22 -3.17
N VAL A 15 -6.00 2.48 -3.76
CA VAL A 15 -5.53 3.81 -4.05
C VAL A 15 -6.39 4.46 -5.13
N ASN A 16 -7.00 3.64 -5.93
CA ASN A 16 -7.88 4.13 -7.01
C ASN A 16 -9.13 4.70 -6.40
N GLU A 17 -9.62 4.05 -5.36
CA GLU A 17 -10.84 4.45 -4.70
C GLU A 17 -10.58 5.56 -3.69
N ILE A 18 -9.52 5.41 -2.91
CA ILE A 18 -9.11 6.40 -1.92
C ILE A 18 -8.77 7.75 -2.59
N ALA A 19 -7.90 7.71 -3.58
CA ALA A 19 -7.49 8.92 -4.23
C ALA A 19 -8.04 8.98 -5.64
N GLY A 20 -7.34 8.39 -6.57
CA GLY A 20 -7.77 8.41 -7.95
C GLY A 20 -6.64 8.03 -8.86
N ILE A 21 -6.00 6.96 -8.51
CA ILE A 21 -4.92 6.43 -9.29
C ILE A 21 -5.48 5.50 -10.36
N PRO A 22 -4.83 5.39 -11.50
CA PRO A 22 -5.27 4.55 -12.62
C PRO A 22 -4.74 3.09 -12.55
N VAL A 23 -4.69 2.56 -11.34
CA VAL A 23 -4.28 1.15 -11.00
C VAL A 23 -2.85 0.69 -11.45
N GLU A 24 -2.20 1.42 -12.33
CA GLU A 24 -0.89 0.99 -12.79
C GLU A 24 0.16 1.99 -12.42
N ASP A 25 -0.26 3.01 -11.71
CA ASP A 25 0.63 4.08 -11.27
C ASP A 25 1.40 3.60 -10.07
N VAL A 26 0.73 2.75 -9.34
CA VAL A 26 1.21 2.20 -8.08
C VAL A 26 2.29 1.15 -8.34
N LYS A 27 3.53 1.58 -8.33
CA LYS A 27 4.64 0.68 -8.51
C LYS A 27 5.51 0.69 -7.29
N LEU A 28 6.34 -0.28 -7.16
CA LEU A 28 7.18 -0.40 -6.05
C LEU A 28 8.25 0.67 -6.14
N ASP A 29 8.49 1.29 -5.00
CA ASP A 29 9.44 2.41 -4.83
C ASP A 29 8.75 3.73 -5.19
N LYS A 30 7.45 3.66 -5.37
CA LYS A 30 6.67 4.84 -5.63
C LYS A 30 5.99 5.26 -4.40
N SER A 31 6.14 6.45 -4.08
CA SER A 31 5.59 7.05 -2.92
C SER A 31 4.14 7.38 -3.20
N PHE A 32 3.26 6.73 -2.53
CA PHE A 32 1.82 6.93 -2.64
C PHE A 32 1.45 8.42 -2.64
N THR A 33 1.70 9.08 -1.57
CA THR A 33 1.40 10.50 -1.44
C THR A 33 2.14 11.38 -2.52
N ASP A 34 3.44 11.14 -2.73
CA ASP A 34 4.27 12.01 -3.59
C ASP A 34 4.20 11.61 -5.06
N ASP A 35 4.53 10.37 -5.32
CA ASP A 35 4.64 9.84 -6.67
C ASP A 35 3.30 9.55 -7.27
N LEU A 36 2.48 8.86 -6.52
CA LEU A 36 1.19 8.40 -7.02
C LEU A 36 0.18 9.53 -7.05
N ASP A 37 0.06 10.20 -5.90
CA ASP A 37 -0.90 11.28 -5.59
C ASP A 37 -2.05 10.77 -4.74
N VAL A 38 -1.69 10.25 -3.62
CA VAL A 38 -2.63 9.78 -2.65
C VAL A 38 -2.57 10.73 -1.49
N ASP A 39 -3.68 11.37 -1.21
CA ASP A 39 -3.78 12.31 -0.09
C ASP A 39 -3.24 11.67 1.16
N SER A 40 -2.14 12.22 1.64
CA SER A 40 -1.43 11.77 2.81
C SER A 40 -2.32 11.55 4.07
N LEU A 41 -3.50 12.17 4.11
CA LEU A 41 -4.43 11.93 5.20
C LEU A 41 -5.28 10.66 4.98
N SER A 42 -5.66 10.37 3.74
CA SER A 42 -6.45 9.18 3.43
C SER A 42 -5.52 7.98 3.32
N MET A 43 -4.27 8.31 3.25
CA MET A 43 -3.16 7.43 3.09
C MET A 43 -3.14 6.37 4.17
N VAL A 44 -3.53 6.77 5.37
CA VAL A 44 -3.60 5.86 6.50
C VAL A 44 -4.60 4.71 6.20
N GLU A 45 -5.77 5.09 5.67
CA GLU A 45 -6.83 4.14 5.32
C GLU A 45 -6.30 3.12 4.35
N VAL A 46 -5.52 3.59 3.40
CA VAL A 46 -4.95 2.76 2.35
C VAL A 46 -4.08 1.64 2.94
N VAL A 47 -3.50 1.92 4.08
CA VAL A 47 -2.57 0.98 4.72
C VAL A 47 -3.37 -0.09 5.40
N VAL A 48 -4.26 0.36 6.24
CA VAL A 48 -5.19 -0.44 7.00
C VAL A 48 -6.14 -1.23 6.07
N ALA A 49 -6.26 -0.77 4.84
CA ALA A 49 -7.02 -1.46 3.87
C ALA A 49 -6.16 -2.50 3.18
N ALA A 50 -4.91 -2.12 2.95
CA ALA A 50 -3.92 -2.94 2.27
C ALA A 50 -3.65 -4.21 3.02
N GLU A 51 -3.11 -4.08 4.20
CA GLU A 51 -2.70 -5.24 4.94
C GLU A 51 -3.80 -6.24 5.26
N GLU A 52 -4.94 -5.74 5.67
CA GLU A 52 -6.15 -6.54 5.87
C GLU A 52 -6.54 -7.34 4.61
N ARG A 53 -6.36 -6.73 3.46
CA ARG A 53 -6.72 -7.33 2.20
C ARG A 53 -5.71 -8.38 1.80
N PHE A 54 -4.47 -8.12 2.10
CA PHE A 54 -3.43 -8.99 1.63
C PHE A 54 -3.20 -10.14 2.57
N ASP A 55 -3.15 -9.85 3.90
CA ASP A 55 -2.96 -10.87 4.99
C ASP A 55 -2.35 -10.28 6.26
N VAL A 56 -1.41 -9.35 6.08
CA VAL A 56 -0.57 -8.90 7.20
C VAL A 56 -1.31 -7.86 8.10
N LYS A 57 -0.66 -7.42 9.14
CA LYS A 57 -1.15 -6.38 10.00
C LYS A 57 -0.01 -5.42 10.23
N ILE A 58 -0.26 -4.16 9.95
CA ILE A 58 0.79 -3.18 10.04
C ILE A 58 0.49 -2.18 11.16
N PRO A 59 1.39 -2.12 12.16
CA PRO A 59 1.26 -1.18 13.29
C PRO A 59 1.42 0.26 12.82
N ASP A 60 0.84 1.19 13.55
CA ASP A 60 0.90 2.64 13.21
C ASP A 60 2.34 3.10 12.97
N ASP A 61 3.27 2.56 13.77
CA ASP A 61 4.71 2.89 13.63
C ASP A 61 5.21 2.53 12.26
N ASP A 62 4.83 1.35 11.77
CA ASP A 62 5.31 0.89 10.47
C ASP A 62 4.51 1.44 9.34
N VAL A 63 3.24 1.74 9.61
CA VAL A 63 2.36 2.39 8.64
C VAL A 63 3.06 3.66 8.15
N LYS A 64 3.47 4.47 9.09
CA LYS A 64 4.11 5.75 8.83
C LYS A 64 5.58 5.62 8.34
N ASN A 65 6.10 4.41 8.26
CA ASN A 65 7.45 4.18 7.81
C ASN A 65 7.44 3.93 6.35
N LEU A 66 6.35 3.31 5.92
CA LEU A 66 6.15 3.04 4.56
C LEU A 66 5.91 4.37 3.90
N LYS A 67 6.55 4.59 2.84
CA LYS A 67 6.32 5.80 2.08
C LYS A 67 6.04 5.46 0.64
N THR A 68 6.64 4.39 0.18
CA THR A 68 6.42 3.95 -1.14
C THR A 68 5.69 2.64 -1.09
N VAL A 69 5.26 2.13 -2.23
CA VAL A 69 4.66 0.84 -2.27
C VAL A 69 5.73 -0.21 -2.26
N GLY A 70 6.95 0.24 -2.49
CA GLY A 70 8.07 -0.66 -2.43
C GLY A 70 8.30 -1.06 -1.00
N ASP A 71 8.11 -0.12 -0.11
CA ASP A 71 8.22 -0.35 1.33
C ASP A 71 7.08 -1.20 1.75
N ALA A 72 5.87 -0.72 1.43
CA ALA A 72 4.62 -1.34 1.85
C ALA A 72 4.62 -2.77 1.54
N THR A 73 4.74 -3.06 0.30
CA THR A 73 4.68 -4.38 -0.20
C THR A 73 5.70 -5.33 0.46
N LYS A 74 6.94 -4.91 0.53
CA LYS A 74 8.00 -5.69 1.09
C LYS A 74 7.82 -5.87 2.56
N TYR A 75 7.17 -4.94 3.16
CA TYR A 75 6.86 -5.05 4.54
C TYR A 75 5.77 -6.09 4.71
N ILE A 76 4.71 -5.92 3.95
CA ILE A 76 3.54 -6.75 3.98
C ILE A 76 3.89 -8.20 3.71
N LEU A 77 4.35 -8.47 2.48
CA LEU A 77 4.65 -9.82 1.96
C LEU A 77 5.53 -10.56 2.91
N ASP A 78 6.58 -9.91 3.30
CA ASP A 78 7.66 -10.50 4.05
C ASP A 78 7.23 -10.83 5.47
N HIS A 79 6.25 -10.13 5.94
CA HIS A 79 5.69 -10.37 7.25
C HIS A 79 4.51 -11.36 7.19
N GLN A 80 3.87 -11.48 6.03
CA GLN A 80 2.72 -12.41 5.92
C GLN A 80 3.11 -13.80 5.50
N ALA A 81 3.76 -13.82 4.44
CA ALA A 81 4.14 -15.03 3.79
C ALA A 81 5.62 -15.29 3.99
C1 SYO B . 0.63 6.37 5.75
S1 SYO B . 0.37 6.86 7.47
C2 SYO B . 2.06 6.21 5.35
C3 SYO B . 2.20 5.79 3.93
O3 SYO B . 2.20 6.62 3.01
C4 SYO B . 2.36 4.34 3.68
C5 SYO B . 1.32 3.75 2.76
C6 SYO B . 1.28 2.25 2.92
C7 SYO B . 0.17 1.63 2.09
C8 SYO B . 0.13 0.15 2.37
O23 SYO B . 0.83 15.57 4.48
P24 SYO B . 0.00 14.45 4.93
O26 SYO B . -0.93 14.65 6.08
O27 SYO B . 0.94 13.18 5.26
C28 SYO B . 1.90 13.14 6.37
C29 SYO B . 3.19 13.94 6.08
C30 SYO B . 2.97 15.36 6.54
C31 SYO B . 4.30 13.31 6.88
C32 SYO B . 3.61 13.93 4.52
O33 SYO B . 4.74 14.79 4.31
C34 SYO B . 4.00 12.54 3.99
O35 SYO B . 5.10 12.37 3.46
N36 SYO B . 3.12 11.60 4.15
C37 SYO B . 3.29 10.21 3.70
C38 SYO B . 4.38 9.44 4.49
C39 SYO B . 4.11 9.28 5.97
O40 SYO B . 5.01 9.38 6.82
N41 SYO B . 2.86 9.06 6.24
C42 SYO B . 2.33 8.88 7.55
C43 SYO B . 0.84 8.59 7.51
H1 SYO B . 0.22 7.13 5.11
H1A SYO B . 0.10 5.43 5.61
H2 SYO B . 2.45 5.41 5.96
H2A SYO B . 2.63 7.12 5.48
H4 SYO B . 2.34 3.83 4.63
H4A SYO B . 3.35 4.27 3.26
H5 SYO B . 1.57 4.00 1.74
H5A SYO B . 0.36 4.17 3.01
H6 SYO B . 1.11 2.01 3.97
H6A SYO B . 2.22 1.82 2.60
H7 SYO B . 0.37 1.77 1.05
H7A SYO B . -0.78 2.07 2.37
H8 SYO B . -0.66 -0.30 1.79
H8A SYO B . -0.07 -0.02 3.42
H8B SYO B . 1.08 -0.30 2.10
H28 SYO B . 1.41 13.55 7.25
H28A SYO B . 2.16 12.11 6.56
H30 SYO B . 3.84 15.95 6.35
H30A SYO B . 2.73 15.34 7.60
H30B SYO B . 2.12 15.75 6.00
H31 SYO B . 4.07 13.36 7.94
H31A SYO B . 5.24 13.80 6.67
H31B SYO B . 4.35 12.27 6.58
H32 SYO B . 2.76 14.21 3.93
HO33 SYO B . 5.48 14.18 4.41
HN36 SYO B . 2.29 11.92 4.58
H37 SYO B . 2.34 9.70 3.79
H37A SYO B . 3.57 10.22 2.66
H38 SYO B . 4.37 8.44 4.09
H38A SYO B . 5.34 9.91 4.34
HN41 SYO B . 2.23 9.00 5.50
H42 SYO B . 2.88 8.16 8.13
H42A SYO B . 2.42 9.84 8.06
H43 SYO B . 0.44 9.10 6.65
H43A SYO B . 0.41 9.02 8.40
N ALA A 1 -2.40 -13.79 1.78
CA ALA A 1 -0.97 -13.87 2.05
C ALA A 1 -0.30 -14.69 0.98
N ALA A 2 0.11 -14.03 -0.08
CA ALA A 2 0.78 -14.70 -1.16
C ALA A 2 2.14 -14.08 -1.41
N THR A 3 2.14 -12.91 -2.03
CA THR A 3 3.35 -12.21 -2.37
C THR A 3 3.00 -10.84 -2.94
N GLN A 4 3.97 -10.17 -3.48
CA GLN A 4 3.85 -8.83 -4.07
C GLN A 4 2.70 -8.74 -5.10
N GLU A 5 2.55 -9.77 -5.92
CA GLU A 5 1.46 -9.82 -6.92
C GLU A 5 0.06 -9.77 -6.29
N GLU A 6 -0.03 -10.15 -5.06
CA GLU A 6 -1.27 -10.07 -4.31
C GLU A 6 -1.41 -8.65 -3.77
N ILE A 7 -0.30 -8.12 -3.32
CA ILE A 7 -0.27 -6.88 -2.61
C ILE A 7 -0.44 -5.69 -3.54
N VAL A 8 0.51 -5.46 -4.39
CA VAL A 8 0.49 -4.31 -5.30
C VAL A 8 -0.76 -4.27 -6.16
N ALA A 9 -1.15 -5.42 -6.67
CA ALA A 9 -2.37 -5.52 -7.44
C ALA A 9 -3.58 -5.02 -6.65
N GLY A 10 -3.62 -5.32 -5.36
CA GLY A 10 -4.71 -4.94 -4.57
C GLY A 10 -4.58 -3.56 -4.03
N LEU A 11 -3.38 -3.22 -3.64
CA LEU A 11 -3.06 -1.97 -3.04
C LEU A 11 -3.33 -0.87 -4.05
N ALA A 12 -2.95 -1.12 -5.31
CA ALA A 12 -3.20 -0.18 -6.40
C ALA A 12 -4.65 0.17 -6.44
N GLU A 13 -5.50 -0.85 -6.36
CA GLU A 13 -6.93 -0.69 -6.41
C GLU A 13 -7.44 0.11 -5.25
N ILE A 14 -6.92 -0.15 -4.08
CA ILE A 14 -7.28 0.60 -2.89
C ILE A 14 -6.94 2.09 -3.08
N VAL A 15 -5.81 2.36 -3.71
CA VAL A 15 -5.33 3.71 -3.92
C VAL A 15 -6.24 4.44 -4.94
N ASN A 16 -6.91 3.64 -5.76
CA ASN A 16 -7.81 4.17 -6.80
C ASN A 16 -9.10 4.59 -6.15
N GLU A 17 -9.51 3.80 -5.18
CA GLU A 17 -10.75 3.99 -4.46
C GLU A 17 -10.66 5.15 -3.50
N ILE A 18 -9.67 5.09 -2.62
CA ILE A 18 -9.50 6.09 -1.58
C ILE A 18 -9.18 7.46 -2.19
N ALA A 19 -8.18 7.52 -3.05
CA ALA A 19 -7.81 8.78 -3.66
C ALA A 19 -8.31 8.86 -5.09
N GLY A 20 -7.59 8.28 -5.99
CA GLY A 20 -8.02 8.27 -7.37
C GLY A 20 -6.90 7.97 -8.31
N ILE A 21 -6.13 6.99 -7.96
CA ILE A 21 -5.05 6.57 -8.81
C ILE A 21 -5.60 5.71 -9.97
N PRO A 22 -4.94 5.75 -11.12
CA PRO A 22 -5.32 4.98 -12.33
C PRO A 22 -4.84 3.50 -12.36
N VAL A 23 -4.61 2.93 -11.21
CA VAL A 23 -4.22 1.49 -11.02
C VAL A 23 -3.00 1.02 -11.86
N GLU A 24 -2.16 1.94 -12.29
CA GLU A 24 -0.99 1.54 -13.08
C GLU A 24 0.28 2.16 -12.53
N ASP A 25 0.11 3.13 -11.66
CA ASP A 25 1.20 3.95 -11.16
C ASP A 25 1.72 3.38 -9.89
N VAL A 26 0.86 2.67 -9.20
CA VAL A 26 1.23 2.06 -7.91
C VAL A 26 2.18 0.90 -8.15
N LYS A 27 3.45 1.21 -8.12
CA LYS A 27 4.50 0.25 -8.33
C LYS A 27 5.48 0.41 -7.22
N LEU A 28 6.41 -0.49 -7.11
CA LEU A 28 7.42 -0.39 -6.11
C LEU A 28 8.27 0.83 -6.40
N ASP A 29 8.78 1.45 -5.33
CA ASP A 29 9.61 2.69 -5.37
C ASP A 29 8.72 3.92 -5.47
N LYS A 30 7.42 3.72 -5.58
CA LYS A 30 6.54 4.83 -5.76
C LYS A 30 5.94 5.21 -4.50
N SER A 31 6.11 6.40 -4.18
CA SER A 31 5.57 6.98 -2.99
C SER A 31 4.10 7.31 -3.25
N PHE A 32 3.23 6.65 -2.55
CA PHE A 32 1.80 6.81 -2.72
C PHE A 32 1.37 8.30 -2.66
N THR A 33 1.81 9.00 -1.68
CA THR A 33 1.41 10.38 -1.55
C THR A 33 2.26 11.30 -2.47
N ASP A 34 3.56 11.08 -2.48
CA ASP A 34 4.49 11.94 -3.22
C ASP A 34 4.44 11.72 -4.72
N ASP A 35 4.54 10.48 -5.14
CA ASP A 35 4.58 10.16 -6.56
C ASP A 35 3.19 10.09 -7.09
N LEU A 36 2.44 9.22 -6.49
CA LEU A 36 1.14 8.82 -6.96
C LEU A 36 0.11 9.90 -6.76
N ASP A 37 0.28 10.67 -5.68
CA ASP A 37 -0.54 11.81 -5.36
C ASP A 37 -1.80 11.38 -4.67
N VAL A 38 -1.57 10.89 -3.51
CA VAL A 38 -2.63 10.59 -2.58
C VAL A 38 -2.62 11.66 -1.49
N ASP A 39 -3.81 12.07 -1.07
CA ASP A 39 -4.08 13.17 -0.08
C ASP A 39 -3.39 13.03 1.31
N SER A 40 -2.51 12.06 1.49
CA SER A 40 -1.82 11.78 2.76
C SER A 40 -2.74 11.29 3.88
N LEU A 41 -3.74 12.06 4.22
CA LEU A 41 -4.66 11.70 5.29
C LEU A 41 -5.41 10.42 4.92
N SER A 42 -5.60 10.24 3.63
CA SER A 42 -6.28 9.12 3.06
C SER A 42 -5.34 7.90 3.02
N MET A 43 -4.05 8.14 3.18
CA MET A 43 -3.03 7.11 3.05
C MET A 43 -3.13 6.11 4.11
N VAL A 44 -3.40 6.55 5.33
CA VAL A 44 -3.53 5.66 6.48
C VAL A 44 -4.61 4.59 6.18
N GLU A 45 -5.70 5.02 5.54
CA GLU A 45 -6.79 4.13 5.16
C GLU A 45 -6.29 3.08 4.21
N VAL A 46 -5.55 3.54 3.20
CA VAL A 46 -5.01 2.69 2.14
C VAL A 46 -4.06 1.61 2.72
N VAL A 47 -3.50 1.90 3.88
CA VAL A 47 -2.56 1.01 4.56
C VAL A 47 -3.33 -0.09 5.21
N VAL A 48 -4.28 0.33 6.04
CA VAL A 48 -5.13 -0.59 6.74
C VAL A 48 -5.91 -1.42 5.73
N ALA A 49 -6.30 -0.79 4.64
CA ALA A 49 -7.07 -1.45 3.63
C ALA A 49 -6.21 -2.46 2.92
N ALA A 50 -4.92 -2.15 2.81
CA ALA A 50 -3.97 -3.03 2.22
C ALA A 50 -3.85 -4.28 3.07
N GLU A 51 -3.48 -4.12 4.32
CA GLU A 51 -3.25 -5.25 5.19
C GLU A 51 -4.49 -6.09 5.50
N GLU A 52 -5.65 -5.46 5.56
CA GLU A 52 -6.92 -6.18 5.69
C GLU A 52 -7.11 -7.13 4.51
N ARG A 53 -6.60 -6.71 3.37
CA ARG A 53 -6.71 -7.45 2.14
C ARG A 53 -5.55 -8.45 1.96
N PHE A 54 -4.36 -8.12 2.47
CA PHE A 54 -3.15 -8.94 2.20
C PHE A 54 -2.72 -9.72 3.40
N ASP A 55 -3.61 -9.87 4.34
CA ASP A 55 -3.42 -10.74 5.55
C ASP A 55 -2.49 -10.15 6.63
N VAL A 56 -1.57 -9.28 6.22
CA VAL A 56 -0.57 -8.77 7.11
C VAL A 56 -1.19 -7.77 8.13
N LYS A 57 -0.44 -7.37 9.12
CA LYS A 57 -0.89 -6.37 10.07
C LYS A 57 0.11 -5.24 10.06
N ILE A 58 -0.35 -4.05 9.86
CA ILE A 58 0.53 -2.91 9.80
C ILE A 58 0.19 -1.89 10.89
N PRO A 59 1.01 -1.81 11.95
CA PRO A 59 0.82 -0.83 13.04
C PRO A 59 1.22 0.56 12.59
N ASP A 60 0.85 1.56 13.37
CA ASP A 60 1.13 2.98 13.09
C ASP A 60 2.58 3.21 12.72
N ASP A 61 3.48 2.62 13.51
CA ASP A 61 4.92 2.76 13.30
C ASP A 61 5.35 2.22 11.95
N ASP A 62 4.73 1.17 11.51
CA ASP A 62 5.09 0.59 10.23
C ASP A 62 4.35 1.27 9.09
N VAL A 63 3.13 1.74 9.36
CA VAL A 63 2.32 2.53 8.42
C VAL A 63 3.16 3.71 7.94
N LYS A 64 3.74 4.43 8.88
CA LYS A 64 4.55 5.62 8.60
C LYS A 64 5.93 5.28 7.98
N ASN A 65 6.29 4.02 7.95
CA ASN A 65 7.56 3.59 7.34
C ASN A 65 7.36 3.31 5.90
N LEU A 66 6.16 2.97 5.55
CA LEU A 66 5.83 2.67 4.23
C LEU A 66 5.59 3.98 3.56
N LYS A 67 6.46 4.32 2.69
CA LYS A 67 6.31 5.57 1.98
C LYS A 67 6.03 5.25 0.56
N THR A 68 6.76 4.29 0.04
CA THR A 68 6.57 3.88 -1.26
C THR A 68 5.81 2.58 -1.26
N VAL A 69 5.45 2.11 -2.42
CA VAL A 69 4.81 0.83 -2.56
C VAL A 69 5.86 -0.22 -2.42
N GLY A 70 7.10 0.21 -2.52
CA GLY A 70 8.19 -0.68 -2.32
C GLY A 70 8.26 -1.07 -0.89
N ASP A 71 8.24 -0.07 -0.05
CA ASP A 71 8.29 -0.24 1.39
C ASP A 71 7.12 -1.05 1.84
N ALA A 72 5.94 -0.61 1.40
CA ALA A 72 4.68 -1.21 1.80
C ALA A 72 4.67 -2.67 1.53
N THR A 73 4.80 -2.98 0.29
CA THR A 73 4.70 -4.32 -0.20
C THR A 73 5.70 -5.27 0.44
N LYS A 74 6.95 -4.85 0.54
CA LYS A 74 7.98 -5.64 1.13
C LYS A 74 7.59 -5.99 2.53
N TYR A 75 7.21 -4.97 3.28
CA TYR A 75 6.78 -5.11 4.65
C TYR A 75 5.65 -6.12 4.77
N ILE A 76 4.66 -5.91 3.96
CA ILE A 76 3.47 -6.73 3.92
C ILE A 76 3.83 -8.19 3.72
N LEU A 77 4.37 -8.52 2.56
CA LEU A 77 4.74 -9.86 2.14
C LEU A 77 5.62 -10.54 3.18
N ASP A 78 6.56 -9.77 3.66
CA ASP A 78 7.60 -10.23 4.57
C ASP A 78 7.03 -10.52 5.95
N HIS A 79 5.94 -9.86 6.27
CA HIS A 79 5.25 -10.09 7.52
C HIS A 79 3.98 -10.93 7.37
N GLN A 80 3.56 -11.23 6.11
CA GLN A 80 2.38 -12.08 5.90
C GLN A 80 2.76 -13.43 6.25
N ALA A 81 3.70 -13.86 5.52
CA ALA A 81 4.21 -15.17 5.67
C ALA A 81 5.72 -15.16 5.59
C1 SYO B . 0.47 6.26 5.06
S1 SYO B . 0.30 7.69 6.19
C2 SYO B . 1.79 6.19 4.30
C3 SYO B . 1.68 5.36 3.04
O3 SYO B . 1.36 5.87 1.98
C4 SYO B . 1.96 3.88 3.12
C5 SYO B . 0.91 3.04 2.45
C6 SYO B . 1.11 1.60 2.82
C7 SYO B . 0.07 0.72 2.19
C8 SYO B . 0.29 -0.68 2.67
O23 SYO B . -1.19 14.98 5.04
P24 SYO B . -0.40 13.81 5.53
O26 SYO B . -0.71 13.26 6.89
O27 SYO B . 1.10 14.18 5.48
C28 SYO B . 2.05 13.14 5.85
C29 SYO B . 3.50 13.62 5.64
C30 SYO B . 3.57 15.05 6.08
C31 SYO B . 4.46 12.78 6.49
C32 SYO B . 3.90 13.51 4.09
O33 SYO B . 4.97 14.38 3.77
C34 SYO B . 4.26 12.08 3.67
O35 SYO B . 5.33 11.87 3.07
N36 SYO B . 3.43 11.15 4.00
C37 SYO B . 3.61 9.73 3.72
C38 SYO B . 4.69 9.09 4.61
C39 SYO B . 4.32 9.00 6.08
O40 SYO B . 5.10 9.36 6.99
N41 SYO B . 3.13 8.55 6.30
C42 SYO B . 2.54 8.37 7.59
C43 SYO B . 1.47 7.33 7.49
H1 SYO B . -0.29 6.30 4.31
H1A SYO B . 0.36 5.37 5.66
H2 SYO B . 2.48 5.68 4.97
H2A SYO B . 2.14 7.17 4.01
H4 SYO B . 2.05 3.59 4.15
H4A SYO B . 2.90 3.71 2.62
H5 SYO B . 1.00 3.15 1.38
H5A SYO B . -0.07 3.37 2.77
H6 SYO B . 1.04 1.51 3.89
H6A SYO B . 2.09 1.28 2.49
H7 SYO B . 0.18 0.73 1.12
H7A SYO B . -0.91 1.05 2.47
H8 SYO B . 1.28 -1.01 2.38
H8A SYO B . -0.44 -1.33 2.22
H8B SYO B . 0.20 -0.71 3.74
H28 SYO B . 1.83 12.84 6.87
H28A SYO B . 1.87 12.29 5.22
H30 SYO B . 3.33 15.11 7.13
H30A SYO B . 2.84 15.59 5.51
H30B SYO B . 4.56 15.44 5.90
H31 SYO B . 4.21 12.88 7.53
H31A SYO B . 5.47 13.11 6.32
H31B SYO B . 4.36 11.74 6.19
H32 SYO B . 3.01 13.71 3.52
HO33 SYO B . 5.35 14.03 2.95
HN36 SYO B . 2.64 11.48 4.47
H37 SYO B . 2.67 9.20 3.88
H37A SYO B . 3.91 9.60 2.69
H38 SYO B . 4.77 8.06 4.30
H38A SYO B . 5.64 9.61 4.51
HN41 SYO B . 2.56 8.30 5.55
H42 SYO B . 3.31 8.06 8.28
H42A SYO B . 2.10 9.30 7.90
H43 SYO B . 0.97 7.24 8.45
H43A SYO B . 1.97 6.40 7.27
N ALA A 1 -2.05 -15.60 3.92
CA ALA A 1 -0.74 -15.26 3.35
C ALA A 1 -0.84 -15.28 1.85
N ALA A 2 -0.31 -14.27 1.24
CA ALA A 2 -0.33 -14.12 -0.18
C ALA A 2 1.07 -13.73 -0.65
N THR A 3 1.15 -13.09 -1.76
CA THR A 3 2.41 -12.70 -2.31
C THR A 3 2.33 -11.25 -2.79
N GLN A 4 3.46 -10.70 -3.22
CA GLN A 4 3.58 -9.34 -3.75
C GLN A 4 2.52 -9.01 -4.78
N GLU A 5 2.17 -9.98 -5.61
CA GLU A 5 1.16 -9.82 -6.65
C GLU A 5 -0.13 -9.26 -6.06
N GLU A 6 -0.64 -9.93 -5.04
CA GLU A 6 -1.85 -9.53 -4.31
C GLU A 6 -1.68 -8.12 -3.75
N ILE A 7 -0.46 -7.85 -3.31
CA ILE A 7 -0.18 -6.66 -2.58
C ILE A 7 -0.16 -5.45 -3.50
N VAL A 8 0.76 -5.38 -4.40
CA VAL A 8 0.85 -4.26 -5.32
C VAL A 8 -0.40 -4.10 -6.17
N ALA A 9 -0.88 -5.20 -6.73
CA ALA A 9 -2.05 -5.14 -7.57
C ALA A 9 -3.27 -4.68 -6.77
N GLY A 10 -3.32 -5.08 -5.51
CA GLY A 10 -4.43 -4.77 -4.69
C GLY A 10 -4.36 -3.44 -4.06
N LEU A 11 -3.17 -3.06 -3.67
CA LEU A 11 -2.92 -1.80 -3.01
C LEU A 11 -3.27 -0.70 -4.00
N ALA A 12 -2.92 -0.92 -5.26
CA ALA A 12 -3.26 0.00 -6.32
C ALA A 12 -4.75 0.23 -6.36
N GLU A 13 -5.50 -0.87 -6.27
CA GLU A 13 -6.95 -0.83 -6.31
C GLU A 13 -7.52 -0.07 -5.14
N ILE A 14 -6.88 -0.19 -4.02
CA ILE A 14 -7.28 0.56 -2.83
C ILE A 14 -7.00 2.06 -3.06
N VAL A 15 -5.84 2.38 -3.64
CA VAL A 15 -5.46 3.78 -3.87
C VAL A 15 -6.40 4.40 -4.92
N ASN A 16 -6.96 3.52 -5.75
CA ASN A 16 -7.91 3.91 -6.82
C ASN A 16 -9.15 4.47 -6.19
N GLU A 17 -9.60 3.80 -5.15
CA GLU A 17 -10.84 4.15 -4.50
C GLU A 17 -10.67 5.32 -3.55
N ILE A 18 -9.65 5.23 -2.71
CA ILE A 18 -9.38 6.26 -1.70
C ILE A 18 -9.10 7.63 -2.36
N ALA A 19 -8.17 7.66 -3.28
CA ALA A 19 -7.80 8.91 -3.89
C ALA A 19 -8.35 9.00 -5.29
N GLY A 20 -7.69 8.29 -6.18
CA GLY A 20 -8.09 8.30 -7.57
C GLY A 20 -6.91 8.03 -8.43
N ILE A 21 -6.21 7.01 -8.08
CA ILE A 21 -5.06 6.58 -8.80
C ILE A 21 -5.50 5.64 -9.87
N PRO A 22 -4.68 5.43 -10.89
CA PRO A 22 -4.94 4.43 -11.86
C PRO A 22 -4.22 3.14 -11.45
N VAL A 23 -4.86 2.02 -11.66
CA VAL A 23 -4.35 0.74 -11.19
C VAL A 23 -3.13 0.22 -12.02
N GLU A 24 -2.14 1.07 -12.09
CA GLU A 24 -0.89 0.81 -12.76
C GLU A 24 0.19 1.82 -12.33
N ASP A 25 -0.20 2.87 -11.61
CA ASP A 25 0.76 3.90 -11.16
C ASP A 25 1.44 3.45 -9.90
N VAL A 26 0.73 2.64 -9.16
CA VAL A 26 1.20 2.11 -7.90
C VAL A 26 2.18 0.98 -8.15
N LYS A 27 3.43 1.35 -8.20
CA LYS A 27 4.51 0.44 -8.42
C LYS A 27 5.42 0.53 -7.24
N LEU A 28 6.39 -0.33 -7.19
CA LEU A 28 7.37 -0.30 -6.16
C LEU A 28 8.16 0.97 -6.33
N ASP A 29 8.58 1.54 -5.21
CA ASP A 29 9.39 2.75 -5.16
C ASP A 29 8.52 4.00 -5.43
N LYS A 30 7.20 3.80 -5.46
CA LYS A 30 6.30 4.93 -5.58
C LYS A 30 5.91 5.34 -4.22
N SER A 31 6.21 6.52 -3.93
CA SER A 31 6.08 7.14 -2.60
C SER A 31 4.63 7.57 -2.27
N PHE A 32 3.65 6.78 -2.71
CA PHE A 32 2.22 7.00 -2.50
C PHE A 32 1.77 8.45 -2.61
N THR A 33 1.69 9.12 -1.50
CA THR A 33 1.19 10.48 -1.44
C THR A 33 2.30 11.51 -1.75
N ASP A 34 3.14 11.12 -2.68
CA ASP A 34 4.18 11.96 -3.20
C ASP A 34 4.35 11.63 -4.67
N ASP A 35 4.43 10.34 -4.96
CA ASP A 35 4.58 9.89 -6.35
C ASP A 35 3.24 9.70 -7.05
N LEU A 36 2.26 9.21 -6.32
CA LEU A 36 0.99 8.82 -6.93
C LEU A 36 0.01 9.98 -7.07
N ASP A 37 -0.16 10.73 -5.96
CA ASP A 37 -1.16 11.81 -5.79
C ASP A 37 -2.31 11.31 -4.96
N VAL A 38 -2.00 11.09 -3.71
CA VAL A 38 -2.97 10.61 -2.77
C VAL A 38 -3.41 11.78 -1.83
N ASP A 39 -4.35 11.52 -0.97
CA ASP A 39 -4.89 12.50 -0.02
C ASP A 39 -3.99 12.71 1.21
N SER A 40 -3.07 11.76 1.46
CA SER A 40 -2.11 11.79 2.58
C SER A 40 -2.76 11.48 3.94
N LEU A 41 -3.93 12.02 4.21
CA LEU A 41 -4.61 11.70 5.46
C LEU A 41 -5.29 10.38 5.27
N SER A 42 -6.02 10.32 4.17
CA SER A 42 -6.72 9.12 3.74
C SER A 42 -5.72 8.01 3.34
N MET A 43 -4.46 8.41 3.22
CA MET A 43 -3.36 7.55 2.86
C MET A 43 -3.21 6.45 3.89
N VAL A 44 -3.53 6.79 5.14
CA VAL A 44 -3.48 5.85 6.23
C VAL A 44 -4.51 4.72 6.01
N GLU A 45 -5.70 5.10 5.52
CA GLU A 45 -6.76 4.12 5.19
C GLU A 45 -6.26 3.11 4.20
N VAL A 46 -5.55 3.59 3.19
CA VAL A 46 -5.01 2.76 2.12
C VAL A 46 -4.04 1.70 2.68
N VAL A 47 -3.46 1.98 3.83
CA VAL A 47 -2.48 1.10 4.47
C VAL A 47 -3.22 0.00 5.16
N VAL A 48 -4.13 0.44 5.99
CA VAL A 48 -4.99 -0.45 6.75
C VAL A 48 -5.82 -1.32 5.80
N ALA A 49 -6.18 -0.77 4.66
CA ALA A 49 -6.95 -1.48 3.72
C ALA A 49 -6.07 -2.46 2.97
N ALA A 50 -4.81 -2.07 2.80
CA ALA A 50 -3.83 -2.91 2.17
C ALA A 50 -3.64 -4.16 2.98
N GLU A 51 -3.28 -3.99 4.23
CA GLU A 51 -3.00 -5.11 5.08
C GLU A 51 -4.19 -6.05 5.28
N GLU A 52 -5.38 -5.49 5.42
CA GLU A 52 -6.61 -6.27 5.53
C GLU A 52 -6.87 -7.12 4.29
N ARG A 53 -6.50 -6.60 3.15
CA ARG A 53 -6.78 -7.26 1.91
C ARG A 53 -5.74 -8.33 1.63
N PHE A 54 -4.50 -8.05 2.01
CA PHE A 54 -3.44 -8.93 1.63
C PHE A 54 -3.25 -10.06 2.60
N ASP A 55 -3.26 -9.73 3.93
CA ASP A 55 -3.09 -10.72 5.06
C ASP A 55 -2.48 -10.08 6.31
N VAL A 56 -1.60 -9.14 6.09
CA VAL A 56 -0.71 -8.64 7.13
C VAL A 56 -1.44 -7.70 8.13
N LYS A 57 -0.75 -7.33 9.18
CA LYS A 57 -1.22 -6.35 10.13
C LYS A 57 -0.14 -5.32 10.22
N ILE A 58 -0.47 -4.11 9.89
CA ILE A 58 0.49 -3.05 9.88
C ILE A 58 0.21 -2.05 11.00
N PRO A 59 1.09 -1.97 12.00
CA PRO A 59 0.95 -1.02 13.11
C PRO A 59 1.27 0.40 12.64
N ASP A 60 0.77 1.39 13.37
CA ASP A 60 0.94 2.84 13.05
C ASP A 60 2.39 3.19 12.76
N ASP A 61 3.28 2.61 13.54
CA ASP A 61 4.71 2.83 13.37
C ASP A 61 5.18 2.34 12.02
N ASP A 62 4.83 1.12 11.67
CA ASP A 62 5.27 0.55 10.40
C ASP A 62 4.54 1.18 9.22
N VAL A 63 3.30 1.61 9.46
CA VAL A 63 2.50 2.33 8.46
C VAL A 63 3.31 3.50 7.92
N LYS A 64 3.77 4.33 8.82
CA LYS A 64 4.50 5.55 8.46
C LYS A 64 5.96 5.26 8.01
N ASN A 65 6.36 4.00 8.04
CA ASN A 65 7.70 3.60 7.59
C ASN A 65 7.65 3.23 6.14
N LEU A 66 6.48 2.97 5.68
CA LEU A 66 6.25 2.63 4.35
C LEU A 66 6.10 3.93 3.65
N LYS A 67 6.95 4.19 2.75
CA LYS A 67 6.88 5.43 2.05
C LYS A 67 6.49 5.15 0.66
N THR A 68 7.14 4.17 0.09
CA THR A 68 6.84 3.80 -1.20
C THR A 68 6.06 2.53 -1.20
N VAL A 69 5.59 2.12 -2.35
CA VAL A 69 4.89 0.86 -2.48
C VAL A 69 5.91 -0.23 -2.47
N GLY A 70 7.16 0.19 -2.64
CA GLY A 70 8.24 -0.75 -2.57
C GLY A 70 8.39 -1.20 -1.15
N ASP A 71 8.35 -0.24 -0.28
CA ASP A 71 8.50 -0.47 1.14
C ASP A 71 7.33 -1.21 1.66
N ALA A 72 6.14 -0.71 1.29
CA ALA A 72 4.88 -1.28 1.73
C ALA A 72 4.81 -2.73 1.45
N THR A 73 4.90 -3.03 0.20
CA THR A 73 4.78 -4.35 -0.30
C THR A 73 5.74 -5.35 0.35
N LYS A 74 7.01 -5.00 0.36
CA LYS A 74 8.03 -5.83 0.96
C LYS A 74 7.65 -6.12 2.38
N TYR A 75 7.28 -5.07 3.10
CA TYR A 75 6.89 -5.17 4.47
C TYR A 75 5.73 -6.12 4.66
N ILE A 76 4.70 -5.87 3.88
CA ILE A 76 3.48 -6.64 3.92
C ILE A 76 3.79 -8.12 3.78
N LEU A 77 4.32 -8.51 2.64
CA LEU A 77 4.64 -9.89 2.29
C LEU A 77 5.57 -10.48 3.37
N ASP A 78 6.53 -9.68 3.80
CA ASP A 78 7.56 -10.05 4.78
C ASP A 78 6.92 -10.46 6.07
N HIS A 79 5.92 -9.72 6.42
CA HIS A 79 5.28 -9.84 7.67
C HIS A 79 4.11 -10.84 7.59
N GLN A 80 3.70 -11.24 6.37
CA GLN A 80 2.62 -12.22 6.27
C GLN A 80 3.19 -13.56 6.46
N ALA A 81 4.22 -13.75 5.73
CA ALA A 81 4.90 -15.01 5.67
C ALA A 81 6.27 -14.90 6.31
C1 SYO B . 0.72 6.37 5.71
S1 SYO B . 0.65 7.22 7.32
C2 SYO B . 2.10 5.99 5.23
C3 SYO B . 2.10 5.60 3.80
O3 SYO B . 1.88 6.44 2.91
C4 SYO B . 2.40 4.18 3.46
C5 SYO B . 1.32 3.48 2.69
C6 SYO B . 1.40 1.99 2.92
C7 SYO B . 0.31 1.23 2.20
C8 SYO B . 0.42 -0.22 2.53
O23 SYO B . 0.92 14.17 1.45
P24 SYO B . 0.99 13.95 2.91
O26 SYO B . 0.90 15.12 3.84
O27 SYO B . 2.35 13.22 3.14
C28 SYO B . 2.65 12.69 4.46
C29 SYO B . 4.13 13.02 4.79
C30 SYO B . 4.19 14.51 5.04
C31 SYO B . 4.56 12.28 6.05
C32 SYO B . 5.13 12.66 3.58
O33 SYO B . 6.43 13.14 3.84
C34 SYO B . 5.28 11.19 3.31
O35 SYO B . 6.41 10.69 3.25
N36 SYO B . 4.18 10.52 3.16
C37 SYO B . 4.05 9.06 2.90
C38 SYO B . 4.75 8.22 3.98
C39 SYO B . 4.40 8.61 5.39
O40 SYO B . 5.27 8.76 6.26
N41 SYO B . 3.13 8.80 5.60
C42 SYO B . 2.58 9.20 6.84
C43 SYO B . 1.09 8.92 6.92
H1 SYO B . 0.30 7.00 4.95
H1A SYO B . 0.16 5.47 5.83
H2 SYO B . 2.41 5.14 5.82
H2A SYO B . 2.79 6.80 5.38
H4 SYO B . 2.59 3.65 4.38
H4A SYO B . 3.31 4.23 2.88
H5 SYO B . 1.44 3.69 1.63
H5A SYO B . 0.35 3.84 3.01
H6 SYO B . 1.31 1.80 3.98
H6A SYO B . 2.36 1.64 2.57
H7 SYO B . 0.44 1.35 1.13
H7A SYO B . -0.65 1.61 2.51
H8 SYO B . -0.35 -0.77 2.02
H8A SYO B . 0.30 -0.35 3.60
H8B SYO B . 1.39 -0.60 2.23
H28 SYO B . 1.94 13.10 5.17
H28A SYO B . 2.54 11.62 4.43
H30 SYO B . 3.86 15.04 4.16
H30A SYO B . 5.21 14.80 5.28
H30B SYO B . 3.54 14.76 5.87
H31 SYO B . 5.58 12.51 6.29
H31A SYO B . 4.45 11.21 5.88
H31B SYO B . 3.92 12.57 6.87
H32 SYO B . 4.71 13.05 2.67
HO33 SYO B . 6.94 12.32 3.74
HN36 SYO B . 3.39 11.09 3.22
H37 SYO B . 3.00 8.83 2.96
H37A SYO B . 4.43 8.84 1.91
H38 SYO B . 4.43 7.20 3.83
H38A SYO B . 5.83 8.28 3.83
HN41 SYO B . 2.53 8.67 4.83
H42 SYO B . 3.10 8.76 7.67
H42A SYO B . 2.68 10.27 6.91
H43 SYO B . 0.66 9.20 5.97
H43A SYO B . 0.68 9.56 7.70
N ALA A 1 -2.28 -15.05 1.79
CA ALA A 1 -0.94 -14.49 1.90
C ALA A 1 -0.13 -15.02 0.74
N ALA A 2 -0.01 -14.21 -0.29
CA ALA A 2 0.66 -14.66 -1.48
C ALA A 2 2.01 -13.99 -1.68
N THR A 3 2.01 -12.87 -2.36
CA THR A 3 3.23 -12.18 -2.66
C THR A 3 2.91 -10.79 -3.23
N GLN A 4 3.94 -10.11 -3.69
CA GLN A 4 3.89 -8.77 -4.27
C GLN A 4 2.83 -8.61 -5.34
N GLU A 5 2.70 -9.59 -6.21
CA GLU A 5 1.72 -9.56 -7.30
C GLU A 5 0.28 -9.49 -6.81
N GLU A 6 0.07 -9.94 -5.61
CA GLU A 6 -1.22 -9.86 -4.97
C GLU A 6 -1.34 -8.52 -4.23
N ILE A 7 -0.21 -8.06 -3.69
CA ILE A 7 -0.20 -6.89 -2.86
C ILE A 7 -0.31 -5.63 -3.68
N VAL A 8 0.68 -5.36 -4.49
CA VAL A 8 0.70 -4.16 -5.35
C VAL A 8 -0.57 -4.03 -6.16
N ALA A 9 -1.01 -5.13 -6.74
CA ALA A 9 -2.21 -5.14 -7.53
C ALA A 9 -3.44 -4.71 -6.70
N GLY A 10 -3.46 -5.12 -5.43
CA GLY A 10 -4.56 -4.86 -4.58
C GLY A 10 -4.49 -3.51 -3.95
N LEU A 11 -3.29 -3.14 -3.60
CA LEU A 11 -3.02 -1.90 -2.94
C LEU A 11 -3.31 -0.76 -3.93
N ALA A 12 -3.01 -1.02 -5.19
CA ALA A 12 -3.31 -0.09 -6.26
C ALA A 12 -4.79 0.16 -6.32
N GLU A 13 -5.57 -0.91 -6.20
CA GLU A 13 -7.03 -0.85 -6.25
C GLU A 13 -7.58 -0.02 -5.11
N ILE A 14 -6.97 -0.16 -3.96
CA ILE A 14 -7.36 0.64 -2.80
C ILE A 14 -7.12 2.12 -3.11
N VAL A 15 -6.01 2.40 -3.74
CA VAL A 15 -5.57 3.74 -4.05
C VAL A 15 -6.43 4.37 -5.16
N ASN A 16 -7.04 3.52 -5.95
CA ASN A 16 -7.95 3.96 -7.01
C ASN A 16 -9.16 4.58 -6.35
N GLU A 17 -9.68 3.88 -5.37
CA GLU A 17 -10.87 4.29 -4.68
C GLU A 17 -10.62 5.45 -3.72
N ILE A 18 -9.60 5.32 -2.90
CA ILE A 18 -9.24 6.34 -1.91
C ILE A 18 -8.91 7.69 -2.57
N ALA A 19 -8.02 7.67 -3.55
CA ALA A 19 -7.57 8.90 -4.17
C ALA A 19 -8.07 9.01 -5.60
N GLY A 20 -7.69 8.06 -6.41
CA GLY A 20 -8.10 8.08 -7.79
C GLY A 20 -6.99 7.71 -8.71
N ILE A 21 -6.08 6.92 -8.23
CA ILE A 21 -4.98 6.45 -9.04
C ILE A 21 -5.51 5.46 -10.07
N PRO A 22 -4.86 5.35 -11.20
CA PRO A 22 -5.26 4.46 -12.30
C PRO A 22 -4.67 3.04 -12.25
N VAL A 23 -4.48 2.52 -11.05
CA VAL A 23 -4.07 1.13 -10.73
C VAL A 23 -2.68 0.67 -11.27
N GLU A 24 -2.08 1.43 -12.14
CA GLU A 24 -0.79 1.05 -12.69
C GLU A 24 0.30 1.99 -12.30
N ASP A 25 -0.06 3.04 -11.59
CA ASP A 25 0.92 4.01 -11.11
C ASP A 25 1.53 3.51 -9.86
N VAL A 26 0.73 2.76 -9.15
CA VAL A 26 1.15 2.14 -7.90
C VAL A 26 2.14 1.03 -8.23
N LYS A 27 3.40 1.38 -8.27
CA LYS A 27 4.45 0.46 -8.56
C LYS A 27 5.42 0.54 -7.40
N LEU A 28 6.23 -0.46 -7.22
CA LEU A 28 7.20 -0.48 -6.14
C LEU A 28 8.14 0.72 -6.26
N ASP A 29 8.44 1.28 -5.10
CA ASP A 29 9.31 2.45 -4.93
C ASP A 29 8.59 3.72 -5.33
N LYS A 30 7.28 3.62 -5.48
CA LYS A 30 6.48 4.78 -5.76
C LYS A 30 5.83 5.22 -4.53
N SER A 31 6.03 6.42 -4.25
CA SER A 31 5.54 7.07 -3.10
C SER A 31 4.09 7.45 -3.32
N PHE A 32 3.25 6.80 -2.62
CA PHE A 32 1.83 7.04 -2.64
C PHE A 32 1.47 8.57 -2.57
N THR A 33 1.79 9.21 -1.49
CA THR A 33 1.46 10.62 -1.33
C THR A 33 2.60 11.57 -1.82
N ASP A 34 3.31 11.14 -2.87
CA ASP A 34 4.35 11.97 -3.51
C ASP A 34 4.44 11.69 -4.99
N ASP A 35 4.64 10.44 -5.31
CA ASP A 35 4.76 9.96 -6.69
C ASP A 35 3.39 9.75 -7.29
N LEU A 36 2.55 9.03 -6.57
CA LEU A 36 1.23 8.64 -7.06
C LEU A 36 0.26 9.79 -7.01
N ASP A 37 0.28 10.47 -5.86
CA ASP A 37 -0.58 11.59 -5.51
C ASP A 37 -1.83 11.09 -4.87
N VAL A 38 -1.63 10.45 -3.76
CA VAL A 38 -2.70 9.98 -2.93
C VAL A 38 -2.78 10.90 -1.75
N ASP A 39 -3.97 11.18 -1.28
CA ASP A 39 -4.15 12.04 -0.11
C ASP A 39 -3.48 11.47 1.11
N SER A 40 -2.40 12.13 1.53
CA SER A 40 -1.66 11.89 2.75
C SER A 40 -2.52 11.46 3.94
N LEU A 41 -3.56 12.19 4.20
CA LEU A 41 -4.39 11.89 5.34
C LEU A 41 -5.21 10.60 5.14
N SER A 42 -5.51 10.29 3.89
CA SER A 42 -6.24 9.09 3.51
C SER A 42 -5.28 7.91 3.38
N MET A 43 -4.01 8.20 3.34
CA MET A 43 -2.98 7.21 3.16
C MET A 43 -2.98 6.22 4.25
N VAL A 44 -3.22 6.70 5.45
CA VAL A 44 -3.31 5.85 6.61
C VAL A 44 -4.38 4.75 6.38
N GLU A 45 -5.53 5.16 5.79
CA GLU A 45 -6.64 4.24 5.46
C GLU A 45 -6.13 3.13 4.56
N VAL A 46 -5.44 3.56 3.51
CA VAL A 46 -4.89 2.70 2.47
C VAL A 46 -3.97 1.61 3.05
N VAL A 47 -3.36 1.91 4.17
CA VAL A 47 -2.40 1.01 4.79
C VAL A 47 -3.16 -0.06 5.50
N VAL A 48 -4.11 0.39 6.28
CA VAL A 48 -4.99 -0.48 7.01
C VAL A 48 -5.76 -1.37 6.02
N ALA A 49 -6.14 -0.77 4.90
CA ALA A 49 -6.89 -1.43 3.90
C ALA A 49 -6.03 -2.48 3.23
N ALA A 50 -4.76 -2.13 3.03
CA ALA A 50 -3.79 -3.01 2.46
C ALA A 50 -3.61 -4.23 3.34
N GLU A 51 -3.29 -4.04 4.61
CA GLU A 51 -3.08 -5.18 5.48
C GLU A 51 -4.28 -6.06 5.65
N GLU A 52 -5.45 -5.45 5.73
CA GLU A 52 -6.69 -6.18 5.85
C GLU A 52 -7.03 -6.97 4.59
N ARG A 53 -6.52 -6.53 3.47
CA ARG A 53 -6.76 -7.24 2.24
C ARG A 53 -5.76 -8.37 2.07
N PHE A 54 -4.49 -8.04 2.20
CA PHE A 54 -3.43 -8.97 1.84
C PHE A 54 -3.23 -10.10 2.81
N ASP A 55 -3.24 -9.79 4.14
CA ASP A 55 -3.12 -10.80 5.26
C ASP A 55 -2.38 -10.21 6.44
N VAL A 56 -1.50 -9.29 6.12
CA VAL A 56 -0.50 -8.82 7.04
C VAL A 56 -1.10 -7.92 8.14
N LYS A 57 -0.28 -7.55 9.08
CA LYS A 57 -0.61 -6.59 10.06
C LYS A 57 0.38 -5.46 9.95
N ILE A 58 -0.10 -4.28 9.75
CA ILE A 58 0.76 -3.12 9.68
C ILE A 58 0.35 -2.15 10.78
N PRO A 59 1.15 -2.04 11.84
CA PRO A 59 0.89 -1.10 12.94
C PRO A 59 1.08 0.33 12.52
N ASP A 60 0.61 1.25 13.36
CA ASP A 60 0.75 2.69 13.16
C ASP A 60 2.20 3.02 12.86
N ASP A 61 3.08 2.39 13.63
CA ASP A 61 4.52 2.50 13.50
C ASP A 61 4.98 2.32 12.06
N ASP A 62 4.69 1.17 11.51
CA ASP A 62 5.14 0.81 10.17
C ASP A 62 4.38 1.55 9.09
N VAL A 63 3.13 1.95 9.38
CA VAL A 63 2.33 2.78 8.46
C VAL A 63 3.13 4.02 8.08
N LYS A 64 3.78 4.58 9.07
CA LYS A 64 4.57 5.80 8.94
C LYS A 64 5.96 5.53 8.34
N ASN A 65 6.31 4.27 8.16
CA ASN A 65 7.60 3.89 7.59
C ASN A 65 7.43 3.68 6.13
N LEU A 66 6.29 3.13 5.78
CA LEU A 66 5.97 2.86 4.44
C LEU A 66 5.66 4.19 3.81
N LYS A 67 6.33 4.49 2.77
CA LYS A 67 6.03 5.70 2.06
C LYS A 67 5.87 5.43 0.57
N THR A 68 6.45 4.36 0.10
CA THR A 68 6.27 3.92 -1.24
C THR A 68 5.62 2.59 -1.19
N VAL A 69 5.21 2.08 -2.32
CA VAL A 69 4.64 0.77 -2.36
C VAL A 69 5.72 -0.25 -2.31
N GLY A 70 6.95 0.23 -2.52
CA GLY A 70 8.08 -0.66 -2.39
C GLY A 70 8.24 -1.08 -0.96
N ASP A 71 8.17 -0.09 -0.08
CA ASP A 71 8.25 -0.31 1.38
C ASP A 71 7.11 -1.19 1.78
N ALA A 72 5.90 -0.72 1.43
CA ALA A 72 4.65 -1.35 1.81
C ALA A 72 4.65 -2.79 1.47
N THR A 73 4.78 -3.06 0.22
CA THR A 73 4.69 -4.38 -0.29
C THR A 73 5.71 -5.35 0.32
N LYS A 74 6.95 -4.92 0.41
CA LYS A 74 8.00 -5.70 1.01
C LYS A 74 7.62 -6.07 2.41
N TYR A 75 7.11 -5.08 3.13
CA TYR A 75 6.72 -5.21 4.50
C TYR A 75 5.55 -6.16 4.66
N ILE A 76 4.56 -5.96 3.83
CA ILE A 76 3.35 -6.73 3.82
C ILE A 76 3.67 -8.20 3.66
N LEU A 77 4.22 -8.57 2.53
CA LEU A 77 4.59 -9.94 2.20
C LEU A 77 5.45 -10.53 3.33
N ASP A 78 6.37 -9.70 3.82
CA ASP A 78 7.37 -10.05 4.84
C ASP A 78 6.68 -10.55 6.08
N HIS A 79 5.61 -9.87 6.41
CA HIS A 79 4.89 -10.15 7.60
C HIS A 79 3.61 -10.95 7.39
N GLN A 80 3.32 -11.38 6.15
CA GLN A 80 2.15 -12.24 5.97
C GLN A 80 2.58 -13.63 6.19
N ALA A 81 3.49 -13.99 5.36
CA ALA A 81 4.02 -15.31 5.24
C ALA A 81 4.75 -15.76 6.50
C1 SYO B . 0.65 6.48 4.91
S1 SYO B . 0.41 7.89 6.04
C2 SYO B . 2.00 6.42 4.23
C3 SYO B . 1.96 5.58 2.97
O3 SYO B . 1.70 6.09 1.88
C4 SYO B . 2.21 4.11 3.08
C5 SYO B . 1.11 3.28 2.49
C6 SYO B . 1.29 1.83 2.83
C7 SYO B . 0.20 0.97 2.27
C8 SYO B . 0.39 -0.43 2.74
O23 SYO B . 0.21 15.48 4.00
P24 SYO B . 0.06 14.43 5.06
O26 SYO B . -0.83 14.71 6.20
O27 SYO B . 1.48 14.14 5.63
C28 SYO B . 2.45 13.64 4.67
C29 SYO B . 3.89 13.91 5.13
C30 SYO B . 4.00 15.40 5.37
C31 SYO B . 4.18 13.15 6.45
C32 SYO B . 4.93 13.47 4.00
O33 SYO B . 6.13 14.20 4.08
C34 SYO B . 5.27 12.00 3.96
O35 SYO B . 6.47 11.67 3.91
N36 SYO B . 4.28 11.16 3.97
C37 SYO B . 4.41 9.68 3.92
C38 SYO B . 5.26 9.08 5.06
C39 SYO B . 4.60 9.06 6.43
O40 SYO B . 5.22 9.40 7.44
N41 SYO B . 3.36 8.65 6.43
C42 SYO B . 2.55 8.54 7.60
C43 SYO B . 1.50 7.50 7.41
H1 SYO B . -0.07 6.52 4.12
H1A SYO B . 0.51 5.57 5.50
H2 SYO B . 2.65 5.94 4.93
H2A SYO B . 2.33 7.42 3.96
H4 SYO B . 2.32 3.85 4.12
H4A SYO B . 3.13 3.88 2.55
H5 SYO B . 1.12 3.39 1.41
H5A SYO B . 0.16 3.62 2.87
H6 SYO B . 1.30 1.73 3.91
H6A SYO B . 2.24 1.49 2.44
H7 SYO B . 0.26 0.99 1.18
H7A SYO B . -0.76 1.34 2.60
H8 SYO B . 1.35 -0.80 2.40
H8A SYO B . -0.39 -1.06 2.32
H8B SYO B . 0.35 -0.47 3.81
H28 SYO B . 2.23 12.58 4.56
H28A SYO B . 2.27 14.13 3.73
H30 SYO B . 5.00 15.64 5.68
H30A SYO B . 3.28 15.69 6.13
H30B SYO B . 3.77 15.91 4.45
H31 SYO B . 4.05 12.10 6.28
H31A SYO B . 3.49 13.48 7.21
H31B SYO B . 5.19 13.36 6.75
H32 SYO B . 4.44 13.61 3.06
HO33 SYO B . 6.78 13.48 4.09
HN36 SYO B . 3.41 11.58 3.98
H37 SYO B . 3.43 9.22 3.93
H37A SYO B . 4.88 9.42 2.98
H38 SYO B . 5.34 8.03 4.82
H38A SYO B . 6.22 9.55 5.12
HN41 SYO B . 2.93 8.38 5.59
H42 SYO B . 3.19 8.27 8.42
H42A SYO B . 2.09 9.50 7.78
H43 SYO B . 0.90 7.43 8.31
H43A SYO B . 1.98 6.55 7.21
#